data_4XMK
#
_entry.id   4XMK
#
_cell.length_a   94.952
_cell.length_b   122.254
_cell.length_c   140.811
_cell.angle_alpha   90.00
_cell.angle_beta   90.00
_cell.angle_gamma   90.00
#
_symmetry.space_group_name_H-M   'P 2 21 21'
#
loop_
_entity.id
_entity.type
_entity.pdbx_description
1 polymer 'Light chain of HIV-1 gp120 V3-specific human monoclonal antibody 2424'
2 polymer 'Heavy chain of HIV-1 gp120 V3-specific human monoclonal antibody 2424'
3 polymer 'HIV-1 JR-FL gp120 V3 peptide'
#
loop_
_entity_poly.entity_id
_entity_poly.type
_entity_poly.pdbx_seq_one_letter_code
_entity_poly.pdbx_strand_id
1 'polypeptide(L)'
;DIVMNQSPPSLAVTPGEPASISCRASQSLLYSDGHNYLDWYLQKPGQAPQLLIYLGSTRASGVPDRFSGSGSGTDFTLKI
SRVEAEDVGVYYCMQPLQSYTFGQGTKLEIKRTVAAPSVFIFPPSDEQLKSGTASVVCLLNNFYPREAKVQWKVDNALQS
GNSQESVTEQDSKDSTYSLSSTLTLSKADYEKHKVYACEVTHQGLSSPVTKSFNR
;
L,M,N
2 'polypeptide(L)'
;EVQLVGSGGGLIQPGGSLRLSCAASDFSVSEYYMTWVRQAPGKGLEWVAVLYKDGSQFYAPSVKGRFIVSRDNSKNSLYL
QMNNLRGEDTAVYFCARENADYGSDYYFGMDVWGQGTAVAVSSASTKGPSVFPLAPSSKSTSGGTAALGCLVKDYFPEPV
TVSWNSGALTSSVHTFPAVLQSSGLYSLSSVVTVPSSSLGTQTYICNVNHKPSNTKVDKKAEP
;
H,I,J
3 'polypeptide(L)' IHIGPGRAFYT P,Q,R
#
# COMPACT_ATOMS: atom_id res chain seq x y z
N ASP A 1 -28.46 -19.67 -20.03
CA ASP A 1 -29.09 -19.86 -18.73
C ASP A 1 -29.08 -21.33 -18.35
N ILE A 2 -27.90 -21.94 -18.44
CA ILE A 2 -27.69 -23.38 -18.23
C ILE A 2 -28.33 -23.95 -16.97
N VAL A 3 -29.13 -25.01 -17.13
CA VAL A 3 -29.78 -25.63 -16.00
C VAL A 3 -29.34 -27.06 -15.88
N MET A 4 -29.00 -27.47 -14.65
CA MET A 4 -28.59 -28.85 -14.38
C MET A 4 -29.71 -29.65 -13.70
N ASN A 5 -29.86 -30.90 -14.10
CA ASN A 5 -30.90 -31.76 -13.52
C ASN A 5 -30.28 -33.04 -12.99
N GLN A 6 -30.32 -33.20 -11.68
CA GLN A 6 -29.70 -34.34 -11.03
C GLN A 6 -30.68 -35.51 -10.79
N SER A 7 -30.18 -36.72 -11.00
CA SER A 7 -30.98 -37.92 -10.79
C SER A 7 -30.18 -39.01 -10.11
N PRO A 8 -30.75 -39.66 -9.11
CA PRO A 8 -32.04 -39.33 -8.48
C PRO A 8 -31.88 -38.34 -7.32
N PRO A 9 -32.98 -37.87 -6.73
CA PRO A 9 -32.83 -37.07 -5.49
C PRO A 9 -32.18 -37.86 -4.36
N SER A 10 -32.52 -39.13 -4.25
CA SER A 10 -32.00 -39.95 -3.18
C SER A 10 -31.74 -41.35 -3.66
N LEU A 11 -30.74 -42.01 -3.09
CA LEU A 11 -30.59 -43.44 -3.31
C LEU A 11 -29.85 -44.12 -2.15
N ALA A 12 -30.34 -45.28 -1.77
CA ALA A 12 -29.74 -46.06 -0.69
C ALA A 12 -28.82 -47.12 -1.27
N VAL A 13 -27.67 -47.32 -0.63
CA VAL A 13 -26.70 -48.28 -1.14
C VAL A 13 -26.09 -49.04 0.02
N THR A 14 -25.85 -50.33 -0.17
CA THR A 14 -25.10 -51.11 0.81
C THR A 14 -23.62 -50.93 0.57
N PRO A 15 -22.82 -50.76 1.64
CA PRO A 15 -21.36 -50.62 1.49
C PRO A 15 -20.78 -51.80 0.72
N GLY A 16 -20.01 -51.53 -0.33
CA GLY A 16 -19.57 -52.58 -1.22
C GLY A 16 -20.27 -52.51 -2.57
N GLU A 17 -21.58 -52.27 -2.55
CA GLU A 17 -22.36 -52.07 -3.79
C GLU A 17 -21.87 -50.81 -4.52
N PRO A 18 -22.06 -50.76 -5.85
CA PRO A 18 -21.75 -49.51 -6.56
C PRO A 18 -22.91 -48.56 -6.53
N ALA A 19 -22.62 -47.27 -6.67
CA ALA A 19 -23.65 -46.26 -6.84
C ALA A 19 -23.31 -45.40 -8.05
N SER A 20 -24.30 -44.66 -8.52
CA SER A 20 -24.18 -43.97 -9.78
C SER A 20 -25.20 -42.84 -9.87
N ILE A 21 -24.68 -41.61 -9.83
CA ILE A 21 -25.52 -40.42 -9.86
C ILE A 21 -25.41 -39.69 -11.19
N SER A 22 -26.52 -39.15 -11.67
CA SER A 22 -26.56 -38.58 -13.01
C SER A 22 -26.85 -37.09 -13.01
N CYS A 23 -26.11 -36.38 -13.86
CA CYS A 23 -26.29 -34.96 -14.08
C CYS A 23 -26.52 -34.69 -15.54
N ARG A 24 -27.51 -33.85 -15.82
CA ARG A 24 -27.94 -33.60 -17.18
C ARG A 24 -28.09 -32.09 -17.42
N ALA A 25 -27.31 -31.57 -18.36
CA ALA A 25 -27.27 -30.14 -18.58
C ALA A 25 -28.23 -29.65 -19.65
N SER A 26 -28.61 -28.38 -19.56
CA SER A 26 -29.46 -27.72 -20.55
C SER A 26 -28.75 -27.56 -21.90
N GLN A 27 -27.44 -27.39 -21.85
CA GLN A 27 -26.63 -27.20 -23.04
C GLN A 27 -25.39 -28.06 -22.91
N SER A 28 -24.51 -28.01 -23.90
CA SER A 28 -23.32 -28.82 -23.85
C SER A 28 -22.27 -28.13 -23.03
N LEU A 29 -21.81 -28.82 -21.98
CA LEU A 29 -20.69 -28.35 -21.16
C LEU A 29 -19.37 -28.76 -21.82
N LEU A 30 -19.43 -28.97 -23.13
CA LEU A 30 -18.23 -29.17 -23.93
C LEU A 30 -17.87 -27.81 -24.46
N TYR A 31 -16.63 -27.40 -24.23
CA TYR A 31 -16.19 -26.10 -24.70
C TYR A 31 -15.26 -26.31 -25.89
N SER A 32 -15.19 -25.30 -26.74
CA SER A 32 -14.37 -25.31 -27.94
C SER A 32 -12.89 -25.61 -27.66
N ASP A 33 -12.49 -25.51 -26.40
CA ASP A 33 -11.11 -25.80 -26.02
C ASP A 33 -10.82 -27.29 -25.92
N GLY A 34 -11.82 -28.11 -26.19
CA GLY A 34 -11.67 -29.56 -26.19
C GLY A 34 -11.70 -30.16 -24.80
N HIS A 35 -12.61 -29.64 -23.97
CA HIS A 35 -12.74 -30.05 -22.58
C HIS A 35 -14.19 -30.03 -22.10
N ASN A 36 -14.47 -30.83 -21.09
CA ASN A 36 -15.80 -30.90 -20.50
C ASN A 36 -15.81 -30.18 -19.15
N TYR A 37 -16.58 -29.10 -19.04
CA TYR A 37 -16.56 -28.25 -17.84
C TYR A 37 -17.73 -28.55 -16.92
N LEU A 38 -17.57 -29.59 -16.11
CA LEU A 38 -18.56 -29.99 -15.12
C LEU A 38 -17.86 -30.60 -13.92
N ASP A 39 -18.30 -30.21 -12.73
CA ASP A 39 -17.69 -30.70 -11.50
C ASP A 39 -18.63 -31.55 -10.64
N TRP A 40 -18.03 -32.30 -9.71
CA TRP A 40 -18.78 -33.09 -8.73
C TRP A 40 -18.29 -32.79 -7.32
N TYR A 41 -19.20 -32.44 -6.43
CA TYR A 41 -18.85 -32.07 -5.06
C TYR A 41 -19.59 -32.91 -4.02
N LEU A 42 -18.89 -33.28 -2.94
CA LEU A 42 -19.53 -33.93 -1.80
C LEU A 42 -19.74 -32.94 -0.67
N GLN A 43 -20.96 -32.86 -0.16
CA GLN A 43 -21.21 -32.05 1.02
C GLN A 43 -21.65 -32.91 2.21
N LYS A 44 -20.66 -33.42 2.95
CA LYS A 44 -20.94 -34.24 4.14
C LYS A 44 -21.72 -33.36 5.11
N PRO A 45 -22.68 -33.94 5.84
CA PRO A 45 -23.58 -33.19 6.75
C PRO A 45 -22.86 -32.17 7.64
N GLY A 46 -23.32 -30.91 7.56
CA GLY A 46 -22.74 -29.81 8.29
C GLY A 46 -21.30 -29.49 7.95
N GLN A 47 -20.93 -29.64 6.68
CA GLN A 47 -19.59 -29.26 6.25
C GLN A 47 -19.65 -28.42 4.97
N ALA A 48 -18.51 -27.85 4.60
CA ALA A 48 -18.42 -27.19 3.32
C ALA A 48 -18.30 -28.26 2.26
N PRO A 49 -18.80 -27.96 1.07
CA PRO A 49 -18.64 -28.86 -0.07
C PRO A 49 -17.18 -29.21 -0.27
N GLN A 50 -16.86 -30.45 -0.61
CA GLN A 50 -15.48 -30.77 -0.94
C GLN A 50 -15.45 -31.28 -2.37
N LEU A 51 -14.43 -30.88 -3.12
CA LEU A 51 -14.36 -31.22 -4.53
C LEU A 51 -14.07 -32.69 -4.70
N LEU A 52 -14.75 -33.31 -5.65
CA LEU A 52 -14.47 -34.69 -5.97
C LEU A 52 -13.84 -34.75 -7.34
N ILE A 53 -14.55 -34.23 -8.35
CA ILE A 53 -14.11 -34.33 -9.72
C ILE A 53 -14.31 -33.02 -10.48
N TYR A 54 -13.25 -32.56 -11.13
CA TYR A 54 -13.32 -31.40 -12.04
C TYR A 54 -13.07 -31.80 -13.50
N LEU A 55 -13.47 -30.92 -14.43
CA LEU A 55 -13.34 -31.19 -15.85
C LEU A 55 -13.99 -32.50 -16.24
N GLY A 56 -15.23 -32.69 -15.74
CA GLY A 56 -16.07 -33.82 -16.08
C GLY A 56 -15.61 -35.22 -15.68
N SER A 57 -14.29 -35.41 -15.62
CA SER A 57 -13.76 -36.75 -15.55
C SER A 57 -12.46 -36.89 -14.79
N THR A 58 -11.95 -35.78 -14.25
CA THR A 58 -10.66 -35.81 -13.56
C THR A 58 -10.78 -35.71 -12.03
N ARG A 59 -10.32 -36.75 -11.32
CA ARG A 59 -10.50 -36.79 -9.88
C ARG A 59 -9.46 -35.91 -9.24
N ALA A 60 -9.87 -35.18 -8.19
CA ALA A 60 -9.02 -34.20 -7.51
C ALA A 60 -7.98 -34.86 -6.62
N SER A 61 -7.04 -34.03 -6.14
CA SER A 61 -5.96 -34.51 -5.31
C SER A 61 -6.53 -34.92 -3.97
N GLY A 62 -6.42 -36.22 -3.67
CA GLY A 62 -6.87 -36.74 -2.40
C GLY A 62 -8.07 -37.64 -2.51
N VAL A 63 -8.93 -37.36 -3.49
CA VAL A 63 -10.09 -38.19 -3.76
C VAL A 63 -9.68 -39.64 -4.01
N PRO A 64 -10.39 -40.60 -3.38
CA PRO A 64 -10.11 -42.03 -3.53
C PRO A 64 -10.35 -42.52 -4.95
N ASP A 65 -9.59 -43.54 -5.35
CA ASP A 65 -9.77 -44.27 -6.61
C ASP A 65 -11.25 -44.52 -6.97
N ARG A 66 -12.03 -44.91 -5.96
CA ARG A 66 -13.41 -45.37 -6.10
C ARG A 66 -14.34 -44.37 -6.78
N PHE A 67 -13.91 -43.11 -6.81
CA PHE A 67 -14.69 -42.08 -7.46
C PHE A 67 -14.22 -41.85 -8.88
N SER A 68 -15.16 -41.86 -9.80
CA SER A 68 -14.84 -41.67 -11.20
C SER A 68 -15.98 -40.92 -11.86
N GLY A 69 -15.63 -39.98 -12.73
CA GLY A 69 -16.63 -39.17 -13.40
C GLY A 69 -16.53 -39.45 -14.87
N SER A 70 -17.68 -39.65 -15.52
CA SER A 70 -17.70 -39.86 -16.95
C SER A 70 -18.79 -39.00 -17.59
N GLY A 71 -18.86 -39.06 -18.91
CA GLY A 71 -19.85 -38.30 -19.62
C GLY A 71 -19.17 -37.34 -20.56
N SER A 72 -20.00 -36.73 -21.41
CA SER A 72 -19.57 -35.68 -22.33
C SER A 72 -20.81 -34.96 -22.87
N GLY A 73 -20.61 -33.84 -23.55
CA GLY A 73 -21.73 -33.14 -24.13
C GLY A 73 -22.66 -32.63 -23.05
N THR A 74 -23.85 -33.22 -22.92
CA THR A 74 -24.83 -32.75 -21.94
C THR A 74 -25.27 -33.80 -20.90
N ASP A 75 -24.82 -35.04 -21.02
CA ASP A 75 -25.19 -36.07 -20.05
C ASP A 75 -23.95 -36.56 -19.31
N PHE A 76 -24.06 -36.59 -17.97
CA PHE A 76 -22.92 -36.93 -17.11
C PHE A 76 -23.25 -37.86 -15.94
N THR A 77 -22.22 -38.58 -15.51
CA THR A 77 -22.40 -39.58 -14.46
C THR A 77 -21.21 -39.70 -13.51
N LEU A 78 -21.48 -39.41 -12.24
CA LEU A 78 -20.57 -39.70 -11.16
C LEU A 78 -20.79 -41.12 -10.70
N LYS A 79 -19.71 -41.88 -10.52
CA LYS A 79 -19.84 -43.25 -10.11
C LYS A 79 -18.91 -43.61 -8.97
N ILE A 80 -19.48 -44.18 -7.92
CA ILE A 80 -18.69 -44.78 -6.86
C ILE A 80 -18.70 -46.28 -7.06
N SER A 81 -17.52 -46.86 -7.30
CA SER A 81 -17.42 -48.28 -7.57
C SER A 81 -17.84 -49.11 -6.35
N ARG A 82 -17.28 -48.77 -5.19
CA ARG A 82 -17.62 -49.44 -3.94
C ARG A 82 -17.83 -48.41 -2.84
N VAL A 83 -19.11 -48.20 -2.51
CA VAL A 83 -19.52 -47.27 -1.47
C VAL A 83 -18.97 -47.65 -0.09
N GLU A 84 -18.57 -46.65 0.70
CA GLU A 84 -18.22 -46.88 2.11
C GLU A 84 -19.19 -46.13 2.99
N ALA A 85 -19.22 -46.49 4.27
CA ALA A 85 -20.15 -45.88 5.20
C ALA A 85 -20.02 -44.35 5.23
N GLU A 86 -18.84 -43.86 4.84
CA GLU A 86 -18.49 -42.46 5.00
C GLU A 86 -18.74 -41.67 3.75
N ASP A 87 -19.20 -42.34 2.70
CA ASP A 87 -19.56 -41.65 1.47
C ASP A 87 -20.94 -41.02 1.59
N VAL A 88 -21.53 -41.17 2.76
CA VAL A 88 -22.85 -40.63 3.04
C VAL A 88 -22.80 -39.11 3.09
N GLY A 89 -23.79 -38.48 2.47
CA GLY A 89 -23.88 -37.03 2.38
C GLY A 89 -24.71 -36.64 1.17
N VAL A 90 -24.51 -35.43 0.67
CA VAL A 90 -25.21 -34.98 -0.53
C VAL A 90 -24.23 -34.64 -1.64
N TYR A 91 -24.46 -35.21 -2.81
CA TYR A 91 -23.60 -34.97 -3.96
C TYR A 91 -24.23 -33.94 -4.90
N TYR A 92 -23.48 -32.89 -5.19
CA TYR A 92 -23.91 -31.87 -6.15
C TYR A 92 -22.99 -31.85 -7.37
N CYS A 93 -23.57 -31.54 -8.52
CA CYS A 93 -22.78 -31.30 -9.72
C CYS A 93 -22.88 -29.82 -10.08
N MET A 94 -21.76 -29.23 -10.51
CA MET A 94 -21.73 -27.82 -10.87
C MET A 94 -21.04 -27.63 -12.21
N GLN A 95 -21.58 -26.70 -13.00
CA GLN A 95 -20.91 -26.27 -14.21
C GLN A 95 -20.40 -24.82 -14.04
N PRO A 96 -19.14 -24.60 -14.42
CA PRO A 96 -18.55 -23.26 -14.38
C PRO A 96 -18.42 -22.67 -15.76
N LEU A 97 -19.43 -22.85 -16.62
CA LEU A 97 -19.31 -22.39 -18.00
C LEU A 97 -20.13 -21.11 -18.23
N GLN A 98 -21.43 -21.19 -17.99
CA GLN A 98 -22.30 -20.02 -18.08
C GLN A 98 -22.86 -19.71 -16.70
N SER A 99 -22.33 -18.63 -16.11
CA SER A 99 -22.46 -18.36 -14.68
C SER A 99 -21.92 -19.57 -13.88
N TYR A 100 -22.46 -19.81 -12.69
CA TYR A 100 -22.11 -21.00 -11.95
C TYR A 100 -23.37 -21.65 -11.42
N THR A 101 -23.77 -22.80 -11.96
CA THR A 101 -25.03 -23.43 -11.52
C THR A 101 -24.83 -24.85 -11.03
N PHE A 102 -25.65 -25.22 -10.03
CA PHE A 102 -25.55 -26.50 -9.34
C PHE A 102 -26.77 -27.40 -9.63
N GLY A 103 -26.57 -28.71 -9.57
CA GLY A 103 -27.68 -29.63 -9.60
C GLY A 103 -28.50 -29.48 -8.33
N GLN A 104 -29.69 -30.08 -8.31
CA GLN A 104 -30.58 -30.05 -7.14
C GLN A 104 -29.97 -30.80 -5.94
N GLY A 105 -29.00 -31.67 -6.22
CA GLY A 105 -28.30 -32.46 -5.20
C GLY A 105 -28.81 -33.89 -5.13
N THR A 106 -28.01 -34.78 -4.57
CA THR A 106 -28.40 -36.18 -4.44
C THR A 106 -27.99 -36.79 -3.11
N LYS A 107 -28.97 -37.13 -2.29
CA LYS A 107 -28.73 -37.69 -0.96
C LYS A 107 -28.37 -39.16 -1.03
N LEU A 108 -27.15 -39.50 -0.65
CA LEU A 108 -26.70 -40.88 -0.62
C LEU A 108 -26.87 -41.42 0.79
N GLU A 109 -27.53 -42.57 0.91
CA GLU A 109 -27.77 -43.18 2.22
C GLU A 109 -27.13 -44.53 2.27
N ILE A 110 -26.71 -44.94 3.46
CA ILE A 110 -26.12 -46.27 3.61
C ILE A 110 -27.19 -47.25 4.06
N LYS A 111 -27.09 -48.47 3.56
CA LYS A 111 -27.91 -49.55 4.07
C LYS A 111 -27.10 -50.37 5.06
N ARG A 112 -27.72 -50.77 6.16
CA ARG A 112 -27.07 -51.68 7.08
C ARG A 112 -28.11 -52.53 7.78
N THR A 113 -27.65 -53.48 8.58
CA THR A 113 -28.55 -54.36 9.31
C THR A 113 -29.39 -53.55 10.30
N VAL A 114 -30.46 -54.15 10.80
CA VAL A 114 -31.23 -53.55 11.89
C VAL A 114 -30.38 -53.32 13.11
N ALA A 115 -30.56 -52.14 13.71
CA ALA A 115 -29.89 -51.82 14.95
C ALA A 115 -30.90 -51.29 15.94
N ALA A 116 -30.95 -51.90 17.12
CA ALA A 116 -31.97 -51.50 18.09
C ALA A 116 -31.43 -50.34 18.90
N PRO A 117 -32.30 -49.38 19.24
CA PRO A 117 -31.86 -48.21 20.00
C PRO A 117 -31.63 -48.55 21.45
N SER A 118 -30.58 -48.02 22.06
CA SER A 118 -30.49 -48.02 23.53
C SER A 118 -31.18 -46.75 24.03
N VAL A 119 -31.95 -46.84 25.11
CA VAL A 119 -32.88 -45.78 25.45
C VAL A 119 -32.59 -45.15 26.81
N PHE A 120 -32.64 -43.82 26.85
CA PHE A 120 -32.36 -43.04 28.05
C PHE A 120 -33.43 -42.00 28.34
N ILE A 121 -33.75 -41.77 29.60
CA ILE A 121 -34.76 -40.80 29.94
C ILE A 121 -34.18 -39.85 30.96
N PHE A 122 -34.43 -38.56 30.74
CA PHE A 122 -33.86 -37.47 31.56
C PHE A 122 -34.91 -36.61 32.23
N PRO A 123 -34.99 -36.68 33.56
CA PRO A 123 -35.89 -35.77 34.28
C PRO A 123 -35.37 -34.34 34.24
N PRO A 124 -36.28 -33.35 34.29
CA PRO A 124 -35.95 -31.92 34.19
C PRO A 124 -35.00 -31.48 35.28
N SER A 125 -34.07 -30.61 34.90
CA SER A 125 -33.12 -30.08 35.87
C SER A 125 -33.77 -29.13 36.86
N ASP A 126 -33.42 -29.32 38.13
CA ASP A 126 -33.74 -28.38 39.21
C ASP A 126 -33.47 -26.94 38.79
N GLU A 127 -32.39 -26.76 38.04
CA GLU A 127 -32.02 -25.46 37.51
C GLU A 127 -33.12 -24.87 36.61
N GLN A 128 -33.74 -25.72 35.80
CA GLN A 128 -34.78 -25.27 34.88
C GLN A 128 -36.13 -25.09 35.55
N LEU A 129 -36.46 -25.97 36.50
CA LEU A 129 -37.72 -25.83 37.26
C LEU A 129 -37.80 -24.47 37.96
N LYS A 130 -36.67 -24.02 38.54
CA LYS A 130 -36.53 -22.67 39.07
C LYS A 130 -36.59 -21.63 37.96
N SER A 131 -37.65 -21.68 37.15
CA SER A 131 -37.81 -20.83 35.98
C SER A 131 -39.15 -21.17 35.35
N GLY A 132 -39.87 -22.09 36.00
CA GLY A 132 -41.27 -22.29 35.70
C GLY A 132 -41.57 -23.18 34.52
N THR A 133 -40.54 -23.82 33.99
CA THR A 133 -40.71 -24.72 32.87
C THR A 133 -40.09 -26.10 33.18
N ALA A 134 -40.58 -27.15 32.52
CA ALA A 134 -40.08 -28.50 32.75
C ALA A 134 -39.96 -29.30 31.45
N SER A 135 -38.73 -29.67 31.09
CA SER A 135 -38.48 -30.42 29.88
C SER A 135 -38.04 -31.84 30.20
N VAL A 136 -38.88 -32.82 29.86
CA VAL A 136 -38.51 -34.22 30.00
C VAL A 136 -37.99 -34.73 28.68
N VAL A 137 -36.73 -35.14 28.69
CA VAL A 137 -36.00 -35.46 27.47
C VAL A 137 -35.73 -36.94 27.35
N CYS A 138 -35.92 -37.47 26.14
CA CYS A 138 -35.75 -38.89 25.91
C CYS A 138 -34.80 -39.20 24.78
N LEU A 139 -33.77 -40.01 25.04
CA LEU A 139 -32.78 -40.34 24.03
C LEU A 139 -32.92 -41.74 23.42
N LEU A 140 -32.92 -41.82 22.10
CA LEU A 140 -32.79 -43.08 21.38
C LEU A 140 -31.44 -43.09 20.66
N ASN A 141 -30.51 -43.90 21.15
CA ASN A 141 -29.14 -43.82 20.70
C ASN A 141 -28.75 -44.97 19.78
N ASN A 142 -28.23 -44.61 18.60
CA ASN A 142 -27.65 -45.58 17.66
C ASN A 142 -28.57 -46.72 17.24
N PHE A 143 -29.55 -46.39 16.40
CA PHE A 143 -30.46 -47.38 15.85
C PHE A 143 -30.54 -47.27 14.33
N TYR A 144 -31.09 -48.31 13.71
CA TYR A 144 -31.36 -48.37 12.27
C TYR A 144 -32.51 -49.35 12.09
N PRO A 145 -33.46 -49.06 11.19
CA PRO A 145 -33.55 -47.91 10.30
C PRO A 145 -34.06 -46.68 11.01
N ARG A 146 -34.40 -45.67 10.24
CA ARG A 146 -34.56 -44.32 10.76
C ARG A 146 -35.89 -44.13 11.46
N GLU A 147 -36.88 -44.90 11.08
CA GLU A 147 -38.23 -44.67 11.59
C GLU A 147 -38.39 -45.30 12.95
N ALA A 148 -39.03 -44.55 13.84
CA ALA A 148 -39.23 -45.01 15.20
C ALA A 148 -40.37 -44.25 15.84
N LYS A 149 -41.16 -44.95 16.63
CA LYS A 149 -42.28 -44.37 17.35
C LYS A 149 -41.87 -44.03 18.79
N VAL A 150 -42.05 -42.78 19.20
CA VAL A 150 -41.76 -42.42 20.58
C VAL A 150 -43.00 -41.89 21.29
N GLN A 151 -43.49 -42.63 22.27
CA GLN A 151 -44.75 -42.26 22.89
C GLN A 151 -44.56 -41.91 24.35
N TRP A 152 -44.91 -40.68 24.72
CA TRP A 152 -44.79 -40.23 26.11
C TRP A 152 -46.02 -40.59 26.92
N LYS A 153 -45.82 -41.16 28.10
CA LYS A 153 -46.94 -41.44 28.99
C LYS A 153 -46.70 -40.92 30.39
N VAL A 154 -47.55 -40.00 30.85
CA VAL A 154 -47.44 -39.45 32.19
C VAL A 154 -48.49 -40.05 33.09
N ASP A 155 -48.05 -40.58 34.22
CA ASP A 155 -48.93 -41.29 35.15
C ASP A 155 -49.72 -42.34 34.37
N ASN A 156 -49.00 -43.06 33.53
CA ASN A 156 -49.53 -43.93 32.49
C ASN A 156 -50.84 -43.40 31.89
N ALA A 157 -50.64 -42.52 30.91
CA ALA A 157 -51.70 -41.80 30.22
C ALA A 157 -50.99 -40.96 29.17
N LEU A 158 -51.02 -41.37 27.91
CA LEU A 158 -50.11 -40.78 26.94
C LEU A 158 -50.50 -39.40 26.48
N GLN A 159 -49.55 -38.64 25.94
CA GLN A 159 -49.79 -37.26 25.56
C GLN A 159 -50.04 -37.10 24.07
N SER A 160 -50.28 -35.87 23.64
CA SER A 160 -50.39 -35.58 22.23
C SER A 160 -50.11 -34.11 21.98
N GLY A 161 -49.39 -33.81 20.88
CA GLY A 161 -49.01 -32.45 20.48
C GLY A 161 -48.20 -31.78 21.56
N ASN A 162 -47.52 -32.62 22.31
CA ASN A 162 -46.98 -32.25 23.59
C ASN A 162 -45.46 -32.34 23.56
N SER A 163 -44.98 -33.28 22.76
CA SER A 163 -43.57 -33.51 22.59
C SER A 163 -43.16 -33.07 21.21
N GLN A 164 -41.85 -33.06 20.95
CA GLN A 164 -41.35 -33.01 19.58
C GLN A 164 -39.95 -33.61 19.48
N GLU A 165 -39.69 -34.24 18.33
CA GLU A 165 -38.50 -35.03 18.09
C GLU A 165 -37.47 -34.29 17.23
N SER A 166 -36.25 -34.83 17.20
CA SER A 166 -35.24 -34.39 16.29
C SER A 166 -34.33 -35.57 16.04
N VAL A 167 -33.94 -35.78 14.79
CA VAL A 167 -33.10 -36.92 14.47
C VAL A 167 -31.78 -36.56 13.77
N THR A 168 -30.71 -37.16 14.25
CA THR A 168 -29.38 -36.93 13.71
C THR A 168 -29.32 -37.32 12.24
N GLU A 169 -28.25 -36.89 11.60
CA GLU A 169 -27.95 -37.37 10.27
C GLU A 169 -27.38 -38.78 10.41
N GLN A 170 -27.37 -39.54 9.33
CA GLN A 170 -26.80 -40.87 9.38
C GLN A 170 -25.31 -40.79 9.73
N ASP A 171 -24.86 -41.54 10.73
CA ASP A 171 -23.48 -41.46 11.15
C ASP A 171 -22.56 -41.97 10.04
N SER A 172 -21.37 -41.42 9.94
CA SER A 172 -20.44 -41.80 8.90
C SER A 172 -19.51 -42.93 9.29
N LYS A 173 -19.59 -43.41 10.52
CA LYS A 173 -18.79 -44.54 10.93
C LYS A 173 -19.64 -45.81 10.85
N ASP A 174 -20.80 -45.83 11.50
CA ASP A 174 -21.60 -47.06 11.62
C ASP A 174 -22.98 -46.95 10.97
N SER A 175 -23.18 -45.86 10.23
CA SER A 175 -24.38 -45.65 9.45
C SER A 175 -25.65 -45.79 10.28
N THR A 176 -25.57 -45.34 11.52
CA THR A 176 -26.69 -45.41 12.43
C THR A 176 -27.45 -44.09 12.50
N TYR A 177 -28.59 -44.08 13.18
CA TYR A 177 -29.26 -42.83 13.52
C TYR A 177 -29.38 -42.71 15.03
N SER A 178 -29.70 -41.51 15.50
CA SER A 178 -30.01 -41.29 16.91
C SER A 178 -31.11 -40.26 16.98
N LEU A 179 -31.83 -40.23 18.08
CA LEU A 179 -33.08 -39.46 18.15
C LEU A 179 -33.34 -38.82 19.52
N SER A 180 -33.83 -37.59 19.51
CA SER A 180 -34.19 -36.91 20.72
C SER A 180 -35.66 -36.52 20.69
N SER A 181 -36.44 -36.98 21.66
CA SER A 181 -37.80 -36.48 21.86
C SER A 181 -37.93 -35.72 23.19
N THR A 182 -38.66 -34.61 23.17
CA THR A 182 -38.67 -33.71 24.31
C THR A 182 -40.07 -33.37 24.72
N LEU A 183 -40.45 -33.80 25.93
CA LEU A 183 -41.77 -33.50 26.49
C LEU A 183 -41.74 -32.22 27.27
N THR A 184 -42.38 -31.17 26.77
CA THR A 184 -42.29 -29.88 27.44
C THR A 184 -43.61 -29.60 28.19
N LEU A 185 -43.46 -29.30 29.48
CA LEU A 185 -44.57 -29.04 30.42
C LEU A 185 -44.35 -27.76 31.16
N SER A 186 -45.41 -27.17 31.69
CA SER A 186 -45.24 -26.06 32.62
C SER A 186 -44.71 -26.63 33.91
N LYS A 187 -44.02 -25.82 34.71
CA LYS A 187 -43.58 -26.29 36.03
C LYS A 187 -44.81 -26.75 36.78
N ALA A 188 -45.90 -26.02 36.56
CA ALA A 188 -47.20 -26.30 37.13
C ALA A 188 -47.57 -27.76 36.94
N ASP A 189 -47.93 -28.12 35.71
CA ASP A 189 -48.42 -29.45 35.40
C ASP A 189 -47.44 -30.54 35.83
N TYR A 190 -46.15 -30.22 35.84
CA TYR A 190 -45.12 -31.22 36.13
C TYR A 190 -45.20 -31.76 37.56
N GLU A 191 -45.47 -30.89 38.53
CA GLU A 191 -45.60 -31.30 39.94
C GLU A 191 -46.86 -32.15 40.17
N LYS A 192 -47.87 -31.94 39.31
CA LYS A 192 -49.16 -32.61 39.46
C LYS A 192 -49.10 -34.13 39.24
N HIS A 193 -47.93 -34.67 38.90
CA HIS A 193 -47.81 -36.11 38.59
C HIS A 193 -46.51 -36.69 39.14
N LYS A 194 -46.37 -38.02 39.15
CA LYS A 194 -45.19 -38.61 39.78
C LYS A 194 -44.35 -39.51 38.86
N VAL A 195 -45.02 -40.24 37.95
CA VAL A 195 -44.30 -41.16 37.05
C VAL A 195 -44.32 -40.69 35.61
N TYR A 196 -43.11 -40.52 35.07
CA TYR A 196 -42.93 -40.08 33.71
C TYR A 196 -42.26 -41.16 32.90
N ALA A 197 -42.83 -41.50 31.74
CA ALA A 197 -42.31 -42.64 30.99
C ALA A 197 -42.17 -42.39 29.50
N CYS A 198 -41.21 -43.09 28.93
CA CYS A 198 -40.84 -42.92 27.55
C CYS A 198 -40.89 -44.28 26.84
N GLU A 199 -41.84 -44.45 25.91
CA GLU A 199 -42.12 -45.76 25.32
C GLU A 199 -41.82 -45.80 23.82
N VAL A 200 -40.74 -46.49 23.48
CA VAL A 200 -40.27 -46.50 22.09
C VAL A 200 -40.51 -47.84 21.40
N THR A 201 -41.20 -47.77 20.25
CA THR A 201 -41.32 -48.89 19.31
C THR A 201 -40.33 -48.74 18.16
N HIS A 202 -39.67 -49.84 17.79
CA HIS A 202 -38.69 -49.85 16.71
C HIS A 202 -38.39 -51.25 16.19
N GLN A 203 -38.08 -51.31 14.89
CA GLN A 203 -37.86 -52.56 14.17
C GLN A 203 -36.89 -53.52 14.84
N GLY A 204 -35.93 -52.98 15.58
CA GLY A 204 -34.90 -53.79 16.21
C GLY A 204 -35.30 -54.25 17.59
N LEU A 205 -36.52 -53.89 17.99
CA LEU A 205 -37.09 -54.31 19.27
C LEU A 205 -38.20 -55.32 19.10
N SER A 206 -38.12 -56.46 19.79
CA SER A 206 -39.16 -57.48 19.68
C SER A 206 -40.48 -56.93 20.18
N SER A 207 -40.45 -56.48 21.42
CA SER A 207 -41.57 -55.77 22.04
C SER A 207 -41.10 -54.40 22.51
N PRO A 208 -42.02 -53.42 22.52
CA PRO A 208 -41.72 -52.04 22.90
C PRO A 208 -40.92 -51.90 24.19
N VAL A 209 -40.34 -50.74 24.37
CA VAL A 209 -39.45 -50.49 25.49
C VAL A 209 -39.78 -49.20 26.23
N THR A 210 -39.82 -49.29 27.56
CA THR A 210 -40.13 -48.11 28.36
C THR A 210 -39.01 -47.81 29.32
N LYS A 211 -38.66 -46.53 29.43
CA LYS A 211 -37.81 -46.05 30.49
C LYS A 211 -38.56 -44.96 31.25
N SER A 212 -38.56 -45.03 32.58
CA SER A 212 -39.36 -44.09 33.36
C SER A 212 -38.70 -43.67 34.66
N PHE A 213 -39.31 -42.70 35.34
CA PHE A 213 -38.80 -42.27 36.64
C PHE A 213 -39.90 -41.74 37.60
N ASN A 214 -39.47 -41.33 38.79
CA ASN A 214 -40.34 -40.79 39.84
C ASN A 214 -39.94 -39.40 40.33
N ARG A 215 -40.89 -38.58 40.72
CA ARG A 215 -40.53 -37.33 41.36
C ARG A 215 -40.25 -37.54 42.85
N GLU B 1 -0.74 -25.44 6.37
CA GLU B 1 -2.06 -25.83 5.90
C GLU B 1 -2.70 -24.74 5.04
N VAL B 2 -3.26 -25.13 3.90
CA VAL B 2 -3.94 -24.19 3.01
C VAL B 2 -5.44 -24.18 3.31
N GLN B 3 -6.00 -23.01 3.60
CA GLN B 3 -7.40 -22.95 3.99
C GLN B 3 -8.00 -21.56 3.86
N LEU B 4 -9.32 -21.54 3.96
CA LEU B 4 -10.06 -20.29 4.07
C LEU B 4 -10.82 -20.29 5.38
N VAL B 5 -10.66 -19.25 6.16
CA VAL B 5 -11.46 -19.11 7.36
C VAL B 5 -12.22 -17.81 7.25
N GLY B 6 -13.54 -17.93 7.33
CA GLY B 6 -14.44 -16.79 7.16
C GLY B 6 -15.11 -16.42 8.45
N SER B 7 -15.59 -15.19 8.54
CA SER B 7 -16.15 -14.68 9.78
C SER B 7 -17.04 -13.53 9.44
N GLY B 8 -17.54 -12.86 10.49
CA GLY B 8 -18.54 -11.84 10.31
C GLY B 8 -19.88 -12.53 10.19
N GLY B 9 -20.89 -11.83 9.75
CA GLY B 9 -22.17 -12.47 9.66
C GLY B 9 -22.78 -12.59 11.04
N GLY B 10 -23.93 -13.26 11.12
CA GLY B 10 -24.76 -13.25 12.31
C GLY B 10 -26.16 -12.75 12.00
N LEU B 11 -26.83 -12.16 13.01
CA LEU B 11 -28.16 -11.61 12.81
C LEU B 11 -28.14 -10.17 12.32
N ILE B 12 -29.01 -9.85 11.37
CA ILE B 12 -29.01 -8.53 10.78
C ILE B 12 -30.42 -8.17 10.27
N GLN B 13 -30.92 -7.00 10.65
CA GLN B 13 -32.32 -6.66 10.38
C GLN B 13 -32.50 -6.41 8.90
N PRO B 14 -33.74 -6.62 8.37
CA PRO B 14 -34.03 -6.43 6.93
C PRO B 14 -33.72 -5.02 6.48
N GLY B 15 -33.07 -4.89 5.32
CA GLY B 15 -32.63 -3.58 4.84
C GLY B 15 -31.21 -3.23 5.24
N GLY B 16 -30.79 -3.68 6.43
CA GLY B 16 -29.46 -3.45 6.94
C GLY B 16 -28.36 -3.96 6.03
N SER B 17 -27.13 -3.59 6.32
CA SER B 17 -25.99 -4.08 5.55
C SER B 17 -25.10 -4.91 6.44
N LEU B 18 -24.20 -5.68 5.82
CA LEU B 18 -23.36 -6.62 6.56
C LEU B 18 -22.17 -7.08 5.74
N ARG B 19 -20.99 -7.16 6.36
CA ARG B 19 -19.78 -7.54 5.64
C ARG B 19 -19.27 -8.91 6.10
N LEU B 20 -19.10 -9.84 5.16
CA LEU B 20 -18.55 -11.14 5.48
C LEU B 20 -17.07 -11.12 5.13
N SER B 21 -16.26 -11.67 6.02
CA SER B 21 -14.83 -11.67 5.80
C SER B 21 -14.46 -13.08 5.49
N CYS B 22 -13.22 -13.27 5.04
CA CYS B 22 -12.69 -14.59 4.78
C CYS B 22 -11.21 -14.47 4.46
N ALA B 23 -10.36 -15.17 5.21
CA ALA B 23 -8.92 -14.97 5.11
C ALA B 23 -8.16 -16.22 4.70
N ALA B 24 -7.26 -16.04 3.76
CA ALA B 24 -6.52 -17.17 3.21
C ALA B 24 -5.37 -17.60 4.12
N SER B 25 -4.83 -18.78 3.83
CA SER B 25 -3.63 -19.27 4.49
C SER B 25 -2.77 -20.07 3.54
N ASP B 26 -1.51 -19.67 3.41
CA ASP B 26 -0.56 -20.34 2.54
C ASP B 26 -0.92 -20.24 1.06
N PHE B 27 -1.63 -19.17 0.70
CA PHE B 27 -1.79 -18.75 -0.70
C PHE B 27 -2.34 -17.32 -0.76
N SER B 28 -2.15 -16.64 -1.88
CA SER B 28 -2.60 -15.24 -1.97
C SER B 28 -3.98 -15.11 -2.61
N VAL B 29 -4.90 -14.46 -1.91
CA VAL B 29 -6.24 -14.28 -2.41
C VAL B 29 -6.25 -13.40 -3.68
N SER B 30 -5.12 -12.76 -3.96
CA SER B 30 -4.99 -11.89 -5.13
C SER B 30 -4.54 -12.67 -6.36
N GLU B 31 -4.23 -13.95 -6.15
CA GLU B 31 -3.61 -14.78 -7.16
C GLU B 31 -4.49 -15.93 -7.65
N TYR B 32 -5.76 -15.90 -7.27
CA TYR B 32 -6.73 -16.89 -7.72
C TYR B 32 -8.11 -16.27 -7.95
N TYR B 33 -8.89 -16.89 -8.82
CA TYR B 33 -10.27 -16.51 -8.94
C TYR B 33 -10.93 -16.86 -7.60
N MET B 34 -11.77 -15.99 -7.06
CA MET B 34 -12.46 -16.32 -5.82
C MET B 34 -13.97 -16.23 -5.98
N THR B 35 -14.71 -17.10 -5.28
CA THR B 35 -16.16 -17.17 -5.41
C THR B 35 -16.85 -17.13 -4.07
N TRP B 36 -18.09 -16.62 -4.04
CA TRP B 36 -18.96 -16.73 -2.89
C TRP B 36 -20.18 -17.57 -3.26
N VAL B 37 -20.31 -18.71 -2.58
CA VAL B 37 -21.46 -19.61 -2.73
C VAL B 37 -22.27 -19.68 -1.44
N ARG B 38 -23.59 -19.51 -1.53
CA ARG B 38 -24.42 -19.63 -0.35
C ARG B 38 -25.35 -20.82 -0.41
N GLN B 39 -26.05 -21.07 0.69
CA GLN B 39 -26.96 -22.20 0.78
C GLN B 39 -28.06 -21.93 1.79
N ALA B 40 -29.26 -21.74 1.27
CA ALA B 40 -30.41 -21.40 2.09
C ALA B 40 -30.71 -22.60 2.97
N PRO B 41 -31.37 -22.38 4.13
CA PRO B 41 -31.60 -23.49 5.08
C PRO B 41 -32.37 -24.63 4.40
N GLY B 42 -31.83 -25.84 4.44
CA GLY B 42 -32.50 -26.99 3.86
C GLY B 42 -32.31 -27.08 2.36
N LYS B 43 -32.34 -25.94 1.67
CA LYS B 43 -32.13 -25.89 0.23
C LYS B 43 -30.67 -26.18 -0.18
N GLY B 44 -30.36 -26.06 -1.46
CA GLY B 44 -29.08 -26.51 -1.98
C GLY B 44 -28.14 -25.37 -2.27
N LEU B 45 -27.11 -25.65 -3.07
CA LEU B 45 -26.03 -24.69 -3.32
C LEU B 45 -26.33 -23.63 -4.38
N GLU B 46 -26.15 -22.36 -4.04
CA GLU B 46 -26.38 -21.28 -4.99
C GLU B 46 -25.15 -20.37 -5.10
N TRP B 47 -24.60 -20.22 -6.30
CA TRP B 47 -23.49 -19.28 -6.50
C TRP B 47 -23.96 -17.84 -6.39
N VAL B 48 -23.08 -16.97 -5.90
CA VAL B 48 -23.45 -15.58 -5.60
C VAL B 48 -22.53 -14.54 -6.24
N ALA B 49 -21.23 -14.75 -6.16
CA ALA B 49 -20.32 -13.73 -6.68
C ALA B 49 -18.96 -14.29 -6.99
N VAL B 50 -18.32 -13.74 -8.02
CA VAL B 50 -16.96 -14.14 -8.35
C VAL B 50 -16.08 -12.90 -8.52
N LEU B 51 -14.84 -12.99 -8.05
CA LEU B 51 -13.88 -11.93 -8.24
C LEU B 51 -12.67 -12.52 -8.90
N TYR B 52 -12.39 -12.08 -10.12
CA TYR B 52 -11.27 -12.64 -10.88
C TYR B 52 -9.96 -11.92 -10.54
N LYS B 53 -8.84 -12.64 -10.62
CA LYS B 53 -7.53 -12.04 -10.42
C LYS B 53 -7.40 -10.93 -11.44
N ASP B 54 -7.90 -11.24 -12.64
CA ASP B 54 -7.94 -10.31 -13.76
C ASP B 54 -8.93 -9.13 -13.46
N GLY B 55 -8.80 -8.53 -12.25
CA GLY B 55 -9.61 -7.41 -11.75
C GLY B 55 -11.14 -7.51 -11.51
N SER B 56 -11.84 -8.17 -12.43
CA SER B 56 -13.29 -8.03 -12.62
C SER B 56 -14.22 -8.66 -11.58
N GLN B 57 -15.51 -8.30 -11.65
CA GLN B 57 -16.52 -8.79 -10.71
C GLN B 57 -17.87 -9.05 -11.38
N PHE B 58 -18.53 -10.16 -11.04
CA PHE B 58 -19.87 -10.44 -11.54
C PHE B 58 -20.72 -11.17 -10.51
N TYR B 59 -22.03 -10.95 -10.58
CA TYR B 59 -22.93 -11.37 -9.51
C TYR B 59 -24.13 -12.13 -10.05
N ALA B 60 -24.67 -13.05 -9.25
CA ALA B 60 -25.94 -13.69 -9.57
C ALA B 60 -27.00 -12.62 -9.66
N PRO B 61 -27.98 -12.82 -10.57
CA PRO B 61 -28.98 -11.78 -10.79
C PRO B 61 -29.73 -11.44 -9.51
N SER B 62 -29.94 -12.43 -8.65
CA SER B 62 -30.77 -12.29 -7.46
C SER B 62 -30.23 -11.23 -6.51
N VAL B 63 -28.94 -10.97 -6.58
CA VAL B 63 -28.30 -10.07 -5.62
C VAL B 63 -27.71 -8.82 -6.28
N LYS B 64 -27.33 -8.93 -7.56
CA LYS B 64 -26.58 -7.89 -8.29
C LYS B 64 -27.04 -6.49 -7.98
N GLY B 65 -26.10 -5.68 -7.49
CA GLY B 65 -26.38 -4.32 -7.10
C GLY B 65 -26.71 -4.20 -5.62
N ARG B 66 -26.39 -5.23 -4.88
CA ARG B 66 -26.57 -5.21 -3.43
C ARG B 66 -25.31 -5.80 -2.78
N PHE B 67 -24.67 -6.74 -3.46
CA PHE B 67 -23.46 -7.35 -2.94
C PHE B 67 -22.26 -6.79 -3.69
N ILE B 68 -21.08 -6.90 -3.09
CA ILE B 68 -19.82 -6.42 -3.65
C ILE B 68 -18.66 -7.33 -3.25
N VAL B 69 -17.85 -7.79 -4.21
CA VAL B 69 -16.66 -8.58 -3.87
C VAL B 69 -15.38 -7.77 -3.90
N SER B 70 -14.78 -7.61 -2.72
CA SER B 70 -13.52 -6.90 -2.60
C SER B 70 -12.43 -7.85 -2.10
N ARG B 71 -11.18 -7.56 -2.38
CA ARG B 71 -10.12 -8.27 -1.69
C ARG B 71 -9.24 -7.27 -1.00
N ASP B 72 -8.38 -7.75 -0.12
CA ASP B 72 -7.36 -6.89 0.48
C ASP B 72 -5.96 -7.52 0.36
N ASN B 73 -5.14 -6.98 -0.56
CA ASN B 73 -3.83 -7.54 -0.86
C ASN B 73 -2.92 -7.67 0.36
N SER B 74 -3.13 -6.81 1.35
CA SER B 74 -2.26 -6.76 2.51
C SER B 74 -2.79 -7.59 3.66
N LYS B 75 -4.12 -7.65 3.78
CA LYS B 75 -4.77 -8.45 4.82
C LYS B 75 -5.03 -9.89 4.37
N ASN B 76 -4.74 -10.17 3.10
CA ASN B 76 -5.01 -11.48 2.49
C ASN B 76 -6.40 -12.00 2.76
N SER B 77 -7.39 -11.17 2.42
CA SER B 77 -8.77 -11.45 2.73
C SER B 77 -9.66 -11.22 1.51
N LEU B 78 -10.77 -11.93 1.51
CA LEU B 78 -11.81 -11.77 0.52
C LEU B 78 -13.02 -11.27 1.27
N TYR B 79 -13.77 -10.38 0.67
CA TYR B 79 -14.85 -9.75 1.38
C TYR B 79 -16.13 -9.82 0.59
N LEU B 80 -17.25 -9.89 1.27
CA LEU B 80 -18.56 -9.82 0.61
C LEU B 80 -19.43 -8.78 1.31
N GLN B 81 -19.42 -7.57 0.77
CA GLN B 81 -20.25 -6.52 1.32
C GLN B 81 -21.67 -6.79 0.89
N MET B 82 -22.57 -6.97 1.84
CA MET B 82 -23.97 -7.29 1.52
C MET B 82 -24.93 -6.19 1.96
N ASN B 83 -25.54 -5.53 0.97
CA ASN B 83 -26.33 -4.33 1.24
C ASN B 83 -27.81 -4.53 0.97
N ASN B 84 -28.61 -3.91 1.84
CA ASN B 84 -30.05 -4.00 1.71
C ASN B 84 -30.54 -5.44 1.65
N LEU B 85 -30.57 -6.07 2.83
CA LEU B 85 -30.76 -7.51 2.88
C LEU B 85 -32.24 -7.89 3.02
N ARG B 86 -32.68 -8.76 2.12
CA ARG B 86 -34.01 -9.35 2.15
C ARG B 86 -33.91 -10.68 2.87
N GLY B 87 -35.04 -11.21 3.35
CA GLY B 87 -35.04 -12.49 4.02
C GLY B 87 -34.54 -13.58 3.10
N GLU B 88 -34.76 -13.38 1.80
CA GLU B 88 -34.30 -14.32 0.78
C GLU B 88 -32.78 -14.49 0.82
N ASP B 89 -32.11 -13.69 1.62
CA ASP B 89 -30.68 -13.74 1.70
C ASP B 89 -30.20 -14.60 2.85
N THR B 90 -31.05 -14.87 3.83
CA THR B 90 -30.58 -15.63 4.98
C THR B 90 -30.18 -17.03 4.53
N ALA B 91 -28.92 -17.36 4.80
CA ALA B 91 -28.33 -18.61 4.36
C ALA B 91 -26.95 -18.77 4.95
N VAL B 92 -26.23 -19.77 4.50
CA VAL B 92 -24.85 -19.95 4.92
C VAL B 92 -23.96 -19.62 3.75
N TYR B 93 -23.00 -18.73 4.00
CA TYR B 93 -22.16 -18.25 2.92
C TYR B 93 -20.81 -18.95 2.95
N PHE B 94 -20.41 -19.49 1.81
CA PHE B 94 -19.10 -20.10 1.64
C PHE B 94 -18.26 -19.30 0.64
N CYS B 95 -17.08 -18.85 1.05
CA CYS B 95 -16.16 -18.34 0.05
C CYS B 95 -15.39 -19.55 -0.44
N ALA B 96 -14.97 -19.51 -1.70
CA ALA B 96 -14.25 -20.63 -2.26
C ALA B 96 -13.21 -20.19 -3.29
N ARG B 97 -12.07 -20.88 -3.29
CA ARG B 97 -11.03 -20.59 -4.23
C ARG B 97 -11.18 -21.40 -5.50
N GLU B 98 -11.65 -20.77 -6.59
CA GLU B 98 -11.71 -21.43 -7.88
C GLU B 98 -10.30 -21.49 -8.44
N ASN B 99 -9.67 -22.66 -8.34
CA ASN B 99 -8.28 -22.80 -8.75
C ASN B 99 -8.19 -22.87 -10.26
N ALA B 100 -8.41 -21.74 -10.92
CA ALA B 100 -8.41 -21.69 -12.37
C ALA B 100 -7.96 -20.35 -12.91
N ASP B 101 -7.25 -20.39 -14.04
CA ASP B 101 -6.91 -19.19 -14.77
C ASP B 101 -7.30 -19.41 -16.22
N TYR B 102 -8.36 -18.76 -16.70
CA TYR B 102 -8.80 -18.95 -18.08
C TYR B 102 -7.80 -18.35 -19.05
N GLY B 103 -6.91 -17.50 -18.53
CA GLY B 103 -5.76 -16.98 -19.26
C GLY B 103 -5.01 -18.13 -19.91
N SER B 104 -4.27 -18.90 -19.11
CA SER B 104 -3.79 -20.20 -19.55
C SER B 104 -5.02 -21.11 -19.72
N ASP B 105 -4.83 -22.38 -20.03
CA ASP B 105 -6.01 -23.22 -20.21
C ASP B 105 -6.51 -23.78 -18.89
N TYR B 106 -5.59 -23.96 -17.95
CA TYR B 106 -5.82 -24.83 -16.80
C TYR B 106 -7.07 -24.49 -15.97
N TYR B 107 -7.58 -25.51 -15.29
CA TYR B 107 -8.73 -25.43 -14.38
C TYR B 107 -8.64 -26.60 -13.42
N PHE B 108 -8.99 -26.37 -12.14
CA PHE B 108 -8.86 -27.40 -11.10
C PHE B 108 -9.98 -27.40 -10.06
N GLY B 109 -11.15 -26.86 -10.43
CA GLY B 109 -12.34 -26.85 -9.60
C GLY B 109 -12.29 -25.90 -8.40
N MET B 110 -13.40 -25.82 -7.68
CA MET B 110 -13.40 -25.19 -6.36
C MET B 110 -12.48 -25.99 -5.44
N ASP B 111 -11.22 -25.56 -5.38
CA ASP B 111 -10.14 -26.24 -4.66
C ASP B 111 -10.24 -26.17 -3.15
N VAL B 112 -10.50 -24.96 -2.66
CA VAL B 112 -10.59 -24.69 -1.23
C VAL B 112 -11.92 -23.99 -0.88
N TRP B 113 -12.56 -24.44 0.19
CA TRP B 113 -13.75 -23.76 0.69
C TRP B 113 -13.57 -23.31 2.15
N GLY B 114 -14.40 -22.35 2.58
CA GLY B 114 -14.34 -21.88 3.94
C GLY B 114 -15.29 -22.72 4.75
N GLN B 115 -15.24 -22.63 6.08
CA GLN B 115 -16.15 -23.42 6.92
C GLN B 115 -17.59 -23.01 6.73
N GLY B 116 -17.80 -21.77 6.28
CA GLY B 116 -19.14 -21.26 6.05
C GLY B 116 -19.76 -20.48 7.21
N THR B 117 -20.11 -19.24 6.96
CA THR B 117 -20.63 -18.42 8.03
C THR B 117 -22.10 -18.13 7.76
N ALA B 118 -22.88 -18.06 8.82
CA ALA B 118 -24.33 -17.94 8.72
C ALA B 118 -24.84 -16.52 8.82
N VAL B 119 -25.77 -16.19 7.96
CA VAL B 119 -26.43 -14.88 7.97
C VAL B 119 -27.94 -15.06 8.16
N ALA B 120 -28.51 -14.31 9.09
CA ALA B 120 -29.95 -14.37 9.35
C ALA B 120 -30.61 -12.99 9.27
N VAL B 121 -31.38 -12.77 8.21
CA VAL B 121 -32.12 -11.54 8.07
C VAL B 121 -33.45 -11.61 8.85
N SER B 122 -33.66 -10.70 9.78
CA SER B 122 -34.84 -10.77 10.64
C SER B 122 -35.18 -9.51 11.39
N SER B 123 -36.47 -9.28 11.57
CA SER B 123 -36.96 -8.18 12.36
C SER B 123 -36.63 -8.34 13.85
N ALA B 124 -36.58 -9.58 14.30
CA ALA B 124 -36.56 -9.86 15.72
C ALA B 124 -35.18 -9.68 16.34
N SER B 125 -35.17 -9.34 17.62
CA SER B 125 -33.92 -9.20 18.35
C SER B 125 -33.36 -10.56 18.71
N THR B 126 -32.08 -10.60 19.06
CA THR B 126 -31.44 -11.85 19.46
C THR B 126 -31.93 -12.31 20.80
N LYS B 127 -31.78 -13.59 21.07
CA LYS B 127 -31.97 -14.12 22.40
C LYS B 127 -31.01 -15.26 22.59
N GLY B 128 -30.23 -15.19 23.66
CA GLY B 128 -29.29 -16.26 23.96
C GLY B 128 -29.96 -17.39 24.74
N PRO B 129 -29.38 -18.58 24.66
CA PRO B 129 -30.04 -19.76 25.21
C PRO B 129 -29.85 -20.00 26.71
N SER B 130 -30.85 -20.60 27.36
CA SER B 130 -30.62 -21.22 28.65
C SER B 130 -29.98 -22.56 28.40
N VAL B 131 -28.96 -22.91 29.18
CA VAL B 131 -28.45 -24.26 29.12
C VAL B 131 -28.78 -25.00 30.40
N PHE B 132 -29.30 -26.22 30.31
CA PHE B 132 -29.63 -27.00 31.49
C PHE B 132 -28.98 -28.37 31.38
N PRO B 133 -28.63 -28.96 32.51
CA PRO B 133 -27.99 -30.28 32.45
C PRO B 133 -28.95 -31.44 32.22
N LEU B 134 -28.56 -32.36 31.35
CA LEU B 134 -29.24 -33.64 31.25
C LEU B 134 -28.44 -34.66 32.05
N ALA B 135 -29.01 -35.18 33.13
CA ALA B 135 -28.22 -35.93 34.11
C ALA B 135 -28.47 -37.44 34.10
N PRO B 136 -27.37 -38.22 34.16
CA PRO B 136 -27.35 -39.69 34.09
C PRO B 136 -27.75 -40.39 35.39
N SER B 137 -27.12 -41.55 35.63
CA SER B 137 -27.26 -42.32 36.86
C SER B 137 -26.11 -43.32 37.02
N GLY B 144 -22.68 -50.93 32.91
CA GLY B 144 -22.38 -50.90 31.47
C GLY B 144 -22.07 -49.48 31.01
N THR B 145 -22.91 -48.92 30.14
CA THR B 145 -22.69 -47.50 29.87
C THR B 145 -23.91 -46.60 30.06
N ALA B 146 -23.62 -45.32 30.27
CA ALA B 146 -24.66 -44.36 30.58
C ALA B 146 -24.56 -43.13 29.68
N ALA B 147 -25.61 -42.33 29.70
CA ALA B 147 -25.70 -41.19 28.81
C ALA B 147 -26.01 -39.94 29.61
N LEU B 148 -25.37 -38.85 29.22
CA LEU B 148 -25.66 -37.55 29.76
C LEU B 148 -25.65 -36.50 28.66
N GLY B 149 -26.10 -35.29 28.96
CA GLY B 149 -26.20 -34.25 27.95
C GLY B 149 -26.53 -32.82 28.40
N CYS B 150 -26.75 -31.96 27.41
CA CYS B 150 -27.13 -30.57 27.65
C CYS B 150 -28.42 -30.22 26.91
N LEU B 151 -29.27 -29.44 27.56
CA LEU B 151 -30.46 -28.93 26.93
C LEU B 151 -30.28 -27.46 26.62
N VAL B 152 -30.35 -27.10 25.35
CA VAL B 152 -30.08 -25.72 24.96
C VAL B 152 -31.37 -25.04 24.51
N LYS B 153 -32.08 -24.42 25.46
CA LYS B 153 -33.46 -23.96 25.23
C LYS B 153 -33.59 -22.46 24.90
N ASP B 154 -34.55 -22.15 24.03
CA ASP B 154 -35.04 -20.78 23.79
C ASP B 154 -34.03 -19.78 23.28
N TYR B 155 -33.57 -19.94 22.05
CA TYR B 155 -32.65 -18.97 21.48
C TYR B 155 -33.05 -18.57 20.09
N PHE B 156 -32.34 -17.60 19.54
CA PHE B 156 -32.60 -17.09 18.19
C PHE B 156 -31.60 -16.04 17.82
N PRO B 157 -31.09 -16.10 16.58
CA PRO B 157 -31.34 -17.13 15.58
C PRO B 157 -30.36 -18.28 15.62
N GLU B 158 -30.58 -19.28 14.77
CA GLU B 158 -29.58 -20.29 14.47
C GLU B 158 -28.38 -19.59 13.80
N PRO B 159 -27.16 -20.14 13.98
CA PRO B 159 -26.81 -21.38 14.65
C PRO B 159 -26.34 -21.21 16.08
N VAL B 160 -26.25 -22.33 16.80
CA VAL B 160 -25.60 -22.39 18.09
C VAL B 160 -24.58 -23.53 18.03
N THR B 161 -23.40 -23.38 18.62
CA THR B 161 -22.39 -24.43 18.49
C THR B 161 -22.08 -25.09 19.83
N VAL B 162 -22.20 -26.42 19.84
CA VAL B 162 -22.03 -27.18 21.09
C VAL B 162 -20.84 -28.12 20.98
N SER B 163 -20.06 -28.21 22.05
CA SER B 163 -19.02 -29.23 22.13
C SER B 163 -18.82 -29.65 23.56
N TRP B 164 -18.02 -30.69 23.76
CA TRP B 164 -17.82 -31.20 25.11
C TRP B 164 -16.36 -31.21 25.44
N ASN B 165 -16.04 -30.73 26.64
CA ASN B 165 -14.67 -30.64 27.14
C ASN B 165 -13.83 -29.96 26.08
N SER B 166 -14.35 -28.84 25.61
CA SER B 166 -13.63 -27.93 24.73
C SER B 166 -13.13 -28.58 23.45
N GLY B 167 -13.84 -29.58 22.94
CA GLY B 167 -13.43 -30.28 21.72
C GLY B 167 -12.79 -31.63 21.98
N ALA B 168 -12.43 -31.91 23.24
CA ALA B 168 -11.74 -33.14 23.60
C ALA B 168 -12.58 -34.34 23.28
N LEU B 169 -13.77 -34.37 23.87
CA LEU B 169 -14.69 -35.49 23.77
C LEU B 169 -15.45 -35.39 22.47
N THR B 170 -15.14 -36.26 21.51
CA THR B 170 -15.90 -36.26 20.26
C THR B 170 -16.69 -37.56 20.12
N SER B 171 -16.03 -38.70 19.97
CA SER B 171 -16.75 -39.93 19.70
C SER B 171 -17.83 -40.15 20.75
N SER B 172 -18.99 -40.66 20.30
CA SER B 172 -20.18 -41.00 21.11
C SER B 172 -21.08 -39.78 21.35
N VAL B 173 -20.79 -38.70 20.63
CA VAL B 173 -21.49 -37.45 20.86
C VAL B 173 -22.49 -37.20 19.74
N HIS B 174 -23.63 -36.60 20.10
CA HIS B 174 -24.72 -36.42 19.16
C HIS B 174 -25.37 -35.10 19.40
N THR B 175 -25.07 -34.10 18.59
CA THR B 175 -25.77 -32.83 18.75
C THR B 175 -26.90 -32.77 17.75
N PHE B 176 -28.12 -32.74 18.26
CA PHE B 176 -29.32 -32.76 17.42
C PHE B 176 -29.62 -31.45 16.73
N PRO B 177 -30.25 -31.54 15.56
CA PRO B 177 -30.84 -30.40 14.86
C PRO B 177 -31.74 -29.62 15.77
N ALA B 178 -31.72 -28.29 15.66
CA ALA B 178 -32.59 -27.47 16.49
C ALA B 178 -34.04 -27.69 16.08
N VAL B 179 -34.94 -27.56 17.04
CA VAL B 179 -36.37 -27.65 16.74
C VAL B 179 -37.06 -26.31 16.98
N LEU B 180 -37.98 -25.97 16.10
CA LEU B 180 -38.67 -24.71 16.28
C LEU B 180 -39.79 -24.87 17.30
N GLN B 181 -39.75 -24.04 18.34
CA GLN B 181 -40.79 -24.05 19.37
C GLN B 181 -41.93 -23.09 19.07
N SER B 182 -43.05 -23.31 19.74
CA SER B 182 -44.26 -22.51 19.55
C SER B 182 -44.00 -21.04 19.86
N SER B 183 -42.91 -20.80 20.56
CA SER B 183 -42.55 -19.47 20.98
C SER B 183 -41.75 -18.69 19.95
N GLY B 184 -41.54 -19.27 18.78
CA GLY B 184 -40.73 -18.60 17.77
C GLY B 184 -39.25 -18.86 17.98
N LEU B 185 -38.92 -19.42 19.13
CA LEU B 185 -37.53 -19.62 19.52
C LEU B 185 -37.03 -21.05 19.29
N TYR B 186 -35.77 -21.18 18.85
CA TYR B 186 -35.19 -22.49 18.61
C TYR B 186 -34.78 -23.14 19.93
N SER B 187 -34.56 -24.45 19.88
CA SER B 187 -34.16 -25.20 21.03
C SER B 187 -33.53 -26.55 20.61
N LEU B 188 -32.39 -26.90 21.20
CA LEU B 188 -31.79 -28.21 20.91
C LEU B 188 -31.22 -28.89 22.14
N SER B 189 -30.78 -30.13 21.94
CA SER B 189 -30.11 -30.92 22.96
C SER B 189 -28.89 -31.61 22.37
N SER B 190 -27.88 -31.82 23.20
CA SER B 190 -26.66 -32.49 22.77
C SER B 190 -26.36 -33.58 23.79
N VAL B 191 -25.96 -34.77 23.34
CA VAL B 191 -25.79 -35.89 24.26
C VAL B 191 -24.51 -36.66 24.03
N VAL B 192 -24.01 -37.28 25.10
CA VAL B 192 -22.90 -38.21 25.02
C VAL B 192 -23.19 -39.45 25.83
N THR B 193 -22.74 -40.57 25.29
CA THR B 193 -22.76 -41.85 25.99
C THR B 193 -21.35 -42.23 26.42
N VAL B 194 -21.19 -42.52 27.70
CA VAL B 194 -19.89 -42.81 28.31
C VAL B 194 -20.06 -43.98 29.26
N PRO B 195 -18.96 -44.62 29.66
CA PRO B 195 -19.05 -45.76 30.59
C PRO B 195 -19.51 -45.34 31.97
N SER B 196 -20.37 -46.13 32.60
CA SER B 196 -20.93 -45.78 33.91
C SER B 196 -19.84 -45.63 34.95
N SER B 197 -18.66 -46.16 34.64
CA SER B 197 -17.54 -46.18 35.56
C SER B 197 -16.83 -44.82 35.61
N SER B 198 -16.64 -44.22 34.43
CA SER B 198 -15.99 -42.91 34.37
C SER B 198 -16.96 -41.81 34.77
N LEU B 199 -18.13 -42.20 35.23
CA LEU B 199 -19.12 -41.26 35.71
C LEU B 199 -18.62 -40.59 36.98
N GLY B 200 -18.15 -41.38 37.93
CA GLY B 200 -17.74 -40.85 39.22
C GLY B 200 -16.38 -40.18 39.20
N THR B 201 -15.75 -40.10 38.03
CA THR B 201 -14.35 -39.69 37.99
C THR B 201 -13.93 -38.81 36.81
N GLN B 202 -14.87 -38.44 35.95
CA GLN B 202 -14.54 -37.64 34.76
C GLN B 202 -15.41 -36.40 34.60
N THR B 203 -14.77 -35.25 34.42
CA THR B 203 -15.50 -34.00 34.28
C THR B 203 -16.13 -33.89 32.91
N TYR B 204 -17.45 -33.82 32.87
CA TYR B 204 -18.15 -33.66 31.61
C TYR B 204 -18.81 -32.29 31.56
N ILE B 205 -18.20 -31.38 30.80
CA ILE B 205 -18.75 -30.03 30.65
C ILE B 205 -19.07 -29.80 29.17
N CYS B 206 -20.23 -29.23 28.88
CA CYS B 206 -20.57 -28.94 27.49
C CYS B 206 -20.46 -27.45 27.26
N ASN B 207 -19.86 -27.07 26.15
CA ASN B 207 -19.60 -25.65 25.88
C ASN B 207 -20.55 -25.16 24.80
N VAL B 208 -21.50 -24.36 25.21
CA VAL B 208 -22.49 -23.83 24.30
C VAL B 208 -22.04 -22.44 23.90
N ASN B 209 -22.04 -22.13 22.61
CA ASN B 209 -21.66 -20.78 22.19
C ASN B 209 -22.61 -20.23 21.14
N HIS B 210 -23.36 -19.21 21.52
CA HIS B 210 -24.32 -18.57 20.61
C HIS B 210 -23.81 -17.24 20.10
N LYS B 211 -23.26 -17.23 18.91
CA LYS B 211 -22.57 -16.04 18.41
C LYS B 211 -23.37 -14.73 18.51
N PRO B 212 -24.57 -14.67 17.91
CA PRO B 212 -25.20 -13.34 17.76
C PRO B 212 -25.78 -12.74 19.04
N SER B 213 -25.78 -13.50 20.13
CA SER B 213 -26.28 -12.95 21.37
C SER B 213 -25.12 -12.74 22.34
N ASN B 214 -23.90 -12.98 21.84
CA ASN B 214 -22.69 -12.86 22.64
C ASN B 214 -22.72 -13.68 23.92
N THR B 215 -23.52 -14.75 23.94
CA THR B 215 -23.56 -15.59 25.14
C THR B 215 -22.71 -16.83 24.90
N LYS B 216 -22.17 -17.35 25.99
CA LYS B 216 -21.18 -18.41 25.94
C LYS B 216 -21.24 -19.09 27.28
N VAL B 217 -21.61 -20.36 27.30
CA VAL B 217 -21.85 -21.09 28.55
C VAL B 217 -21.10 -22.42 28.62
N ASP B 218 -20.51 -22.70 29.77
CA ASP B 218 -19.91 -23.99 30.03
C ASP B 218 -20.62 -24.61 31.23
N LYS B 219 -21.33 -25.71 30.99
CA LYS B 219 -22.16 -26.31 32.02
C LYS B 219 -21.64 -27.69 32.41
N LYS B 220 -21.56 -27.92 33.71
CA LYS B 220 -21.09 -29.16 34.25
C LYS B 220 -22.29 -30.11 34.44
N ALA B 221 -22.39 -31.12 33.58
CA ALA B 221 -23.42 -32.13 33.72
C ALA B 221 -22.89 -33.19 34.69
N GLU B 222 -23.64 -33.50 35.74
CA GLU B 222 -23.24 -34.46 36.77
C GLU B 222 -24.41 -35.30 37.30
N PRO B 223 -24.12 -36.47 37.89
CA PRO B 223 -25.18 -37.33 38.46
C PRO B 223 -25.98 -36.73 39.61
N ILE C 1 -11.09 -8.81 -20.90
CA ILE C 1 -11.04 -10.19 -21.39
C ILE C 1 -12.12 -11.03 -20.69
N HIS C 2 -12.58 -10.55 -19.54
CA HIS C 2 -13.68 -11.20 -18.78
C HIS C 2 -15.02 -10.51 -19.01
N ILE C 3 -15.82 -11.03 -19.92
CA ILE C 3 -17.09 -10.40 -20.26
C ILE C 3 -18.19 -10.80 -19.26
N GLY C 4 -18.02 -11.96 -18.62
CA GLY C 4 -18.97 -12.41 -17.62
C GLY C 4 -18.47 -13.53 -16.73
N PRO C 5 -19.32 -13.97 -15.79
CA PRO C 5 -18.96 -15.06 -14.89
C PRO C 5 -18.90 -16.39 -15.63
N GLY C 6 -17.78 -17.08 -15.53
CA GLY C 6 -17.65 -18.40 -16.12
C GLY C 6 -16.57 -18.50 -17.16
N ARG C 7 -16.14 -19.73 -17.43
CA ARG C 7 -15.09 -20.00 -18.41
C ARG C 7 -15.51 -19.55 -19.80
N ALA C 8 -16.79 -19.69 -20.09
CA ALA C 8 -17.34 -19.42 -21.42
C ALA C 8 -17.28 -17.95 -21.80
N PHE C 9 -17.01 -17.06 -20.84
CA PHE C 9 -16.95 -15.63 -21.12
C PHE C 9 -15.54 -15.07 -20.94
N TYR C 10 -14.55 -15.76 -21.50
CA TYR C 10 -13.18 -15.28 -21.47
C TYR C 10 -12.59 -15.22 -22.87
N THR C 11 -12.13 -14.04 -23.26
CA THR C 11 -11.58 -13.81 -24.59
C THR C 11 -10.05 -13.75 -24.60
N ASP D 1 -18.37 23.98 -8.68
CA ASP D 1 -17.27 23.52 -7.84
C ASP D 1 -16.83 24.58 -6.83
N ILE D 2 -17.30 24.45 -5.59
CA ILE D 2 -16.94 25.41 -4.54
C ILE D 2 -15.48 25.31 -4.10
N VAL D 3 -14.77 26.44 -4.16
CA VAL D 3 -13.36 26.50 -3.75
C VAL D 3 -13.20 27.49 -2.60
N MET D 4 -12.46 27.05 -1.59
CA MET D 4 -12.18 27.89 -0.42
C MET D 4 -10.76 28.45 -0.47
N ASN D 5 -10.61 29.72 -0.11
CA ASN D 5 -9.29 30.37 -0.11
C ASN D 5 -8.98 30.98 1.25
N GLN D 6 -7.98 30.40 1.93
CA GLN D 6 -7.66 30.79 3.30
C GLN D 6 -6.54 31.82 3.34
N SER D 7 -6.69 32.79 4.23
CA SER D 7 -5.70 33.84 4.42
C SER D 7 -5.51 34.13 5.89
N PRO D 8 -4.25 34.24 6.32
CA PRO D 8 -3.04 34.01 5.53
C PRO D 8 -2.59 32.55 5.68
N PRO D 9 -1.55 32.11 4.96
CA PRO D 9 -1.02 30.76 5.17
C PRO D 9 -0.47 30.59 6.57
N SER D 10 0.15 31.65 7.07
CA SER D 10 0.77 31.61 8.37
C SER D 10 0.65 32.94 9.08
N LEU D 11 0.54 32.89 10.41
CA LEU D 11 0.66 34.11 11.19
C LEU D 11 1.16 33.83 12.60
N ALA D 12 2.05 34.68 13.08
CA ALA D 12 2.60 34.58 14.43
C ALA D 12 1.84 35.52 15.35
N VAL D 13 1.57 35.05 16.56
CA VAL D 13 0.81 35.83 17.53
C VAL D 13 1.40 35.66 18.92
N THR D 14 1.46 36.76 19.66
CA THR D 14 1.86 36.69 21.05
C THR D 14 0.63 36.30 21.87
N PRO D 15 0.79 35.38 22.83
CA PRO D 15 -0.30 35.00 23.73
C PRO D 15 -0.90 36.20 24.42
N GLY D 16 -2.22 36.38 24.31
CA GLY D 16 -2.88 37.58 24.77
C GLY D 16 -3.34 38.42 23.61
N GLU D 17 -2.50 38.56 22.57
CA GLU D 17 -2.90 39.27 21.34
C GLU D 17 -4.08 38.53 20.68
N PRO D 18 -4.88 39.26 19.90
CA PRO D 18 -5.90 38.57 19.11
C PRO D 18 -5.35 38.06 17.79
N ALA D 19 -5.99 37.03 17.25
CA ALA D 19 -5.68 36.55 15.91
C ALA D 19 -6.97 36.48 15.10
N SER D 20 -6.82 36.36 13.79
CA SER D 20 -7.97 36.48 12.90
C SER D 20 -7.66 35.86 11.55
N ILE D 21 -8.28 34.71 11.29
CA ILE D 21 -8.07 33.97 10.04
C ILE D 21 -9.27 34.06 9.11
N SER D 22 -9.00 34.20 7.82
CA SER D 22 -10.04 34.47 6.84
C SER D 22 -10.25 33.36 5.84
N CYS D 23 -11.52 33.06 5.59
CA CYS D 23 -11.90 32.09 4.59
C CYS D 23 -12.85 32.74 3.57
N ARG D 24 -12.62 32.46 2.30
CA ARG D 24 -13.34 33.12 1.23
C ARG D 24 -13.78 32.10 0.19
N ALA D 25 -15.09 31.98 -0.01
CA ALA D 25 -15.64 30.90 -0.83
C ALA D 25 -15.87 31.34 -2.28
N SER D 26 -15.88 30.37 -3.18
CA SER D 26 -16.20 30.61 -4.59
C SER D 26 -17.66 31.02 -4.78
N GLN D 27 -18.54 30.49 -3.93
CA GLN D 27 -19.97 30.77 -4.01
C GLN D 27 -20.50 31.09 -2.62
N SER D 28 -21.76 31.45 -2.50
CA SER D 28 -22.27 31.73 -1.17
C SER D 28 -22.59 30.46 -0.42
N LEU D 29 -22.00 30.33 0.76
CA LEU D 29 -22.30 29.24 1.68
C LEU D 29 -23.54 29.60 2.51
N LEU D 30 -24.35 30.51 1.97
CA LEU D 30 -25.68 30.77 2.50
C LEU D 30 -26.66 29.86 1.77
N TYR D 31 -27.44 29.09 2.52
CA TYR D 31 -28.41 28.20 1.90
C TYR D 31 -29.79 28.78 2.12
N SER D 32 -30.70 28.41 1.23
CA SER D 32 -32.07 28.88 1.25
C SER D 32 -32.78 28.60 2.58
N ASP D 33 -32.18 27.76 3.43
CA ASP D 33 -32.76 27.40 4.72
C ASP D 33 -32.53 28.48 5.78
N GLY D 34 -31.82 29.54 5.37
CA GLY D 34 -31.53 30.66 6.24
C GLY D 34 -30.37 30.39 7.18
N HIS D 35 -29.35 29.72 6.66
CA HIS D 35 -28.19 29.35 7.46
C HIS D 35 -26.89 29.46 6.64
N ASN D 36 -25.78 29.66 7.35
CA ASN D 36 -24.45 29.70 6.74
C ASN D 36 -23.70 28.39 6.98
N TYR D 37 -23.40 27.66 5.90
CA TYR D 37 -22.80 26.33 6.03
C TYR D 37 -21.29 26.38 5.80
N LEU D 38 -20.58 26.72 6.87
CA LEU D 38 -19.12 26.76 6.86
C LEU D 38 -18.59 26.42 8.26
N ASP D 39 -17.57 25.57 8.30
CA ASP D 39 -16.99 25.13 9.56
C ASP D 39 -15.55 25.60 9.76
N TRP D 40 -15.09 25.54 11.02
CA TRP D 40 -13.70 25.80 11.39
C TRP D 40 -13.19 24.65 12.22
N TYR D 41 -12.03 24.11 11.82
CA TYR D 41 -11.38 23.02 12.53
C TYR D 41 -9.94 23.32 12.93
N LEU D 42 -9.54 22.87 14.11
CA LEU D 42 -8.14 22.92 14.56
C LEU D 42 -7.49 21.55 14.40
N GLN D 43 -6.33 21.51 13.77
CA GLN D 43 -5.56 20.28 13.72
C GLN D 43 -4.23 20.43 14.45
N LYS D 44 -4.24 20.15 15.75
CA LYS D 44 -3.04 20.24 16.54
C LYS D 44 -2.05 19.22 16.00
N PRO D 45 -0.74 19.56 15.99
CA PRO D 45 0.32 18.70 15.42
C PRO D 45 0.16 17.24 15.77
N GLY D 46 0.05 16.41 14.73
CA GLY D 46 -0.08 14.97 14.89
C GLY D 46 -1.35 14.52 15.57
N GLN D 47 -2.45 15.23 15.35
CA GLN D 47 -3.75 14.78 15.85
C GLN D 47 -4.81 14.81 14.75
N ALA D 48 -5.99 14.30 15.08
CA ALA D 48 -7.14 14.44 14.19
C ALA D 48 -7.68 15.85 14.32
N PRO D 49 -8.25 16.38 13.24
CA PRO D 49 -8.87 17.69 13.30
C PRO D 49 -9.90 17.72 14.41
N GLN D 50 -10.01 18.81 15.15
CA GLN D 50 -11.10 18.91 16.12
C GLN D 50 -11.98 20.09 15.76
N LEU D 51 -13.29 19.91 15.89
CA LEU D 51 -14.25 20.91 15.46
C LEU D 51 -14.18 22.12 16.35
N LEU D 52 -14.23 23.29 15.76
CA LEU D 52 -14.25 24.53 16.53
C LEU D 52 -15.60 25.17 16.38
N ILE D 53 -15.97 25.46 15.13
CA ILE D 53 -17.19 26.20 14.83
C ILE D 53 -17.93 25.64 13.63
N TYR D 54 -19.23 25.36 13.81
CA TYR D 54 -20.07 24.91 12.71
C TYR D 54 -21.11 25.97 12.41
N LEU D 55 -21.74 25.84 11.25
CA LEU D 55 -22.78 26.79 10.81
C LEU D 55 -22.26 28.21 10.88
N GLY D 56 -21.04 28.39 10.37
CA GLY D 56 -20.43 29.69 10.20
C GLY D 56 -20.13 30.48 11.46
N SER D 57 -20.93 30.30 12.50
CA SER D 57 -20.88 31.21 13.63
C SER D 57 -21.20 30.57 14.98
N THR D 58 -21.39 29.27 15.03
CA THR D 58 -21.75 28.63 16.29
C THR D 58 -20.63 27.74 16.83
N ARG D 59 -20.17 28.06 18.03
CA ARG D 59 -19.04 27.35 18.62
C ARG D 59 -19.52 26.01 19.18
N ALA D 60 -18.74 24.96 18.98
CA ALA D 60 -19.10 23.61 19.40
C ALA D 60 -19.04 23.41 20.90
N SER D 61 -19.51 22.25 21.34
CA SER D 61 -19.49 21.93 22.74
C SER D 61 -18.07 21.69 23.20
N GLY D 62 -17.59 22.54 24.10
CA GLY D 62 -16.27 22.36 24.67
C GLY D 62 -15.34 23.47 24.24
N VAL D 63 -15.55 23.99 23.04
CA VAL D 63 -14.74 25.08 22.53
C VAL D 63 -14.80 26.27 23.48
N PRO D 64 -13.62 26.85 23.82
CA PRO D 64 -13.54 28.03 24.69
C PRO D 64 -14.25 29.25 24.09
N ASP D 65 -14.73 30.10 24.99
CA ASP D 65 -15.29 31.42 24.66
C ASP D 65 -14.51 32.18 23.59
N ARG D 66 -13.18 32.14 23.72
CA ARG D 66 -12.25 32.95 22.94
C ARG D 66 -12.37 32.71 21.43
N PHE D 67 -13.02 31.62 21.06
CA PHE D 67 -13.20 31.30 19.67
C PHE D 67 -14.57 31.78 19.23
N SER D 68 -14.57 32.49 18.11
CA SER D 68 -15.80 33.04 17.56
C SER D 68 -15.70 33.08 16.05
N GLY D 69 -16.78 32.71 15.39
CA GLY D 69 -16.79 32.72 13.95
C GLY D 69 -17.83 33.71 13.46
N SER D 70 -17.46 34.49 12.46
CA SER D 70 -18.38 35.44 11.86
C SER D 70 -18.29 35.40 10.35
N GLY D 71 -19.11 36.21 9.71
CA GLY D 71 -19.22 36.20 8.27
C GLY D 71 -20.57 35.72 7.78
N SER D 72 -20.77 35.91 6.49
CA SER D 72 -21.97 35.46 5.81
C SER D 72 -21.71 35.49 4.30
N GLY D 73 -22.61 34.92 3.52
CA GLY D 73 -22.43 34.95 2.09
C GLY D 73 -21.19 34.20 1.66
N THR D 74 -20.16 34.90 1.22
CA THR D 74 -18.95 34.24 0.72
C THR D 74 -17.64 34.63 1.44
N ASP D 75 -17.72 35.56 2.37
CA ASP D 75 -16.52 35.94 3.12
C ASP D 75 -16.67 35.64 4.62
N PHE D 76 -15.68 34.95 5.18
CA PHE D 76 -15.77 34.47 6.57
C PHE D 76 -14.49 34.67 7.40
N THR D 77 -14.68 34.77 8.71
CA THR D 77 -13.57 35.05 9.60
C THR D 77 -13.68 34.34 10.96
N LEU D 78 -12.69 33.49 11.21
CA LEU D 78 -12.46 32.90 12.52
C LEU D 78 -11.61 33.83 13.34
N LYS D 79 -12.01 34.07 14.57
CA LYS D 79 -11.28 34.98 15.42
C LYS D 79 -11.03 34.39 16.79
N ILE D 80 -9.76 34.41 17.19
CA ILE D 80 -9.40 34.14 18.57
C ILE D 80 -9.12 35.46 19.28
N SER D 81 -9.89 35.75 20.32
CA SER D 81 -9.80 37.03 21.02
C SER D 81 -8.47 37.15 21.76
N ARG D 82 -8.12 36.11 22.51
CA ARG D 82 -6.85 36.07 23.20
C ARG D 82 -6.18 34.71 23.03
N VAL D 83 -5.17 34.67 22.17
CA VAL D 83 -4.46 33.44 21.86
C VAL D 83 -3.76 32.86 23.11
N GLU D 84 -3.73 31.54 23.22
CA GLU D 84 -2.94 30.87 24.25
C GLU D 84 -1.87 30.02 23.59
N ALA D 85 -0.86 29.61 24.38
CA ALA D 85 0.27 28.86 23.84
C ALA D 85 -0.17 27.59 23.11
N GLU D 86 -1.35 27.12 23.49
CA GLU D 86 -1.86 25.82 23.05
C GLU D 86 -2.79 25.94 21.85
N ASP D 87 -3.07 27.16 21.42
CA ASP D 87 -3.85 27.34 20.21
C ASP D 87 -3.00 27.08 18.97
N VAL D 88 -1.74 26.72 19.19
CA VAL D 88 -0.80 26.50 18.10
C VAL D 88 -1.21 25.23 17.34
N GLY D 89 -1.14 25.31 16.01
CA GLY D 89 -1.54 24.24 15.14
C GLY D 89 -1.95 24.78 13.79
N VAL D 90 -2.70 24.00 13.04
CA VAL D 90 -3.20 24.46 11.75
C VAL D 90 -4.71 24.56 11.73
N TYR D 91 -5.24 25.70 11.31
CA TYR D 91 -6.66 25.93 11.25
C TYR D 91 -7.16 25.77 9.81
N TYR D 92 -8.15 24.89 9.64
CA TYR D 92 -8.82 24.71 8.35
C TYR D 92 -10.29 25.15 8.40
N CYS D 93 -10.77 25.70 7.30
CA CYS D 93 -12.20 25.93 7.14
C CYS D 93 -12.75 24.96 6.10
N MET D 94 -13.94 24.41 6.37
CA MET D 94 -14.58 23.48 5.46
C MET D 94 -16.01 23.88 5.20
N GLN D 95 -16.48 23.69 3.96
CA GLN D 95 -17.88 23.83 3.64
C GLN D 95 -18.47 22.48 3.30
N PRO D 96 -19.63 22.18 3.88
CA PRO D 96 -20.35 20.94 3.61
C PRO D 96 -21.55 21.18 2.70
N LEU D 97 -21.42 22.06 1.70
CA LEU D 97 -22.58 22.41 0.89
C LEU D 97 -22.54 21.74 -0.45
N GLN D 98 -21.47 21.98 -1.19
CA GLN D 98 -21.26 21.29 -2.45
C GLN D 98 -20.00 20.42 -2.37
N SER D 99 -20.22 19.11 -2.35
CA SER D 99 -19.18 18.17 -1.91
C SER D 99 -18.71 18.58 -0.52
N TYR D 100 -17.45 18.29 -0.21
CA TYR D 100 -16.89 18.72 1.06
C TYR D 100 -15.50 19.26 0.74
N THR D 101 -15.32 20.58 0.83
CA THR D 101 -14.00 21.15 0.52
C THR D 101 -13.43 21.98 1.65
N PHE D 102 -12.10 21.91 1.76
CA PHE D 102 -11.35 22.55 2.84
C PHE D 102 -10.50 23.71 2.32
N GLY D 103 -10.26 24.70 3.18
CA GLY D 103 -9.28 25.74 2.88
C GLY D 103 -7.85 25.17 2.86
N GLN D 104 -6.89 25.96 2.37
CA GLN D 104 -5.51 25.50 2.24
C GLN D 104 -4.88 25.27 3.62
N GLY D 105 -5.51 25.86 4.63
CA GLY D 105 -5.04 25.77 6.00
C GLY D 105 -4.30 27.02 6.42
N THR D 106 -4.20 27.24 7.74
CA THR D 106 -3.49 28.39 8.30
C THR D 106 -2.69 28.02 9.53
N LYS D 107 -1.36 28.08 9.41
CA LYS D 107 -0.46 27.77 10.52
C LYS D 107 -0.32 28.92 11.53
N LEU D 108 -0.77 28.67 12.75
CA LEU D 108 -0.72 29.65 13.81
C LEU D 108 0.51 29.36 14.66
N GLU D 109 1.34 30.37 14.87
CA GLU D 109 2.57 30.21 15.63
C GLU D 109 2.51 31.10 16.83
N ILE D 110 3.18 30.71 17.91
CA ILE D 110 3.25 31.55 19.09
C ILE D 110 4.53 32.37 19.10
N LYS D 111 4.42 33.62 19.56
CA LYS D 111 5.61 34.41 19.80
C LYS D 111 5.98 34.34 21.28
N ARG D 112 7.27 34.19 21.55
CA ARG D 112 7.73 34.28 22.94
C ARG D 112 9.13 34.86 22.99
N THR D 113 9.64 35.09 24.18
CA THR D 113 10.99 35.63 24.34
C THR D 113 12.01 34.66 23.79
N VAL D 114 13.22 35.14 23.51
CA VAL D 114 14.35 34.26 23.20
C VAL D 114 14.56 33.19 24.24
N ALA D 115 14.86 31.99 23.77
CA ALA D 115 15.18 30.92 24.68
C ALA D 115 16.41 30.23 24.16
N ALA D 116 17.45 30.12 24.99
CA ALA D 116 18.67 29.46 24.56
C ALA D 116 18.57 27.96 24.72
N PRO D 117 19.12 27.22 23.75
CA PRO D 117 19.07 25.75 23.79
C PRO D 117 20.03 25.18 24.81
N SER D 118 19.63 24.15 25.56
CA SER D 118 20.58 23.36 26.31
C SER D 118 21.04 22.25 25.37
N VAL D 119 22.34 21.97 25.37
CA VAL D 119 22.92 21.12 24.34
C VAL D 119 23.52 19.80 24.83
N PHE D 120 23.22 18.71 24.12
CA PHE D 120 23.70 17.38 24.46
C PHE D 120 24.33 16.68 23.27
N ILE D 121 25.35 15.88 23.53
CA ILE D 121 25.99 15.14 22.46
C ILE D 121 26.09 13.67 22.84
N PHE D 122 25.73 12.82 21.87
CA PHE D 122 25.67 11.38 22.08
C PHE D 122 26.62 10.60 21.18
N PRO D 123 27.61 9.94 21.80
CA PRO D 123 28.47 9.03 21.03
C PRO D 123 27.74 7.74 20.61
N PRO D 124 28.12 7.16 19.47
CA PRO D 124 27.46 5.99 18.89
C PRO D 124 27.45 4.81 19.85
N SER D 125 26.34 4.09 19.89
CA SER D 125 26.22 2.92 20.73
C SER D 125 27.07 1.77 20.22
N ASP D 126 27.75 1.12 21.16
CA ASP D 126 28.47 -0.12 20.94
C ASP D 126 27.63 -1.12 20.16
N GLU D 127 26.36 -1.16 20.49
CA GLU D 127 25.39 -1.99 19.78
C GLU D 127 25.36 -1.69 18.27
N GLN D 128 25.46 -0.41 17.90
CA GLN D 128 25.39 0.00 16.50
C GLN D 128 26.71 -0.20 15.76
N LEU D 129 27.83 0.04 16.45
CA LEU D 129 29.17 -0.16 15.88
C LEU D 129 29.37 -1.61 15.41
N LYS D 130 28.90 -2.56 16.22
CA LYS D 130 28.79 -3.96 15.83
C LYS D 130 27.76 -4.16 14.71
N SER D 131 27.87 -3.37 13.64
CA SER D 131 26.95 -3.42 12.51
C SER D 131 27.50 -2.48 11.45
N GLY D 132 28.67 -1.91 11.73
CA GLY D 132 29.46 -1.25 10.72
C GLY D 132 29.09 0.19 10.44
N THR D 133 28.20 0.73 11.27
CA THR D 133 27.76 2.10 11.08
C THR D 133 27.95 2.88 12.39
N ALA D 134 28.07 4.21 12.28
CA ALA D 134 28.24 5.05 13.48
C ALA D 134 27.46 6.36 13.39
N SER D 135 26.50 6.54 14.29
CA SER D 135 25.69 7.74 14.30
C SER D 135 25.98 8.59 15.52
N VAL D 136 26.57 9.76 15.29
CA VAL D 136 26.80 10.73 16.36
C VAL D 136 25.65 11.71 16.38
N VAL D 137 24.91 11.69 17.49
CA VAL D 137 23.67 12.44 17.61
C VAL D 137 23.80 13.65 18.52
N CYS D 138 23.22 14.77 18.12
CA CYS D 138 23.32 15.99 18.88
C CYS D 138 21.96 16.61 19.17
N LEU D 139 21.68 16.89 20.45
CA LEU D 139 20.40 17.46 20.84
C LEU D 139 20.46 18.94 21.21
N LEU D 140 19.56 19.73 20.64
CA LEU D 140 19.31 21.10 21.07
C LEU D 140 17.93 21.14 21.69
N ASN D 141 17.86 21.31 23.01
CA ASN D 141 16.60 21.15 23.72
C ASN D 141 15.97 22.45 24.18
N ASN D 142 14.73 22.68 23.81
CA ASN D 142 13.94 23.83 24.29
C ASN D 142 14.55 25.20 24.04
N PHE D 143 14.52 25.63 22.79
CA PHE D 143 15.00 26.95 22.40
C PHE D 143 13.96 27.71 21.57
N TYR D 144 14.16 29.02 21.42
CA TYR D 144 13.34 29.89 20.57
C TYR D 144 14.22 31.06 20.22
N PRO D 145 14.16 31.54 18.97
CA PRO D 145 13.28 31.11 17.88
C PRO D 145 13.80 29.87 17.22
N ARG D 146 13.21 29.55 16.09
CA ARG D 146 13.33 28.23 15.50
C ARG D 146 14.65 28.05 14.77
N GLU D 147 15.24 29.13 14.27
CA GLU D 147 16.44 28.98 13.46
C GLU D 147 17.68 28.78 14.33
N ALA D 148 18.51 27.83 13.90
CA ALA D 148 19.72 27.51 14.61
C ALA D 148 20.75 26.84 13.70
N LYS D 149 22.01 27.18 13.89
CA LYS D 149 23.12 26.62 13.11
C LYS D 149 23.78 25.50 13.89
N VAL D 150 23.84 24.31 13.28
CA VAL D 150 24.50 23.21 13.93
C VAL D 150 25.65 22.73 13.09
N GLN D 151 26.87 22.90 13.60
CA GLN D 151 28.07 22.58 12.84
C GLN D 151 28.85 21.45 13.50
N TRP D 152 29.04 20.36 12.77
CA TRP D 152 29.81 19.23 13.26
C TRP D 152 31.27 19.38 12.95
N LYS D 153 32.14 19.16 13.94
CA LYS D 153 33.59 19.20 13.74
C LYS D 153 34.25 17.95 14.28
N VAL D 154 34.89 17.20 13.40
CA VAL D 154 35.63 16.01 13.83
C VAL D 154 37.14 16.29 13.82
N ASP D 155 37.78 15.95 14.94
CA ASP D 155 39.19 16.24 15.18
C ASP D 155 39.43 17.70 14.82
N ASN D 156 38.53 18.55 15.31
CA ASN D 156 38.39 19.96 14.94
C ASN D 156 38.69 20.17 13.46
N ALA D 157 37.66 19.92 12.67
CA ALA D 157 37.70 19.97 11.23
C ALA D 157 36.29 19.68 10.78
N LEU D 158 35.54 20.70 10.38
CA LEU D 158 34.09 20.54 10.23
C LEU D 158 33.69 19.77 8.99
N GLN D 159 32.48 19.21 9.01
CA GLN D 159 31.98 18.37 7.92
C GLN D 159 31.06 19.12 6.98
N SER D 160 30.57 18.41 5.97
CA SER D 160 29.60 18.97 5.04
C SER D 160 28.85 17.86 4.33
N GLY D 161 27.55 18.05 4.12
CA GLY D 161 26.67 17.06 3.50
C GLY D 161 26.67 15.73 4.23
N ASN D 162 27.00 15.82 5.51
CA ASN D 162 27.42 14.68 6.30
C ASN D 162 26.40 14.39 7.42
N SER D 163 25.77 15.47 7.87
CA SER D 163 24.76 15.40 8.91
C SER D 163 23.42 15.69 8.30
N GLN D 164 22.37 15.50 9.10
CA GLN D 164 21.06 16.08 8.81
C GLN D 164 20.20 16.24 10.07
N GLU D 165 19.41 17.31 10.05
CA GLU D 165 18.66 17.76 11.21
C GLU D 165 17.20 17.36 11.13
N SER D 166 16.52 17.51 12.26
CA SER D 166 15.07 17.41 12.32
C SER D 166 14.56 18.23 13.49
N VAL D 167 13.50 18.99 13.29
CA VAL D 167 13.05 19.90 14.33
C VAL D 167 11.61 19.62 14.72
N THR D 168 11.36 19.57 16.03
CA THR D 168 10.02 19.39 16.58
C THR D 168 9.05 20.50 16.14
N GLU D 169 7.77 20.23 16.38
CA GLU D 169 6.75 21.25 16.21
C GLU D 169 6.79 22.14 17.44
N GLN D 170 6.27 23.35 17.33
CA GLN D 170 6.32 24.29 18.45
C GLN D 170 5.58 23.68 19.60
N ASP D 171 6.19 23.66 20.79
CA ASP D 171 5.54 23.06 21.94
C ASP D 171 4.28 23.83 22.37
N SER D 172 3.29 23.10 22.88
CA SER D 172 2.01 23.70 23.20
C SER D 172 1.96 24.19 24.65
N LYS D 173 3.02 23.93 25.39
CA LYS D 173 3.05 24.41 26.77
C LYS D 173 3.88 25.68 26.85
N ASP D 174 5.13 25.63 26.38
CA ASP D 174 6.05 26.77 26.48
C ASP D 174 6.47 27.37 25.12
N SER D 175 5.80 26.97 24.06
CA SER D 175 6.03 27.50 22.74
C SER D 175 7.49 27.49 22.36
N THR D 176 8.18 26.44 22.74
CA THR D 176 9.57 26.26 22.41
C THR D 176 9.79 25.33 21.22
N TYR D 177 11.02 25.26 20.70
CA TYR D 177 11.38 24.24 19.72
C TYR D 177 12.47 23.35 20.30
N SER D 178 12.69 22.19 19.67
CA SER D 178 13.86 21.36 19.96
C SER D 178 14.36 20.72 18.67
N LEU D 179 15.62 20.32 18.65
CA LEU D 179 16.28 19.98 17.39
C LEU D 179 17.22 18.79 17.54
N SER D 180 17.18 17.88 16.57
CA SER D 180 18.14 16.79 16.50
C SER D 180 18.98 16.86 15.22
N SER D 181 20.31 16.92 15.37
CA SER D 181 21.21 16.76 14.22
C SER D 181 21.99 15.45 14.37
N THR D 182 22.15 14.74 13.25
CA THR D 182 22.75 13.41 13.28
C THR D 182 23.89 13.28 12.31
N LEU D 183 25.10 13.07 12.84
CA LEU D 183 26.28 12.87 12.02
C LEU D 183 26.46 11.39 11.74
N THR D 184 26.31 10.99 10.48
CA THR D 184 26.39 9.57 10.18
C THR D 184 27.71 9.26 9.46
N LEU D 185 28.42 8.28 10.00
CA LEU D 185 29.73 7.86 9.51
C LEU D 185 29.73 6.36 9.31
N SER D 186 30.67 5.86 8.50
CA SER D 186 30.93 4.42 8.46
C SER D 186 31.64 4.06 9.76
N LYS D 187 31.52 2.80 10.21
CA LYS D 187 32.28 2.38 11.38
C LYS D 187 33.75 2.63 11.12
N ALA D 188 34.14 2.44 9.85
CA ALA D 188 35.49 2.68 9.35
C ALA D 188 36.01 4.05 9.76
N ASP D 189 35.47 5.09 9.13
CA ASP D 189 35.91 6.46 9.36
C ASP D 189 35.84 6.88 10.83
N TYR D 190 34.91 6.28 11.59
CA TYR D 190 34.70 6.68 12.98
C TYR D 190 35.90 6.37 13.88
N GLU D 191 36.52 5.21 13.69
CA GLU D 191 37.69 4.81 14.48
C GLU D 191 38.90 5.66 14.14
N LYS D 192 38.92 6.22 12.92
CA LYS D 192 40.05 6.99 12.44
C LYS D 192 40.27 8.31 13.17
N HIS D 193 39.39 8.63 14.12
CA HIS D 193 39.48 9.91 14.85
C HIS D 193 39.12 9.77 16.33
N LYS D 194 39.39 10.79 17.15
CA LYS D 194 39.20 10.66 18.59
C LYS D 194 38.24 11.67 19.21
N VAL D 195 38.26 12.90 18.70
CA VAL D 195 37.39 13.94 19.26
C VAL D 195 36.26 14.36 18.33
N TYR D 196 35.04 14.19 18.82
CA TYR D 196 33.82 14.52 18.09
C TYR D 196 33.08 15.67 18.76
N ALA D 197 32.79 16.72 18.01
CA ALA D 197 32.22 17.93 18.61
C ALA D 197 31.02 18.50 17.86
N CYS D 198 30.15 19.14 18.63
CA CYS D 198 28.90 19.67 18.13
C CYS D 198 28.79 21.14 18.48
N GLU D 199 28.83 21.99 17.46
CA GLU D 199 28.93 23.43 17.69
C GLU D 199 27.72 24.24 17.23
N VAL D 200 26.94 24.71 18.19
CA VAL D 200 25.66 25.31 17.87
C VAL D 200 25.66 26.83 18.07
N THR D 201 25.26 27.54 17.02
CA THR D 201 25.00 28.97 17.10
C THR D 201 23.50 29.25 17.17
N HIS D 202 23.10 30.21 18.02
CA HIS D 202 21.69 30.55 18.21
C HIS D 202 21.50 31.88 18.92
N GLN D 203 20.41 32.54 18.58
CA GLN D 203 20.09 33.86 19.09
C GLN D 203 20.19 34.02 20.62
N GLY D 204 19.88 32.96 21.35
CA GLY D 204 19.88 33.05 22.80
C GLY D 204 21.25 32.81 23.40
N LEU D 205 22.24 32.62 22.52
CA LEU D 205 23.62 32.36 22.95
C LEU D 205 24.50 33.55 22.63
N SER D 206 25.21 34.10 23.62
CA SER D 206 26.12 35.23 23.39
C SER D 206 27.19 34.82 22.39
N SER D 207 27.90 33.76 22.73
CA SER D 207 28.92 33.16 21.87
C SER D 207 28.58 31.71 21.70
N PRO D 208 28.93 31.12 20.55
CA PRO D 208 28.65 29.72 20.20
C PRO D 208 29.01 28.69 21.27
N VAL D 209 28.41 27.51 21.17
CA VAL D 209 28.54 26.50 22.19
C VAL D 209 28.97 25.17 21.60
N THR D 210 29.92 24.50 22.23
CA THR D 210 30.35 23.20 21.77
C THR D 210 30.18 22.17 22.87
N LYS D 211 29.71 20.99 22.49
CA LYS D 211 29.80 19.83 23.37
C LYS D 211 30.56 18.75 22.61
N SER D 212 31.51 18.08 23.26
CA SER D 212 32.31 17.10 22.55
C SER D 212 32.65 15.87 23.39
N PHE D 213 33.30 14.88 22.78
CA PHE D 213 33.75 13.70 23.52
C PHE D 213 35.02 13.04 22.93
N ASN D 214 35.45 11.95 23.58
CA ASN D 214 36.61 11.16 23.18
C ASN D 214 36.30 9.68 22.96
N ARG D 215 37.01 9.06 22.04
CA ARG D 215 36.89 7.62 21.92
C ARG D 215 37.80 6.92 22.93
N GLU E 1 -17.69 7.12 26.80
CA GLU E 1 -17.05 8.00 25.83
C GLU E 1 -17.54 7.70 24.39
N VAL E 2 -17.89 8.76 23.66
CA VAL E 2 -18.21 8.67 22.23
C VAL E 2 -16.99 8.88 21.33
N GLN E 3 -16.68 7.90 20.48
CA GLN E 3 -15.47 8.02 19.69
C GLN E 3 -15.49 7.14 18.46
N LEU E 4 -14.50 7.35 17.61
CA LEU E 4 -14.25 6.47 16.47
C LEU E 4 -12.86 5.94 16.61
N VAL E 5 -12.71 4.62 16.57
CA VAL E 5 -11.38 4.07 16.50
C VAL E 5 -11.25 3.30 15.21
N GLY E 6 -10.23 3.64 14.42
CA GLY E 6 -10.05 3.03 13.11
C GLY E 6 -8.81 2.18 13.08
N SER E 7 -8.72 1.30 12.10
CA SER E 7 -7.64 0.35 12.03
C SER E 7 -7.52 -0.20 10.63
N GLY E 8 -6.62 -1.16 10.45
CA GLY E 8 -6.30 -1.62 9.12
C GLY E 8 -5.31 -0.64 8.55
N GLY E 9 -5.11 -0.69 7.25
CA GLY E 9 -4.10 0.17 6.67
C GLY E 9 -2.71 -0.34 6.97
N GLY E 10 -1.70 0.43 6.59
CA GLY E 10 -0.32 -0.03 6.61
C GLY E 10 0.32 0.05 5.23
N LEU E 11 1.29 -0.81 4.95
CA LEU E 11 1.96 -0.81 3.65
C LEU E 11 1.21 -1.69 2.64
N ILE E 12 1.08 -1.21 1.41
CA ILE E 12 0.35 -1.94 0.39
C ILE E 12 0.87 -1.61 -1.02
N GLN E 13 1.18 -2.64 -1.82
CA GLN E 13 1.89 -2.41 -3.08
C GLN E 13 0.95 -1.75 -4.07
N PRO E 14 1.50 -1.02 -5.04
CA PRO E 14 0.66 -0.32 -6.02
C PRO E 14 -0.23 -1.29 -6.79
N GLY E 15 -1.49 -0.92 -7.02
CA GLY E 15 -2.43 -1.81 -7.68
C GLY E 15 -3.24 -2.63 -6.68
N GLY E 16 -2.59 -3.04 -5.59
CA GLY E 16 -3.23 -3.80 -4.53
C GLY E 16 -4.46 -3.13 -3.91
N SER E 17 -5.21 -3.91 -3.15
CA SER E 17 -6.41 -3.40 -2.49
C SER E 17 -6.26 -3.45 -0.99
N LEU E 18 -7.06 -2.67 -0.27
CA LEU E 18 -6.89 -2.52 1.18
C LEU E 18 -8.16 -1.96 1.85
N ARG E 19 -8.54 -2.53 2.99
CA ARG E 19 -9.76 -2.11 3.67
C ARG E 19 -9.44 -1.40 4.98
N LEU E 20 -9.96 -0.19 5.13
CA LEU E 20 -9.81 0.55 6.38
C LEU E 20 -11.05 0.34 7.22
N SER E 21 -10.87 0.04 8.49
CA SER E 21 -12.00 -0.16 9.36
C SER E 21 -12.11 1.06 10.24
N CYS E 22 -13.21 1.15 10.96
CA CYS E 22 -13.43 2.23 11.89
C CYS E 22 -14.69 1.96 12.70
N ALA E 23 -14.57 1.88 14.02
CA ALA E 23 -15.69 1.43 14.83
C ALA E 23 -16.17 2.48 15.81
N ALA E 24 -17.50 2.60 15.91
CA ALA E 24 -18.11 3.59 16.77
C ALA E 24 -18.22 3.17 18.24
N SER E 25 -18.48 4.13 19.10
CA SER E 25 -18.67 3.85 20.52
C SER E 25 -19.68 4.84 21.05
N ASP E 26 -20.74 4.29 21.63
CA ASP E 26 -21.82 5.04 22.28
C ASP E 26 -22.64 5.85 21.26
N PHE E 27 -22.65 5.38 20.01
CA PHE E 27 -23.57 5.87 18.99
C PHE E 27 -23.58 4.90 17.80
N SER E 28 -24.62 4.94 16.99
CA SER E 28 -24.75 3.98 15.90
C SER E 28 -24.31 4.52 14.55
N VAL E 29 -23.36 3.84 13.91
CA VAL E 29 -22.80 4.31 12.66
C VAL E 29 -23.88 4.32 11.56
N SER E 30 -24.99 3.66 11.84
CA SER E 30 -26.08 3.58 10.89
C SER E 30 -27.01 4.79 11.03
N GLU E 31 -26.77 5.62 12.04
CA GLU E 31 -27.71 6.68 12.42
C GLU E 31 -27.18 8.09 12.19
N TYR E 32 -26.05 8.20 11.49
CA TYR E 32 -25.46 9.49 11.14
C TYR E 32 -24.87 9.43 9.74
N TYR E 33 -24.73 10.59 9.11
CA TYR E 33 -23.91 10.66 7.93
C TYR E 33 -22.44 10.39 8.30
N MET E 34 -21.72 9.63 7.51
CA MET E 34 -20.33 9.39 7.84
C MET E 34 -19.42 9.77 6.66
N THR E 35 -18.22 10.25 6.96
CA THR E 35 -17.29 10.72 5.93
C THR E 35 -15.91 10.11 6.09
N TRP E 36 -15.18 10.03 4.98
CA TRP E 36 -13.78 9.68 5.03
C TRP E 36 -12.98 10.86 4.50
N VAL E 37 -12.10 11.42 5.34
CA VAL E 37 -11.20 12.51 4.96
C VAL E 37 -9.76 12.05 5.05
N ARG E 38 -8.95 12.30 4.03
CA ARG E 38 -7.54 11.92 4.13
C ARG E 38 -6.63 13.14 4.14
N GLN E 39 -5.35 12.89 4.34
CA GLN E 39 -4.38 13.96 4.37
C GLN E 39 -3.00 13.46 3.93
N ALA E 40 -2.58 13.86 2.72
CA ALA E 40 -1.29 13.45 2.17
C ALA E 40 -0.18 13.99 3.07
N PRO E 41 0.99 13.34 3.08
CA PRO E 41 2.07 13.78 3.96
C PRO E 41 2.41 15.25 3.71
N GLY E 42 2.38 16.06 4.76
CA GLY E 42 2.70 17.47 4.63
C GLY E 42 1.57 18.30 4.07
N LYS E 43 0.85 17.77 3.10
CA LYS E 43 -0.25 18.50 2.50
C LYS E 43 -1.45 18.58 3.47
N GLY E 44 -2.57 19.12 2.99
CA GLY E 44 -3.69 19.42 3.85
C GLY E 44 -4.83 18.43 3.74
N LEU E 45 -6.01 18.84 4.20
CA LEU E 45 -7.17 17.97 4.30
C LEU E 45 -7.94 17.80 2.99
N GLU E 46 -8.19 16.55 2.61
CA GLU E 46 -8.94 16.23 1.39
C GLU E 46 -10.08 15.27 1.70
N TRP E 47 -11.30 15.67 1.38
CA TRP E 47 -12.45 14.77 1.54
C TRP E 47 -12.39 13.67 0.50
N VAL E 48 -12.94 12.51 0.84
CA VAL E 48 -12.82 11.33 -0.01
C VAL E 48 -14.16 10.63 -0.27
N ALA E 49 -14.95 10.42 0.76
CA ALA E 49 -16.18 9.65 0.61
C ALA E 49 -17.18 9.97 1.69
N VAL E 50 -18.45 9.95 1.32
CA VAL E 50 -19.52 10.10 2.32
C VAL E 50 -20.58 8.99 2.17
N LEU E 51 -21.08 8.50 3.29
CA LEU E 51 -22.13 7.49 3.30
C LEU E 51 -23.26 8.03 4.13
N TYR E 52 -24.39 8.29 3.48
CA TYR E 52 -25.54 8.86 4.18
C TYR E 52 -26.40 7.79 4.83
N LYS E 53 -27.02 8.14 5.97
CA LYS E 53 -27.91 7.24 6.67
C LYS E 53 -28.98 6.88 5.66
N ASP E 54 -29.36 7.90 4.89
CA ASP E 54 -30.34 7.77 3.81
C ASP E 54 -29.77 6.91 2.65
N GLY E 55 -29.14 5.77 3.00
CA GLY E 55 -28.60 4.79 2.05
C GLY E 55 -27.38 5.07 1.17
N SER E 56 -27.34 6.27 0.60
CA SER E 56 -26.47 6.63 -0.55
C SER E 56 -24.96 6.81 -0.33
N GLN E 57 -24.23 6.84 -1.44
CA GLN E 57 -22.78 6.96 -1.41
C GLN E 57 -22.25 7.86 -2.51
N PHE E 58 -21.31 8.73 -2.17
CA PHE E 58 -20.63 9.56 -3.18
C PHE E 58 -19.14 9.80 -2.88
N TYR E 59 -18.36 9.98 -3.93
CA TYR E 59 -16.91 9.93 -3.81
C TYR E 59 -16.27 11.13 -4.49
N ALA E 60 -15.13 11.57 -3.96
CA ALA E 60 -14.29 12.56 -4.64
C ALA E 60 -13.90 12.03 -6.01
N PRO E 61 -13.76 12.93 -7.00
CA PRO E 61 -13.47 12.48 -8.36
C PRO E 61 -12.16 11.70 -8.45
N SER E 62 -11.18 12.10 -7.65
CA SER E 62 -9.85 11.48 -7.69
C SER E 62 -9.84 9.99 -7.40
N VAL E 63 -10.86 9.51 -6.70
CA VAL E 63 -10.89 8.12 -6.30
C VAL E 63 -12.06 7.34 -6.91
N LYS E 64 -13.14 8.04 -7.27
CA LYS E 64 -14.42 7.40 -7.63
C LYS E 64 -14.24 6.19 -8.53
N GLY E 65 -14.75 5.06 -8.06
CA GLY E 65 -14.66 3.82 -8.78
C GLY E 65 -13.46 3.00 -8.35
N ARG E 66 -12.90 3.38 -7.21
CA ARG E 66 -11.80 2.63 -6.62
C ARG E 66 -12.06 2.47 -5.14
N PHE E 67 -12.76 3.42 -4.56
CA PHE E 67 -13.11 3.32 -3.15
C PHE E 67 -14.59 2.97 -3.00
N ILE E 68 -14.96 2.45 -1.84
CA ILE E 68 -16.34 2.06 -1.53
C ILE E 68 -16.61 2.28 -0.05
N VAL E 69 -17.71 2.96 0.29
CA VAL E 69 -18.11 3.10 1.69
C VAL E 69 -19.21 2.14 2.13
N SER E 70 -18.88 1.26 3.05
CA SER E 70 -19.83 0.31 3.56
C SER E 70 -19.96 0.53 5.06
N ARG E 71 -21.09 0.11 5.62
CA ARG E 71 -21.18 0.04 7.07
C ARG E 71 -21.62 -1.36 7.48
N ASP E 72 -21.46 -1.68 8.76
CA ASP E 72 -21.97 -2.95 9.29
C ASP E 72 -22.83 -2.71 10.54
N ASN E 73 -24.15 -2.81 10.35
CA ASN E 73 -25.14 -2.54 11.41
C ASN E 73 -24.94 -3.36 12.67
N SER E 74 -24.37 -4.54 12.53
CA SER E 74 -24.14 -5.40 13.68
C SER E 74 -22.75 -5.17 14.31
N LYS E 75 -21.76 -4.79 13.50
CA LYS E 75 -20.41 -4.63 13.99
C LYS E 75 -20.15 -3.18 14.39
N ASN E 76 -21.14 -2.33 14.09
CA ASN E 76 -21.07 -0.89 14.34
C ASN E 76 -19.78 -0.30 13.80
N SER E 77 -19.54 -0.57 12.52
CA SER E 77 -18.31 -0.18 11.88
C SER E 77 -18.59 0.52 10.57
N LEU E 78 -17.65 1.36 10.18
CA LEU E 78 -17.69 2.03 8.89
C LEU E 78 -16.44 1.53 8.15
N TYR E 79 -16.59 1.27 6.86
CA TYR E 79 -15.51 0.64 6.11
C TYR E 79 -15.14 1.48 4.89
N LEU E 80 -13.87 1.45 4.51
CA LEU E 80 -13.45 2.09 3.28
C LEU E 80 -12.63 1.09 2.49
N GLN E 81 -13.28 0.44 1.53
CA GLN E 81 -12.61 -0.49 0.65
C GLN E 81 -11.85 0.30 -0.38
N MET E 82 -10.53 0.17 -0.42
CA MET E 82 -9.72 0.92 -1.35
C MET E 82 -9.06 0.02 -2.39
N ASN E 83 -9.49 0.18 -3.64
CA ASN E 83 -9.06 -0.74 -4.70
C ASN E 83 -8.16 -0.08 -5.73
N ASN E 84 -7.18 -0.84 -6.21
CA ASN E 84 -6.23 -0.34 -7.20
C ASN E 84 -5.57 0.97 -6.76
N LEU E 85 -4.60 0.84 -5.87
CA LEU E 85 -4.07 2.01 -5.20
C LEU E 85 -2.90 2.60 -5.94
N ARG E 86 -2.99 3.90 -6.21
CA ARG E 86 -1.91 4.67 -6.79
C ARG E 86 -1.13 5.28 -5.63
N GLY E 87 0.11 5.70 -5.86
CA GLY E 87 0.91 6.37 -4.84
C GLY E 87 0.23 7.64 -4.37
N GLU E 88 -0.51 8.28 -5.28
CA GLU E 88 -1.29 9.48 -4.96
C GLU E 88 -2.27 9.24 -3.80
N ASP E 89 -2.43 7.97 -3.42
CA ASP E 89 -3.34 7.58 -2.35
C ASP E 89 -2.68 7.50 -0.99
N THR E 90 -1.35 7.41 -0.93
CA THR E 90 -0.69 7.29 0.38
C THR E 90 -0.92 8.57 1.18
N ALA E 91 -1.53 8.39 2.34
CA ALA E 91 -1.91 9.49 3.19
C ALA E 91 -2.40 8.95 4.52
N VAL E 92 -2.94 9.83 5.35
CA VAL E 92 -3.56 9.41 6.58
C VAL E 92 -5.08 9.56 6.45
N TYR E 93 -5.78 8.48 6.74
CA TYR E 93 -7.24 8.45 6.53
C TYR E 93 -8.00 8.63 7.82
N PHE E 94 -8.88 9.63 7.82
CA PHE E 94 -9.72 9.92 8.99
C PHE E 94 -11.18 9.64 8.64
N CYS E 95 -11.83 8.75 9.37
CA CYS E 95 -13.27 8.67 9.26
C CYS E 95 -13.83 9.69 10.21
N ALA E 96 -14.98 10.23 9.88
CA ALA E 96 -15.57 11.28 10.69
C ALA E 96 -17.09 11.23 10.63
N ARG E 97 -17.72 11.46 11.77
CA ARG E 97 -19.16 11.50 11.86
C ARG E 97 -19.68 12.89 11.59
N GLU E 98 -20.26 13.10 10.41
CA GLU E 98 -20.93 14.35 10.12
C GLU E 98 -22.26 14.37 10.85
N ASN E 99 -22.34 15.08 11.97
CA ASN E 99 -23.54 15.09 12.79
C ASN E 99 -24.61 15.94 12.17
N ALA E 100 -25.19 15.44 11.08
CA ALA E 100 -26.18 16.20 10.33
C ALA E 100 -27.17 15.31 9.63
N ASP E 101 -28.41 15.80 9.58
CA ASP E 101 -29.48 15.17 8.83
C ASP E 101 -30.14 16.26 8.00
N TYR E 102 -29.93 16.25 6.68
CA TYR E 102 -30.51 17.25 5.80
C TYR E 102 -32.02 17.05 5.69
N GLY E 103 -32.47 15.86 6.11
CA GLY E 103 -33.89 15.56 6.26
C GLY E 103 -34.56 16.65 7.07
N SER E 104 -34.33 16.66 8.38
CA SER E 104 -34.63 17.83 9.20
C SER E 104 -33.68 18.96 8.77
N ASP E 105 -33.69 20.10 9.44
CA ASP E 105 -32.78 21.14 8.99
C ASP E 105 -31.39 21.02 9.61
N TYR E 106 -31.34 20.43 10.79
CA TYR E 106 -30.18 20.56 11.67
C TYR E 106 -28.85 20.15 11.03
N TYR E 107 -27.78 20.76 11.55
CA TYR E 107 -26.40 20.46 11.16
C TYR E 107 -25.48 20.83 12.34
N PHE E 108 -24.45 20.02 12.59
CA PHE E 108 -23.56 20.24 13.73
C PHE E 108 -22.08 19.96 13.45
N GLY E 109 -21.69 19.95 12.17
CA GLY E 109 -20.31 19.77 11.75
C GLY E 109 -19.74 18.37 11.89
N MET E 110 -18.52 18.17 11.42
CA MET E 110 -17.78 16.96 11.73
C MET E 110 -17.59 16.86 13.23
N ASP E 111 -18.52 16.17 13.87
CA ASP E 111 -18.59 16.09 15.33
C ASP E 111 -17.50 15.23 15.97
N VAL E 112 -17.31 14.04 15.38
CA VAL E 112 -16.35 13.06 15.88
C VAL E 112 -15.38 12.63 14.79
N TRP E 113 -14.08 12.55 15.10
CA TRP E 113 -13.12 12.02 14.15
C TRP E 113 -12.37 10.81 14.76
N GLY E 114 -11.76 9.98 13.92
CA GLY E 114 -10.98 8.87 14.41
C GLY E 114 -9.54 9.31 14.55
N GLN E 115 -8.69 8.51 15.17
CA GLN E 115 -7.31 8.92 15.38
C GLN E 115 -6.54 9.05 14.08
N GLY E 116 -7.04 8.42 13.03
CA GLY E 116 -6.38 8.44 11.73
C GLY E 116 -5.43 7.28 11.50
N THR E 117 -5.62 6.54 10.40
CA THR E 117 -4.76 5.40 10.12
C THR E 117 -4.01 5.67 8.84
N ALA E 118 -2.75 5.22 8.80
CA ALA E 118 -1.85 5.56 7.70
C ALA E 118 -1.80 4.48 6.64
N VAL E 119 -1.82 4.93 5.40
CA VAL E 119 -1.69 4.06 4.24
C VAL E 119 -0.48 4.45 3.40
N ALA E 120 0.35 3.47 3.07
CA ALA E 120 1.54 3.71 2.25
C ALA E 120 1.55 2.83 1.01
N VAL E 121 1.30 3.41 -0.15
CA VAL E 121 1.41 2.68 -1.38
C VAL E 121 2.88 2.65 -1.83
N SER E 122 3.44 1.45 -2.00
CA SER E 122 4.86 1.35 -2.34
C SER E 122 5.32 0.00 -2.92
N SER E 123 6.23 0.07 -3.88
CA SER E 123 6.82 -1.12 -4.47
C SER E 123 7.61 -1.90 -3.43
N ALA E 124 8.17 -1.17 -2.48
CA ALA E 124 9.20 -1.73 -1.61
C ALA E 124 8.62 -2.55 -0.47
N SER E 125 9.40 -3.53 -0.02
CA SER E 125 9.04 -4.36 1.13
C SER E 125 9.25 -3.62 2.42
N THR E 126 8.64 -4.09 3.48
CA THR E 126 8.80 -3.46 4.78
C THR E 126 10.16 -3.72 5.33
N LYS E 127 10.57 -2.88 6.26
CA LYS E 127 11.75 -3.13 7.06
C LYS E 127 11.51 -2.54 8.43
N GLY E 128 11.71 -3.35 9.46
CA GLY E 128 11.55 -2.90 10.83
C GLY E 128 12.83 -2.27 11.35
N PRO E 129 12.70 -1.38 12.35
CA PRO E 129 13.84 -0.54 12.78
C PRO E 129 14.78 -1.18 13.78
N SER E 130 16.04 -0.81 13.74
CA SER E 130 16.94 -1.10 14.85
C SER E 130 16.70 -0.03 15.88
N VAL E 131 16.68 -0.42 17.15
CA VAL E 131 16.59 0.57 18.21
C VAL E 131 17.89 0.51 18.99
N PHE E 132 18.47 1.67 19.22
CA PHE E 132 19.71 1.79 19.98
C PHE E 132 19.58 2.81 21.09
N PRO E 133 20.27 2.58 22.22
CA PRO E 133 20.11 3.48 23.37
C PRO E 133 20.92 4.75 23.23
N LEU E 134 20.28 5.88 23.58
CA LEU E 134 20.98 7.15 23.74
C LEU E 134 21.21 7.34 25.24
N ALA E 135 22.48 7.30 25.66
CA ALA E 135 22.79 7.16 27.08
C ALA E 135 23.34 8.42 27.73
N PRO E 136 22.83 8.76 28.94
CA PRO E 136 23.13 10.01 29.66
C PRO E 136 24.60 10.09 30.14
N SER E 137 25.06 11.30 30.45
CA SER E 137 26.47 11.57 30.81
C SER E 137 26.66 13.02 31.30
N GLY E 144 22.40 20.58 35.78
CA GLY E 144 21.56 19.91 36.77
C GLY E 144 20.93 18.57 36.36
N THR E 145 19.79 18.63 35.67
CA THR E 145 19.10 17.46 35.10
C THR E 145 19.80 16.88 33.88
N ALA E 146 19.41 15.67 33.49
CA ALA E 146 20.08 14.97 32.39
C ALA E 146 19.10 14.48 31.33
N ALA E 147 19.67 14.11 30.18
CA ALA E 147 18.87 13.67 29.04
C ALA E 147 19.28 12.29 28.50
N LEU E 148 18.29 11.46 28.21
CA LEU E 148 18.52 10.17 27.57
C LEU E 148 17.47 9.97 26.48
N GLY E 149 17.71 8.97 25.62
CA GLY E 149 16.79 8.68 24.53
C GLY E 149 16.98 7.37 23.80
N CYS E 150 16.26 7.24 22.71
CA CYS E 150 16.33 6.07 21.85
C CYS E 150 16.61 6.52 20.43
N LEU E 151 17.42 5.74 19.73
CA LEU E 151 17.64 5.97 18.31
C LEU E 151 16.92 4.92 17.47
N VAL E 152 16.01 5.35 16.60
CA VAL E 152 15.23 4.40 15.85
C VAL E 152 15.67 4.45 14.39
N LYS E 153 16.63 3.59 14.04
CA LYS E 153 17.26 3.66 12.73
C LYS E 153 16.75 2.67 11.67
N ASP E 154 16.72 3.12 10.41
CA ASP E 154 16.51 2.28 9.22
C ASP E 154 15.21 1.51 9.16
N TYR E 155 14.09 2.19 8.95
CA TYR E 155 12.85 1.49 8.79
C TYR E 155 12.04 2.04 7.62
N PHE E 156 10.96 1.34 7.26
CA PHE E 156 10.08 1.74 6.17
C PHE E 156 8.86 0.86 6.18
N PRO E 157 7.66 1.44 6.02
CA PRO E 157 7.46 2.88 5.85
C PRO E 157 7.12 3.55 7.18
N GLU E 158 6.93 4.87 7.13
CA GLU E 158 6.29 5.59 8.21
C GLU E 158 4.83 5.10 8.33
N PRO E 159 4.26 5.15 9.54
CA PRO E 159 4.78 5.70 10.78
C PRO E 159 5.35 4.67 11.71
N VAL E 160 6.05 5.16 12.73
CA VAL E 160 6.54 4.35 13.84
C VAL E 160 6.14 5.08 15.12
N THR E 161 5.70 4.33 16.13
CA THR E 161 5.19 4.99 17.32
C THR E 161 6.08 4.70 18.52
N VAL E 162 6.52 5.77 19.18
CA VAL E 162 7.42 5.64 20.32
C VAL E 162 6.77 6.19 21.56
N SER E 163 7.02 5.52 22.68
CA SER E 163 6.60 6.03 23.98
C SER E 163 7.58 5.52 25.04
N TRP E 164 7.45 6.05 26.26
CA TRP E 164 8.37 5.70 27.34
C TRP E 164 7.59 5.13 28.52
N ASN E 165 8.09 4.02 29.06
CA ASN E 165 7.43 3.31 30.16
C ASN E 165 5.93 3.13 29.89
N SER E 166 5.65 2.63 28.68
CA SER E 166 4.31 2.24 28.27
C SER E 166 3.24 3.35 28.35
N GLY E 167 3.66 4.59 28.17
CA GLY E 167 2.75 5.74 28.20
C GLY E 167 2.80 6.53 29.51
N ALA E 168 3.56 6.01 30.48
CA ALA E 168 3.65 6.58 31.82
C ALA E 168 4.30 7.94 31.81
N LEU E 169 5.54 7.95 31.34
CA LEU E 169 6.37 9.13 31.23
C LEU E 169 6.02 9.98 30.00
N THR E 170 5.35 11.11 30.21
CA THR E 170 4.97 11.95 29.07
C THR E 170 5.75 13.25 29.12
N SER E 171 5.46 14.10 30.10
CA SER E 171 6.09 15.42 30.13
C SER E 171 7.60 15.27 30.07
N SER E 172 8.24 16.20 29.35
CA SER E 172 9.69 16.29 29.08
C SER E 172 10.18 15.40 27.92
N VAL E 173 9.22 14.84 27.19
CA VAL E 173 9.53 13.90 26.11
C VAL E 173 9.41 14.59 24.75
N HIS E 174 10.29 14.19 23.85
CA HIS E 174 10.36 14.79 22.54
C HIS E 174 10.61 13.72 21.46
N THR E 175 9.58 13.32 20.73
CA THR E 175 9.82 12.40 19.63
C THR E 175 9.92 13.18 18.35
N PHE E 176 11.09 13.17 17.74
CA PHE E 176 11.33 13.94 16.52
C PHE E 176 10.70 13.34 15.29
N PRO E 177 10.32 14.19 14.34
CA PRO E 177 9.96 13.78 12.98
C PRO E 177 11.03 12.89 12.38
N ALA E 178 10.61 11.90 11.60
CA ALA E 178 11.57 11.01 10.99
C ALA E 178 12.32 11.76 9.91
N VAL E 179 13.56 11.36 9.64
CA VAL E 179 14.36 11.97 8.59
C VAL E 179 14.63 10.95 7.51
N LEU E 180 14.59 11.38 6.25
CA LEU E 180 14.88 10.44 5.18
C LEU E 180 16.38 10.29 4.96
N GLN E 181 16.85 9.05 5.08
CA GLN E 181 18.24 8.71 4.89
C GLN E 181 18.55 8.38 3.43
N SER E 182 19.82 8.55 3.07
CA SER E 182 20.33 8.25 1.75
C SER E 182 19.94 6.84 1.28
N SER E 183 19.63 5.98 2.25
CA SER E 183 19.37 4.59 1.97
C SER E 183 17.94 4.35 1.60
N GLY E 184 17.15 5.41 1.50
CA GLY E 184 15.74 5.26 1.20
C GLY E 184 14.92 4.96 2.45
N LEU E 185 15.62 4.66 3.55
CA LEU E 185 14.97 4.27 4.80
C LEU E 185 14.84 5.42 5.80
N TYR E 186 13.71 5.47 6.53
CA TYR E 186 13.49 6.50 7.54
C TYR E 186 14.29 6.21 8.79
N SER E 187 14.43 7.24 9.62
CA SER E 187 15.15 7.13 10.89
C SER E 187 14.80 8.29 11.82
N LEU E 188 14.56 8.01 13.09
CA LEU E 188 14.24 9.04 14.07
C LEU E 188 14.85 8.77 15.41
N SER E 189 14.70 9.75 16.29
CA SER E 189 15.15 9.67 17.67
C SER E 189 14.09 10.25 18.58
N SER E 190 14.03 9.73 19.80
CA SER E 190 13.10 10.20 20.82
C SER E 190 13.90 10.47 22.06
N VAL E 191 13.61 11.55 22.76
CA VAL E 191 14.39 11.91 23.96
C VAL E 191 13.56 12.36 25.16
N VAL E 192 14.11 12.08 26.34
CA VAL E 192 13.55 12.60 27.57
C VAL E 192 14.63 13.24 28.41
N THR E 193 14.26 14.34 29.06
CA THR E 193 15.07 14.98 30.09
C THR E 193 14.48 14.68 31.46
N VAL E 194 15.33 14.16 32.33
CA VAL E 194 14.92 13.79 33.68
C VAL E 194 15.97 14.29 34.67
N PRO E 195 15.60 14.37 35.98
CA PRO E 195 16.61 14.75 36.98
C PRO E 195 17.76 13.74 37.09
N SER E 196 18.99 14.23 37.21
CA SER E 196 20.15 13.34 37.33
C SER E 196 20.10 12.40 38.53
N SER E 197 19.23 12.72 39.47
CA SER E 197 19.06 11.93 40.69
C SER E 197 18.25 10.65 40.46
N SER E 198 17.15 10.76 39.72
CA SER E 198 16.32 9.60 39.42
C SER E 198 16.98 8.72 38.34
N LEU E 199 18.24 9.06 38.01
CA LEU E 199 19.04 8.31 37.05
C LEU E 199 19.42 6.95 37.63
N GLY E 200 19.96 6.96 38.83
CA GLY E 200 20.37 5.72 39.47
C GLY E 200 19.24 4.87 40.02
N THR E 201 17.98 5.30 39.85
CA THR E 201 16.87 4.67 40.55
C THR E 201 15.56 4.52 39.77
N GLN E 202 15.56 4.91 38.49
CA GLN E 202 14.32 4.81 37.71
C GLN E 202 14.54 4.08 36.39
N THR E 203 13.68 3.10 36.12
CA THR E 203 13.72 2.34 34.87
C THR E 203 13.18 3.18 33.71
N TYR E 204 14.07 3.49 32.77
CA TYR E 204 13.69 4.21 31.58
C TYR E 204 13.73 3.29 30.34
N ILE E 205 12.55 2.84 29.91
CA ILE E 205 12.45 1.99 28.74
C ILE E 205 11.60 2.71 27.69
N CYS E 206 12.04 2.69 26.43
CA CYS E 206 11.23 3.26 25.37
C CYS E 206 10.59 2.14 24.56
N ASN E 207 9.33 2.31 24.21
CA ASN E 207 8.64 1.29 23.47
C ASN E 207 8.44 1.72 22.02
N VAL E 208 9.19 1.09 21.13
CA VAL E 208 9.10 1.36 19.71
C VAL E 208 8.16 0.35 19.08
N ASN E 209 7.19 0.81 18.30
CA ASN E 209 6.30 -0.15 17.64
C ASN E 209 6.12 0.23 16.17
N HIS E 210 6.63 -0.62 15.29
CA HIS E 210 6.48 -0.43 13.86
C HIS E 210 5.40 -1.37 13.29
N LYS E 211 4.19 -0.86 13.08
CA LYS E 211 3.06 -1.68 12.63
C LYS E 211 3.37 -2.58 11.41
N PRO E 212 3.77 -1.99 10.27
CA PRO E 212 3.72 -2.83 9.06
C PRO E 212 4.84 -3.84 8.96
N SER E 213 5.79 -3.80 9.89
CA SER E 213 6.85 -4.79 9.88
C SER E 213 6.69 -5.75 11.03
N ASN E 214 5.56 -5.61 11.74
CA ASN E 214 5.22 -6.48 12.88
C ASN E 214 6.32 -6.50 13.95
N THR E 215 7.19 -5.49 13.97
CA THR E 215 8.24 -5.46 14.98
C THR E 215 7.81 -4.55 16.11
N LYS E 216 8.33 -4.85 17.28
CA LYS E 216 7.90 -4.20 18.51
C LYS E 216 9.04 -4.36 19.52
N VAL E 217 9.64 -3.26 19.94
CA VAL E 217 10.83 -3.32 20.79
C VAL E 217 10.72 -2.46 22.04
N ASP E 218 11.17 -3.01 23.16
CA ASP E 218 11.24 -2.26 24.40
C ASP E 218 12.69 -2.26 24.82
N LYS E 219 13.30 -1.08 24.82
CA LYS E 219 14.73 -0.94 25.05
C LYS E 219 15.02 -0.18 26.33
N LYS E 220 15.96 -0.72 27.10
CA LYS E 220 16.38 -0.16 28.37
C LYS E 220 17.54 0.80 28.12
N ALA E 221 17.27 2.09 28.18
CA ALA E 221 18.32 3.10 28.11
C ALA E 221 18.87 3.32 29.53
N GLU E 222 20.18 3.20 29.68
CA GLU E 222 20.82 3.28 30.99
C GLU E 222 22.19 3.92 30.91
N PRO E 223 22.67 4.51 32.03
CA PRO E 223 23.99 5.16 32.05
C PRO E 223 25.15 4.21 31.72
N ILE F 1 -33.37 11.49 -3.01
CA ILE F 1 -33.40 12.82 -2.43
C ILE F 1 -31.97 13.40 -2.33
N HIS F 2 -30.96 12.51 -2.34
CA HIS F 2 -29.54 12.90 -2.34
C HIS F 2 -28.95 12.84 -3.75
N ILE F 3 -28.91 13.95 -4.45
CA ILE F 3 -28.39 13.98 -5.82
C ILE F 3 -26.86 14.05 -5.84
N GLY F 4 -26.26 14.57 -4.76
CA GLY F 4 -24.81 14.63 -4.65
C GLY F 4 -24.28 14.88 -3.25
N PRO F 5 -22.93 14.96 -3.12
CA PRO F 5 -22.32 15.23 -1.82
C PRO F 5 -22.56 16.67 -1.40
N GLY F 6 -23.10 16.86 -0.19
CA GLY F 6 -23.31 18.19 0.33
C GLY F 6 -24.74 18.55 0.61
N ARG F 7 -24.94 19.54 1.47
CA ARG F 7 -26.27 20.03 1.84
C ARG F 7 -27.03 20.55 0.62
N ALA F 8 -26.29 21.18 -0.30
CA ALA F 8 -26.88 21.83 -1.46
C ALA F 8 -27.49 20.86 -2.44
N PHE F 9 -27.25 19.57 -2.27
CA PHE F 9 -27.83 18.57 -3.17
C PHE F 9 -28.82 17.63 -2.47
N TYR F 10 -29.73 18.21 -1.67
CA TYR F 10 -30.76 17.44 -1.00
C TYR F 10 -32.14 17.99 -1.32
N THR F 11 -33.00 17.14 -1.85
CA THR F 11 -34.36 17.53 -2.26
C THR F 11 -35.43 17.09 -1.28
N ILE G 2 41.86 33.61 -12.94
CA ILE G 2 40.78 33.34 -11.99
C ILE G 2 40.37 31.87 -11.92
N VAL G 3 40.40 31.30 -10.72
CA VAL G 3 39.99 29.91 -10.52
C VAL G 3 38.81 29.81 -9.54
N MET G 4 37.80 29.03 -9.92
CA MET G 4 36.61 28.85 -9.11
C MET G 4 36.66 27.49 -8.40
N ASN G 5 36.26 27.48 -7.13
CA ASN G 5 36.20 26.24 -6.35
C ASN G 5 34.82 26.01 -5.76
N GLN G 6 34.17 24.96 -6.25
CA GLN G 6 32.79 24.65 -5.89
C GLN G 6 32.72 23.64 -4.73
N SER G 7 31.80 23.90 -3.82
CA SER G 7 31.58 23.03 -2.68
C SER G 7 30.10 22.85 -2.40
N PRO G 8 29.69 21.59 -2.15
CA PRO G 8 30.50 20.38 -2.24
C PRO G 8 30.43 19.79 -3.64
N PRO G 9 31.19 18.72 -3.93
CA PRO G 9 31.00 18.03 -5.22
C PRO G 9 29.59 17.45 -5.36
N SER G 10 29.07 16.90 -4.26
CA SER G 10 27.78 16.27 -4.27
C SER G 10 27.02 16.53 -3.00
N LEU G 11 25.69 16.60 -3.11
CA LEU G 11 24.85 16.64 -1.92
C LEU G 11 23.46 16.10 -2.21
N ALA G 12 22.95 15.30 -1.27
CA ALA G 12 21.62 14.73 -1.37
C ALA G 12 20.64 15.55 -0.54
N VAL G 13 19.44 15.75 -1.07
CA VAL G 13 18.45 16.60 -0.43
C VAL G 13 17.06 15.99 -0.57
N THR G 14 16.27 16.03 0.48
CA THR G 14 14.88 15.61 0.40
C THR G 14 14.07 16.77 -0.15
N PRO G 15 13.14 16.49 -1.10
CA PRO G 15 12.26 17.55 -1.62
C PRO G 15 11.54 18.26 -0.50
N GLY G 16 11.64 19.59 -0.47
CA GLY G 16 11.13 20.36 0.64
C GLY G 16 12.24 20.95 1.48
N GLU G 17 13.29 20.16 1.75
CA GLU G 17 14.48 20.65 2.44
C GLU G 17 15.17 21.73 1.58
N PRO G 18 15.93 22.62 2.23
CA PRO G 18 16.75 23.57 1.48
C PRO G 18 18.09 22.98 1.09
N ALA G 19 18.65 23.52 0.01
CA ALA G 19 20.01 23.18 -0.39
C ALA G 19 20.80 24.46 -0.63
N SER G 20 22.11 24.32 -0.61
CA SER G 20 23.00 25.49 -0.62
C SER G 20 24.38 25.11 -1.17
N ILE G 21 24.67 25.61 -2.37
CA ILE G 21 25.94 25.31 -3.04
C ILE G 21 26.84 26.53 -3.05
N SER G 22 28.14 26.30 -2.83
CA SER G 22 29.10 27.37 -2.63
C SER G 22 30.15 27.47 -3.73
N CYS G 23 30.39 28.69 -4.16
CA CYS G 23 31.43 28.97 -5.13
C CYS G 23 32.42 29.99 -4.57
N ARG G 24 33.70 29.74 -4.76
CA ARG G 24 34.75 30.54 -4.15
C ARG G 24 35.83 30.89 -5.18
N ALA G 25 36.01 32.19 -5.42
CA ALA G 25 36.88 32.65 -6.52
C ALA G 25 38.29 32.94 -6.07
N SER G 26 39.22 32.86 -7.01
CA SER G 26 40.63 33.19 -6.75
C SER G 26 40.80 34.68 -6.49
N GLN G 27 39.98 35.49 -7.15
CA GLN G 27 40.03 36.94 -7.02
C GLN G 27 38.63 37.46 -6.81
N SER G 28 38.50 38.78 -6.64
CA SER G 28 37.17 39.32 -6.46
C SER G 28 36.47 39.48 -7.79
N LEU G 29 35.29 38.87 -7.89
CA LEU G 29 34.41 39.03 -9.04
C LEU G 29 33.57 40.29 -8.84
N LEU G 30 34.06 41.20 -8.02
CA LEU G 30 33.49 42.53 -7.91
C LEU G 30 34.24 43.41 -8.89
N TYR G 31 33.52 44.09 -9.76
CA TYR G 31 34.17 44.96 -10.72
C TYR G 31 33.93 46.40 -10.31
N SER G 32 34.81 47.28 -10.76
CA SER G 32 34.77 48.70 -10.45
C SER G 32 33.44 49.35 -10.86
N ASP G 33 32.64 48.66 -11.67
CA ASP G 33 31.35 49.19 -12.11
C ASP G 33 30.26 49.06 -11.05
N GLY G 34 30.61 48.48 -9.90
CA GLY G 34 29.70 48.30 -8.79
C GLY G 34 28.77 47.12 -8.98
N HIS G 35 29.32 46.02 -9.50
CA HIS G 35 28.56 44.80 -9.77
C HIS G 35 29.37 43.55 -9.49
N ASN G 36 28.66 42.47 -9.21
CA ASN G 36 29.28 41.16 -9.00
C ASN G 36 29.11 40.27 -10.23
N TYR G 37 30.21 39.90 -10.87
CA TYR G 37 30.14 39.14 -12.12
C TYR G 37 30.38 37.65 -11.90
N LEU G 38 29.32 36.96 -11.50
CA LEU G 38 29.32 35.52 -11.30
C LEU G 38 27.96 34.95 -11.63
N ASP G 39 27.96 33.83 -12.37
CA ASP G 39 26.72 33.20 -12.78
C ASP G 39 26.52 31.81 -12.17
N TRP G 40 25.26 31.33 -12.21
CA TRP G 40 24.88 29.97 -11.80
C TRP G 40 24.08 29.28 -12.90
N TYR G 41 24.52 28.09 -13.28
CA TYR G 41 23.88 27.31 -14.35
C TYR G 41 23.49 25.92 -13.90
N LEU G 42 22.31 25.47 -14.34
CA LEU G 42 21.86 24.08 -14.13
C LEU G 42 22.06 23.27 -15.41
N GLN G 43 22.71 22.12 -15.27
CA GLN G 43 22.81 21.22 -16.41
C GLN G 43 22.09 19.92 -16.13
N LYS G 44 20.80 19.90 -16.45
CA LYS G 44 19.99 18.69 -16.28
C LYS G 44 20.59 17.60 -17.16
N PRO G 45 20.59 16.34 -16.70
CA PRO G 45 21.22 15.23 -17.42
C PRO G 45 20.91 15.19 -18.92
N GLY G 46 21.97 15.21 -19.73
CA GLY G 46 21.87 15.19 -21.17
C GLY G 46 21.19 16.39 -21.77
N GLN G 47 21.39 17.56 -21.17
CA GLN G 47 20.89 18.78 -21.76
C GLN G 47 21.97 19.86 -21.80
N ALA G 48 21.67 20.94 -22.49
CA ALA G 48 22.53 22.11 -22.43
C ALA G 48 22.35 22.77 -21.08
N PRO G 49 23.42 23.38 -20.55
CA PRO G 49 23.29 24.21 -19.36
C PRO G 49 22.17 25.24 -19.51
N GLN G 50 21.39 25.48 -18.46
CA GLN G 50 20.41 26.56 -18.54
C GLN G 50 20.74 27.58 -17.45
N LEU G 51 20.61 28.86 -17.79
CA LEU G 51 20.99 29.91 -16.88
C LEU G 51 20.04 29.96 -15.70
N LEU G 52 20.58 30.13 -14.51
CA LEU G 52 19.77 30.32 -13.32
C LEU G 52 19.89 31.75 -12.83
N ILE G 53 21.12 32.15 -12.54
CA ILE G 53 21.37 33.45 -11.95
C ILE G 53 22.59 34.14 -12.55
N TYR G 54 22.40 35.39 -12.99
CA TYR G 54 23.52 36.21 -13.48
C TYR G 54 23.78 37.39 -12.55
N LEU G 55 24.95 38.00 -12.69
CA LEU G 55 25.35 39.12 -11.84
C LEU G 55 25.22 38.75 -10.38
N GLY G 56 25.74 37.57 -10.04
CA GLY G 56 25.85 37.07 -8.67
C GLY G 56 24.56 36.83 -7.91
N SER G 57 23.51 37.62 -8.20
CA SER G 57 22.36 37.66 -7.32
C SER G 57 21.02 37.89 -8.04
N THR G 58 21.05 37.98 -9.36
CA THR G 58 19.81 38.25 -10.10
C THR G 58 19.30 37.04 -10.88
N ARG G 59 18.12 36.58 -10.53
CA ARG G 59 17.57 35.38 -11.16
C ARG G 59 17.04 35.71 -12.56
N ALA G 60 17.27 34.78 -13.49
CA ALA G 60 16.93 34.97 -14.89
C ALA G 60 15.44 34.88 -15.14
N SER G 61 15.03 35.23 -16.36
CA SER G 61 13.62 35.18 -16.74
C SER G 61 13.17 33.74 -16.84
N GLY G 62 12.24 33.35 -15.97
CA GLY G 62 11.71 32.02 -16.00
C GLY G 62 12.09 31.20 -14.79
N VAL G 63 13.27 31.46 -14.25
CA VAL G 63 13.74 30.79 -13.06
C VAL G 63 12.74 30.97 -11.92
N PRO G 64 12.42 29.86 -11.22
CA PRO G 64 11.51 29.90 -10.07
C PRO G 64 12.03 30.73 -8.90
N ASP G 65 11.10 31.30 -8.14
CA ASP G 65 11.39 32.03 -6.90
C ASP G 65 12.42 31.35 -6.01
N ARG G 66 12.31 30.04 -5.92
CA ARG G 66 13.07 29.21 -4.98
C ARG G 66 14.57 29.32 -5.16
N PHE G 67 14.99 29.85 -6.31
CA PHE G 67 16.40 30.01 -6.59
C PHE G 67 16.83 31.42 -6.26
N SER G 68 17.89 31.52 -5.47
CA SER G 68 18.41 32.80 -5.06
C SER G 68 19.93 32.71 -4.94
N GLY G 69 20.60 33.76 -5.41
CA GLY G 69 22.05 33.79 -5.38
C GLY G 69 22.48 34.94 -4.49
N SER G 70 23.44 34.67 -3.63
CA SER G 70 23.99 35.70 -2.78
C SER G 70 25.52 35.63 -2.77
N GLY G 71 26.11 36.57 -2.04
CA GLY G 71 27.55 36.65 -1.97
C GLY G 71 28.05 37.94 -2.59
N SER G 72 29.34 38.18 -2.41
CA SER G 72 30.03 39.34 -2.97
C SER G 72 31.52 39.10 -2.85
N GLY G 73 32.32 39.94 -3.47
CA GLY G 73 33.76 39.79 -3.37
C GLY G 73 34.20 38.47 -3.96
N THR G 74 34.65 37.53 -3.12
CA THR G 74 35.18 36.26 -3.64
C THR G 74 34.44 35.01 -3.14
N ASP G 75 33.47 35.18 -2.26
CA ASP G 75 32.72 34.02 -1.75
C ASP G 75 31.23 34.13 -2.11
N PHE G 76 30.69 33.06 -2.71
CA PHE G 76 29.33 33.08 -3.25
C PHE G 76 28.51 31.84 -2.94
N THR G 77 27.19 32.02 -2.91
CA THR G 77 26.30 30.92 -2.55
C THR G 77 24.99 30.92 -3.33
N LEU G 78 24.77 29.84 -4.08
CA LEU G 78 23.48 29.53 -4.68
C LEU G 78 22.62 28.78 -3.68
N LYS G 79 21.37 29.22 -3.52
CA LYS G 79 20.51 28.58 -2.56
C LYS G 79 19.15 28.24 -3.15
N ILE G 80 18.75 26.98 -2.99
CA ILE G 80 17.40 26.57 -3.29
C ILE G 80 16.66 26.45 -1.98
N SER G 81 15.60 27.23 -1.83
CA SER G 81 14.86 27.25 -0.58
C SER G 81 14.12 25.93 -0.35
N ARG G 82 13.43 25.47 -1.37
CA ARG G 82 12.72 24.21 -1.29
C ARG G 82 12.96 23.41 -2.57
N VAL G 83 13.81 22.40 -2.46
CA VAL G 83 14.18 21.54 -3.57
C VAL G 83 12.97 20.77 -4.10
N GLU G 84 12.90 20.60 -5.43
CA GLU G 84 11.91 19.71 -6.06
C GLU G 84 12.60 18.56 -6.76
N ALA G 85 11.83 17.52 -7.08
CA ALA G 85 12.41 16.32 -7.67
C ALA G 85 13.17 16.62 -8.96
N GLU G 86 12.80 17.74 -9.57
CA GLU G 86 13.29 18.12 -10.89
C GLU G 86 14.48 19.06 -10.84
N ASP G 87 14.88 19.44 -9.65
CA ASP G 87 16.06 20.26 -9.49
C ASP G 87 17.31 19.41 -9.59
N VAL G 88 17.13 18.11 -9.80
CA VAL G 88 18.24 17.18 -9.90
C VAL G 88 19.05 17.43 -11.16
N GLY G 89 20.36 17.33 -11.04
CA GLY G 89 21.28 17.61 -12.13
C GLY G 89 22.61 18.09 -11.56
N VAL G 90 23.38 18.81 -12.39
CA VAL G 90 24.66 19.38 -11.95
C VAL G 90 24.67 20.92 -12.04
N TYR G 91 25.04 21.55 -10.93
CA TYR G 91 25.05 22.99 -10.87
C TYR G 91 26.47 23.51 -11.03
N TYR G 92 26.67 24.39 -12.01
CA TYR G 92 27.96 25.04 -12.22
C TYR G 92 27.88 26.54 -11.97
N CYS G 93 28.96 27.09 -11.45
CA CYS G 93 29.11 28.54 -11.36
C CYS G 93 30.17 29.02 -12.37
N MET G 94 29.90 30.14 -13.04
CA MET G 94 30.86 30.68 -14.00
C MET G 94 31.08 32.15 -13.78
N GLN G 95 32.32 32.58 -13.97
CA GLN G 95 32.63 33.99 -13.96
C GLN G 95 33.01 34.43 -15.38
N PRO G 96 32.44 35.55 -15.82
CA PRO G 96 32.77 36.14 -17.12
C PRO G 96 33.66 37.38 -16.99
N LEU G 97 34.61 37.37 -16.06
CA LEU G 97 35.41 38.57 -15.83
C LEU G 97 36.79 38.46 -16.46
N GLN G 98 37.53 37.44 -16.06
CA GLN G 98 38.84 37.17 -16.66
C GLN G 98 38.80 35.82 -17.38
N SER G 99 38.78 35.89 -18.71
CA SER G 99 38.40 34.76 -19.57
C SER G 99 36.99 34.31 -19.17
N TYR G 100 36.70 33.02 -19.33
CA TYR G 100 35.44 32.47 -18.85
C TYR G 100 35.75 31.15 -18.15
N THR G 101 35.60 31.11 -16.83
CA THR G 101 35.90 29.88 -16.08
C THR G 101 34.72 29.37 -15.24
N PHE G 102 34.65 28.05 -15.14
CA PHE G 102 33.56 27.36 -14.46
C PHE G 102 34.03 26.64 -13.22
N GLY G 103 33.15 26.52 -12.23
CA GLY G 103 33.43 25.66 -11.09
C GLY G 103 33.51 24.21 -11.51
N GLN G 104 33.95 23.34 -10.60
CA GLN G 104 34.08 21.90 -10.88
C GLN G 104 32.70 21.25 -11.06
N GLY G 105 31.67 21.92 -10.56
CA GLY G 105 30.31 21.43 -10.67
C GLY G 105 29.83 20.81 -9.37
N THR G 106 28.52 20.75 -9.19
CA THR G 106 27.92 20.16 -7.99
C THR G 106 26.68 19.30 -8.29
N LYS G 107 26.81 18.00 -8.05
CA LYS G 107 25.74 17.05 -8.33
C LYS G 107 24.71 17.05 -7.21
N LEU G 108 23.50 17.48 -7.56
CA LEU G 108 22.41 17.49 -6.60
C LEU G 108 21.60 16.20 -6.79
N GLU G 109 21.36 15.49 -5.69
CA GLU G 109 20.58 14.25 -5.73
C GLU G 109 19.33 14.38 -4.87
N ILE G 110 18.28 13.68 -5.26
CA ILE G 110 17.06 13.70 -4.48
C ILE G 110 17.04 12.52 -3.54
N LYS G 111 16.51 12.73 -2.34
CA LYS G 111 16.27 11.63 -1.43
C LYS G 111 14.80 11.24 -1.52
N ARG G 112 14.53 9.95 -1.50
CA ARG G 112 13.15 9.52 -1.42
C ARG G 112 13.07 8.19 -0.69
N THR G 113 11.85 7.71 -0.47
CA THR G 113 11.66 6.43 0.19
C THR G 113 12.23 5.28 -0.64
N VAL G 114 12.46 4.14 0.00
CA VAL G 114 12.85 2.92 -0.73
C VAL G 114 11.86 2.59 -1.80
N ALA G 115 12.38 2.17 -2.95
CA ALA G 115 11.51 1.71 -4.03
C ALA G 115 12.07 0.44 -4.58
N ALA G 116 11.26 -0.61 -4.63
CA ALA G 116 11.76 -1.90 -5.09
C ALA G 116 11.66 -1.97 -6.59
N PRO G 117 12.64 -2.61 -7.23
CA PRO G 117 12.65 -2.68 -8.69
C PRO G 117 11.65 -3.70 -9.20
N SER G 118 10.97 -3.40 -10.29
CA SER G 118 10.27 -4.47 -10.99
C SER G 118 11.25 -5.06 -12.00
N VAL G 119 11.26 -6.38 -12.14
CA VAL G 119 12.32 -7.05 -12.88
C VAL G 119 11.87 -7.79 -14.15
N PHE G 120 12.63 -7.61 -15.21
CA PHE G 120 12.34 -8.21 -16.51
C PHE G 120 13.57 -8.90 -17.09
N ILE G 121 13.36 -10.02 -17.78
CA ILE G 121 14.47 -10.73 -18.38
C ILE G 121 14.16 -10.96 -19.86
N PHE G 122 15.15 -10.72 -20.70
CA PHE G 122 15.00 -10.82 -22.15
C PHE G 122 15.91 -11.85 -22.78
N PRO G 123 15.34 -12.93 -23.34
CA PRO G 123 16.13 -13.88 -24.12
C PRO G 123 16.58 -13.28 -25.46
N PRO G 124 17.76 -13.71 -25.95
CA PRO G 124 18.38 -13.17 -27.17
C PRO G 124 17.50 -13.33 -28.39
N SER G 125 17.47 -12.30 -29.22
CA SER G 125 16.67 -12.33 -30.44
C SER G 125 17.22 -13.32 -31.46
N ASP G 126 16.29 -14.06 -32.06
CA ASP G 126 16.57 -14.91 -33.21
C ASP G 126 17.38 -14.18 -34.27
N GLU G 127 17.05 -12.91 -34.46
CA GLU G 127 17.79 -12.03 -35.37
C GLU G 127 19.28 -11.92 -35.03
N GLN G 128 19.60 -11.90 -33.73
CA GLN G 128 20.98 -11.78 -33.26
C GLN G 128 21.72 -13.11 -33.28
N LEU G 129 21.02 -14.19 -32.95
CA LEU G 129 21.63 -15.52 -32.97
C LEU G 129 22.16 -15.86 -34.37
N LYS G 130 21.39 -15.49 -35.40
CA LYS G 130 21.81 -15.56 -36.80
C LYS G 130 22.93 -14.56 -37.09
N SER G 131 23.98 -14.59 -36.26
CA SER G 131 25.12 -13.69 -36.35
C SER G 131 26.15 -14.12 -35.33
N GLY G 132 25.84 -15.21 -34.63
CA GLY G 132 26.84 -15.93 -33.84
C GLY G 132 27.05 -15.39 -32.44
N THR G 133 26.20 -14.45 -32.04
CA THR G 133 26.31 -13.84 -30.72
C THR G 133 24.97 -13.92 -29.97
N ALA G 134 25.02 -13.90 -28.65
CA ALA G 134 23.83 -14.02 -27.83
C ALA G 134 23.87 -13.11 -26.61
N SER G 135 22.98 -12.12 -26.58
CA SER G 135 22.88 -11.20 -25.46
C SER G 135 21.63 -11.42 -24.61
N VAL G 136 21.83 -11.87 -23.39
CA VAL G 136 20.73 -11.99 -22.43
C VAL G 136 20.66 -10.74 -21.59
N VAL G 137 19.56 -10.01 -21.75
CA VAL G 137 19.42 -8.70 -21.13
C VAL G 137 18.45 -8.72 -19.96
N CYS G 138 18.81 -8.00 -18.90
CA CYS G 138 17.98 -7.99 -17.71
C CYS G 138 17.66 -6.57 -17.25
N LEU G 139 16.38 -6.26 -17.06
CA LEU G 139 15.97 -4.91 -16.67
C LEU G 139 15.54 -4.77 -15.20
N LEU G 140 16.09 -3.78 -14.52
CA LEU G 140 15.62 -3.39 -13.20
C LEU G 140 14.97 -2.01 -13.32
N ASN G 141 13.64 -1.97 -13.21
CA ASN G 141 12.91 -0.74 -13.51
C ASN G 141 12.42 0.00 -12.27
N ASN G 142 12.77 1.29 -12.19
CA ASN G 142 12.26 2.22 -11.18
C ASN G 142 12.48 1.77 -9.76
N PHE G 143 13.71 1.84 -9.28
CA PHE G 143 14.01 1.52 -7.90
C PHE G 143 14.78 2.65 -7.21
N TYR G 144 14.87 2.55 -5.88
CA TYR G 144 15.67 3.47 -5.07
C TYR G 144 16.00 2.73 -3.78
N PRO G 145 17.22 2.89 -3.26
CA PRO G 145 18.33 3.70 -3.74
C PRO G 145 19.06 3.07 -4.89
N ARG G 146 20.20 3.64 -5.24
CA ARG G 146 20.84 3.37 -6.50
C ARG G 146 21.57 2.03 -6.52
N GLU G 147 22.01 1.56 -5.37
CA GLU G 147 22.84 0.36 -5.34
C GLU G 147 22.00 -0.91 -5.45
N ALA G 148 22.46 -1.82 -6.28
CA ALA G 148 21.77 -3.08 -6.49
C ALA G 148 22.70 -4.16 -7.02
N LYS G 149 22.50 -5.39 -6.54
CA LYS G 149 23.30 -6.54 -6.92
C LYS G 149 22.58 -7.32 -8.01
N VAL G 150 23.22 -7.49 -9.16
CA VAL G 150 22.62 -8.30 -10.21
C VAL G 150 23.50 -9.49 -10.51
N GLN G 151 22.99 -10.69 -10.23
CA GLN G 151 23.78 -11.90 -10.39
C GLN G 151 23.18 -12.81 -11.45
N TRP G 152 23.94 -13.10 -12.50
CA TRP G 152 23.48 -13.99 -13.55
C TRP G 152 23.78 -15.43 -13.21
N LYS G 153 22.80 -16.32 -13.38
CA LYS G 153 23.01 -17.76 -13.18
C LYS G 153 22.50 -18.57 -14.36
N VAL G 154 23.41 -19.29 -15.03
CA VAL G 154 23.02 -20.15 -16.15
C VAL G 154 23.03 -21.62 -15.71
N ASP G 155 21.93 -22.31 -16.00
CA ASP G 155 21.71 -23.68 -15.56
C ASP G 155 22.03 -23.75 -14.06
N ASN G 156 21.49 -22.77 -13.33
CA ASN G 156 21.85 -22.48 -11.93
C ASN G 156 23.33 -22.75 -11.64
N ALA G 157 24.11 -21.73 -11.97
CA ALA G 157 25.56 -21.74 -11.85
C ALA G 157 25.98 -20.36 -12.30
N LEU G 158 26.32 -19.49 -11.35
CA LEU G 158 26.49 -18.07 -11.68
C LEU G 158 27.77 -17.75 -12.45
N GLN G 159 27.75 -16.60 -13.12
CA GLN G 159 28.87 -16.20 -13.96
C GLN G 159 29.78 -15.20 -13.27
N SER G 160 30.82 -14.78 -13.99
CA SER G 160 31.71 -13.74 -13.50
C SER G 160 32.44 -13.11 -14.68
N GLY G 161 32.62 -11.78 -14.63
CA GLY G 161 33.30 -11.03 -15.68
C GLY G 161 32.62 -11.21 -17.03
N ASN G 162 31.35 -11.52 -16.95
CA ASN G 162 30.62 -12.07 -18.06
C ASN G 162 29.51 -11.13 -18.50
N SER G 163 28.99 -10.38 -17.52
CA SER G 163 27.96 -9.38 -17.73
C SER G 163 28.55 -8.00 -17.57
N GLN G 164 27.74 -6.99 -17.89
CA GLN G 164 28.01 -5.63 -17.47
C GLN G 164 26.76 -4.77 -17.45
N GLU G 165 26.72 -3.88 -16.46
CA GLU G 165 25.55 -3.07 -16.16
C GLU G 165 25.61 -1.65 -16.74
N SER G 166 24.50 -0.96 -16.65
CA SER G 166 24.46 0.45 -16.93
C SER G 166 23.27 1.02 -16.19
N VAL G 167 23.41 2.20 -15.59
CA VAL G 167 22.35 2.74 -14.76
C VAL G 167 21.95 4.15 -15.18
N THR G 168 20.65 4.37 -15.30
CA THR G 168 20.10 5.66 -15.69
C THR G 168 20.50 6.75 -14.70
N GLU G 169 20.26 7.98 -15.10
CA GLU G 169 20.41 9.08 -14.18
C GLU G 169 19.16 9.10 -13.35
N GLN G 170 19.20 9.76 -12.20
CA GLN G 170 18.02 9.84 -11.34
C GLN G 170 16.86 10.54 -12.07
N ASP G 171 15.69 9.93 -12.07
CA ASP G 171 14.57 10.48 -12.81
C ASP G 171 14.12 11.81 -12.20
N SER G 172 13.64 12.71 -13.04
CA SER G 172 13.27 14.05 -12.57
C SER G 172 11.81 14.12 -12.16
N LYS G 173 11.08 13.05 -12.35
CA LYS G 173 9.70 13.04 -11.90
C LYS G 173 9.62 12.35 -10.53
N ASP G 174 10.09 11.11 -10.44
CA ASP G 174 9.92 10.32 -9.22
C ASP G 174 11.23 9.98 -8.51
N SER G 175 12.29 10.62 -8.96
CA SER G 175 13.61 10.48 -8.36
C SER G 175 14.05 9.03 -8.20
N THR G 176 13.70 8.22 -9.19
CA THR G 176 14.01 6.80 -9.17
C THR G 176 15.25 6.50 -10.01
N TYR G 177 15.76 5.28 -9.92
CA TYR G 177 16.77 4.82 -10.88
C TYR G 177 16.23 3.63 -11.67
N SER G 178 16.92 3.29 -12.76
CA SER G 178 16.64 2.04 -13.48
C SER G 178 17.97 1.48 -13.96
N LEU G 179 18.02 0.17 -14.18
CA LEU G 179 19.29 -0.52 -14.41
C LEU G 179 19.20 -1.61 -15.49
N SER G 180 20.21 -1.68 -16.36
CA SER G 180 20.34 -2.70 -17.39
C SER G 180 21.60 -3.54 -17.19
N SER G 181 21.45 -4.85 -17.01
CA SER G 181 22.60 -5.75 -17.02
C SER G 181 22.51 -6.64 -18.24
N THR G 182 23.64 -6.89 -18.88
CA THR G 182 23.66 -7.63 -20.13
C THR G 182 24.65 -8.79 -20.09
N LEU G 183 24.13 -10.02 -20.17
CA LEU G 183 24.98 -11.21 -20.21
C LEU G 183 25.32 -11.56 -21.64
N THR G 184 26.58 -11.40 -22.02
CA THR G 184 26.96 -11.62 -23.41
C THR G 184 27.70 -12.97 -23.54
N LEU G 185 27.18 -13.80 -24.45
CA LEU G 185 27.66 -15.16 -24.73
C LEU G 185 27.92 -15.35 -26.21
N SER G 186 28.74 -16.32 -26.55
CA SER G 186 28.85 -16.72 -27.95
C SER G 186 27.58 -17.46 -28.29
N LYS G 187 27.18 -17.49 -29.56
CA LYS G 187 26.03 -18.31 -29.95
C LYS G 187 26.29 -19.75 -29.52
N ALA G 188 27.57 -20.13 -29.61
CA ALA G 188 28.06 -21.44 -29.19
C ALA G 188 27.59 -21.80 -27.79
N ASP G 189 28.20 -21.17 -26.80
CA ASP G 189 27.92 -21.45 -25.40
C ASP G 189 26.43 -21.37 -25.04
N TYR G 190 25.70 -20.52 -25.77
CA TYR G 190 24.28 -20.26 -25.47
C TYR G 190 23.39 -21.49 -25.68
N GLU G 191 23.63 -22.24 -26.75
CA GLU G 191 22.86 -23.46 -27.04
C GLU G 191 23.18 -24.57 -26.03
N LYS G 192 24.37 -24.52 -25.46
CA LYS G 192 24.85 -25.55 -24.54
C LYS G 192 24.06 -25.60 -23.23
N HIS G 193 23.09 -24.70 -23.04
CA HIS G 193 22.32 -24.63 -21.80
C HIS G 193 20.84 -24.30 -22.07
N LYS G 194 19.98 -24.49 -21.06
CA LYS G 194 18.53 -24.32 -21.26
C LYS G 194 17.88 -23.27 -20.37
N VAL G 195 18.32 -23.15 -19.11
CA VAL G 195 17.74 -22.18 -18.18
C VAL G 195 18.65 -21.00 -17.85
N TYR G 196 18.16 -19.81 -18.19
CA TYR G 196 18.88 -18.56 -17.96
C TYR G 196 18.17 -17.72 -16.94
N ALA G 197 18.88 -17.32 -15.89
CA ALA G 197 18.25 -16.61 -14.80
C ALA G 197 18.95 -15.33 -14.35
N CYS G 198 18.14 -14.41 -13.86
CA CYS G 198 18.60 -13.10 -13.44
C CYS G 198 18.20 -12.84 -11.96
N GLU G 199 19.19 -12.78 -11.08
CA GLU G 199 18.88 -12.73 -9.65
C GLU G 199 19.29 -11.43 -8.96
N VAL G 200 18.31 -10.59 -8.63
CA VAL G 200 18.58 -9.25 -8.15
C VAL G 200 18.30 -9.09 -6.66
N THR G 201 19.32 -8.60 -5.95
CA THR G 201 19.20 -8.20 -4.54
C THR G 201 19.11 -6.68 -4.46
N HIS G 202 18.23 -6.18 -3.59
CA HIS G 202 18.01 -4.73 -3.41
C HIS G 202 17.27 -4.42 -2.11
N GLN G 203 17.59 -3.26 -1.56
CA GLN G 203 17.03 -2.79 -0.29
C GLN G 203 15.51 -2.90 -0.18
N GLY G 204 14.83 -2.71 -1.30
CA GLY G 204 13.37 -2.72 -1.28
C GLY G 204 12.80 -4.10 -1.46
N LEU G 205 13.67 -5.10 -1.50
CA LEU G 205 13.26 -6.49 -1.60
C LEU G 205 13.54 -7.22 -0.30
N SER G 206 12.53 -7.85 0.30
CA SER G 206 12.72 -8.64 1.51
C SER G 206 13.73 -9.75 1.27
N SER G 207 13.42 -10.58 0.28
CA SER G 207 14.31 -11.64 -0.16
C SER G 207 14.53 -11.49 -1.64
N PRO G 208 15.72 -11.86 -2.13
CA PRO G 208 16.12 -11.75 -3.55
C PRO G 208 15.09 -12.23 -4.55
N VAL G 209 15.27 -11.82 -5.79
CA VAL G 209 14.26 -12.05 -6.80
C VAL G 209 14.90 -12.61 -8.07
N THR G 210 14.29 -13.64 -8.63
CA THR G 210 14.80 -14.19 -9.86
C THR G 210 13.76 -14.16 -10.96
N LYS G 211 14.19 -13.82 -12.16
CA LYS G 211 13.37 -14.01 -13.35
C LYS G 211 14.20 -14.85 -14.33
N SER G 212 13.58 -15.89 -14.90
CA SER G 212 14.31 -16.81 -15.76
C SER G 212 13.52 -17.28 -16.98
N PHE G 213 14.17 -18.03 -17.87
CA PHE G 213 13.47 -18.62 -19.02
C PHE G 213 14.10 -19.95 -19.52
N ASN G 214 13.51 -20.49 -20.59
CA ASN G 214 13.94 -21.75 -21.21
C ASN G 214 14.28 -21.60 -22.69
N GLU H 1 10.02 30.93 -31.58
CA GLU H 1 10.94 30.40 -30.57
C GLU H 1 12.39 30.87 -30.83
N VAL H 2 13.07 31.32 -29.77
CA VAL H 2 14.48 31.72 -29.84
C VAL H 2 15.39 30.57 -29.45
N GLN H 3 16.31 30.20 -30.32
CA GLN H 3 17.14 29.03 -30.06
C GLN H 3 18.40 28.96 -30.90
N LEU H 4 19.29 28.06 -30.50
CA LEU H 4 20.47 27.73 -31.27
C LEU H 4 20.41 26.27 -31.64
N VAL H 5 20.52 25.97 -32.91
CA VAL H 5 20.65 24.58 -33.30
C VAL H 5 21.98 24.41 -34.01
N GLY H 6 22.78 23.47 -33.50
CA GLY H 6 24.11 23.26 -34.02
C GLY H 6 24.21 21.91 -34.69
N SER H 7 25.23 21.75 -35.53
CA SER H 7 25.38 20.55 -36.32
C SER H 7 26.81 20.42 -36.76
N GLY H 8 27.06 19.45 -37.63
CA GLY H 8 28.43 19.11 -37.97
C GLY H 8 28.99 18.28 -36.84
N GLY H 9 30.30 18.11 -36.82
CA GLY H 9 30.88 17.27 -35.80
C GLY H 9 30.68 15.83 -36.15
N GLY H 10 31.05 14.93 -35.25
CA GLY H 10 31.09 13.52 -35.55
C GLY H 10 32.49 12.98 -35.33
N LEU H 11 32.83 11.92 -36.05
CA LEU H 11 34.13 11.28 -35.89
C LEU H 11 35.14 11.93 -36.82
N ILE H 12 36.35 12.11 -36.33
CA ILE H 12 37.39 12.81 -37.09
C ILE H 12 38.78 12.39 -36.60
N GLN H 13 39.63 11.94 -37.53
CA GLN H 13 40.91 11.34 -37.16
C GLN H 13 41.86 12.39 -36.58
N PRO H 14 42.81 11.96 -35.74
CA PRO H 14 43.74 12.91 -35.11
C PRO H 14 44.49 13.72 -36.16
N GLY H 15 44.64 15.02 -35.93
CA GLY H 15 45.31 15.88 -36.89
C GLY H 15 44.33 16.53 -37.86
N GLY H 16 43.28 15.79 -38.20
CA GLY H 16 42.25 16.28 -39.12
C GLY H 16 41.59 17.56 -38.66
N SER H 17 40.82 18.18 -39.56
CA SER H 17 40.11 19.41 -39.23
C SER H 17 38.61 19.16 -39.32
N LEU H 18 37.83 20.05 -38.72
CA LEU H 18 36.38 19.85 -38.62
C LEU H 18 35.64 21.14 -38.26
N ARG H 19 34.51 21.39 -38.93
CA ARG H 19 33.79 22.63 -38.69
C ARG H 19 32.46 22.38 -38.00
N LEU H 20 32.24 23.04 -36.88
CA LEU H 20 30.97 22.95 -36.17
C LEU H 20 30.11 24.13 -36.56
N SER H 21 28.85 23.85 -36.87
CA SER H 21 27.96 24.91 -37.27
C SER H 21 27.01 25.14 -36.12
N CYS H 22 26.24 26.21 -36.21
CA CYS H 22 25.23 26.53 -35.21
C CYS H 22 24.41 27.72 -35.67
N ALA H 23 23.10 27.54 -35.76
CA ALA H 23 22.28 28.57 -36.40
C ALA H 23 21.21 29.14 -35.50
N ALA H 24 21.08 30.46 -35.52
CA ALA H 24 20.15 31.16 -34.64
C ALA H 24 18.71 31.10 -35.14
N SER H 25 17.80 31.47 -34.27
CA SER H 25 16.39 31.62 -34.61
C SER H 25 15.78 32.74 -33.81
N ASP H 26 15.22 33.71 -34.52
CA ASP H 26 14.52 34.85 -33.94
C ASP H 26 15.48 35.79 -33.19
N PHE H 27 16.74 35.81 -33.63
CA PHE H 27 17.71 36.83 -33.22
C PHE H 27 18.94 36.76 -34.15
N SER H 28 19.69 37.84 -34.22
CA SER H 28 20.84 37.89 -35.13
C SER H 28 22.17 37.54 -34.42
N VAL H 29 22.85 36.52 -34.94
CA VAL H 29 24.13 36.10 -34.37
C VAL H 29 25.20 37.21 -34.47
N SER H 30 24.92 38.22 -35.28
CA SER H 30 25.84 39.34 -35.45
C SER H 30 25.60 40.41 -34.38
N GLU H 31 24.54 40.23 -33.60
CA GLU H 31 24.07 41.25 -32.66
C GLU H 31 24.24 40.90 -31.18
N TYR H 32 24.97 39.82 -30.90
CA TYR H 32 25.29 39.41 -29.54
C TYR H 32 26.69 38.87 -29.45
N TYR H 33 27.25 38.89 -28.25
CA TYR H 33 28.47 38.16 -28.00
C TYR H 33 28.13 36.66 -28.10
N MET H 34 28.98 35.86 -28.75
CA MET H 34 28.73 34.42 -28.83
C MET H 34 29.92 33.65 -28.28
N THR H 35 29.62 32.51 -27.64
CA THR H 35 30.67 31.69 -27.01
C THR H 35 30.58 30.24 -27.45
N TRP H 36 31.72 29.55 -27.40
CA TRP H 36 31.76 28.11 -27.57
C TRP H 36 32.25 27.49 -26.27
N VAL H 37 31.41 26.67 -25.65
CA VAL H 37 31.76 25.93 -24.44
C VAL H 37 31.72 24.44 -24.69
N ARG H 38 32.76 23.71 -24.28
CA ARG H 38 32.73 22.26 -24.48
C ARG H 38 32.73 21.51 -23.16
N GLN H 39 32.56 20.19 -23.25
CA GLN H 39 32.52 19.35 -22.07
C GLN H 39 33.02 17.97 -22.42
N ALA H 40 34.19 17.63 -21.90
CA ALA H 40 34.80 16.31 -22.09
C ALA H 40 33.91 15.25 -21.44
N PRO H 41 34.00 14.00 -21.93
CA PRO H 41 33.12 12.94 -21.39
C PRO H 41 33.29 12.77 -19.88
N GLY H 42 32.21 12.88 -19.12
CA GLY H 42 32.28 12.72 -17.68
C GLY H 42 32.76 13.97 -16.98
N LYS H 43 33.70 14.69 -17.58
CA LYS H 43 34.22 15.90 -16.99
C LYS H 43 33.22 17.08 -17.08
N GLY H 44 33.66 18.26 -16.68
CA GLY H 44 32.76 19.39 -16.54
C GLY H 44 32.90 20.40 -17.66
N LEU H 45 32.38 21.59 -17.42
CA LEU H 45 32.27 22.63 -18.45
C LEU H 45 33.54 23.44 -18.67
N GLU H 46 33.99 23.51 -19.93
CA GLU H 46 35.18 24.27 -20.29
C GLU H 46 34.92 25.25 -21.41
N TRP H 47 35.17 26.54 -21.17
CA TRP H 47 35.02 27.55 -22.20
C TRP H 47 36.12 27.41 -23.22
N VAL H 48 35.81 27.80 -24.45
CA VAL H 48 36.71 27.56 -25.57
C VAL H 48 36.95 28.79 -26.43
N ALA H 49 35.89 29.51 -26.80
CA ALA H 49 36.08 30.64 -27.69
C ALA H 49 34.94 31.63 -27.56
N VAL H 50 35.26 32.90 -27.73
CA VAL H 50 34.23 33.93 -27.76
C VAL H 50 34.40 34.81 -29.00
N LEU H 51 33.29 35.22 -29.59
CA LEU H 51 33.30 36.14 -30.69
C LEU H 51 32.41 37.32 -30.34
N TYR H 52 33.00 38.50 -30.21
CA TYR H 52 32.25 39.69 -29.82
C TYR H 52 31.61 40.38 -31.02
N LYS H 53 30.45 41.02 -30.80
CA LYS H 53 29.79 41.77 -31.87
C LYS H 53 30.79 42.83 -32.30
N ASP H 54 31.49 43.38 -31.31
CA ASP H 54 32.55 44.35 -31.52
C ASP H 54 33.77 43.66 -32.21
N GLY H 55 33.48 42.88 -33.27
CA GLY H 55 34.45 42.24 -34.14
C GLY H 55 35.35 41.11 -33.64
N SER H 56 35.89 41.27 -32.44
CA SER H 56 37.06 40.53 -31.95
C SER H 56 36.88 39.05 -31.60
N GLN H 57 38.01 38.36 -31.40
CA GLN H 57 38.00 36.93 -31.09
C GLN H 57 39.08 36.56 -30.09
N PHE H 58 38.74 35.70 -29.12
CA PHE H 58 39.74 35.18 -28.17
C PHE H 58 39.46 33.73 -27.78
N TYR H 59 40.52 33.02 -27.43
CA TYR H 59 40.46 31.57 -27.28
C TYR H 59 41.11 31.10 -25.99
N ALA H 60 40.61 30.01 -25.45
CA ALA H 60 41.26 29.34 -24.33
C ALA H 60 42.66 28.94 -24.75
N PRO H 61 43.62 28.97 -23.81
CA PRO H 61 45.01 28.64 -24.13
C PRO H 61 45.18 27.25 -24.72
N SER H 62 44.38 26.30 -24.26
CA SER H 62 44.48 24.91 -24.67
C SER H 62 44.27 24.70 -26.18
N VAL H 63 43.55 25.62 -26.80
CA VAL H 63 43.22 25.46 -28.21
C VAL H 63 43.82 26.54 -29.12
N LYS H 64 44.11 27.73 -28.54
CA LYS H 64 44.47 28.92 -29.32
C LYS H 64 45.44 28.65 -30.45
N GLY H 65 45.04 29.03 -31.65
CA GLY H 65 45.83 28.78 -32.85
C GLY H 65 45.48 27.46 -33.52
N ARG H 66 44.33 26.90 -33.16
CA ARG H 66 43.81 25.70 -33.80
C ARG H 66 42.32 25.89 -34.08
N PHE H 67 41.65 26.66 -33.24
CA PHE H 67 40.23 26.92 -33.46
C PHE H 67 40.06 28.34 -33.99
N ILE H 68 38.90 28.60 -34.57
CA ILE H 68 38.57 29.90 -35.15
C ILE H 68 37.06 30.18 -35.04
N VAL H 69 36.68 31.34 -34.52
CA VAL H 69 35.25 31.69 -34.47
C VAL H 69 34.83 32.64 -35.57
N SER H 70 33.99 32.14 -36.47
CA SER H 70 33.48 32.95 -37.55
C SER H 70 31.97 33.10 -37.41
N ARG H 71 31.39 34.14 -38.00
CA ARG H 71 29.94 34.16 -38.13
C ARG H 71 29.59 34.40 -39.58
N ASP H 72 28.33 34.19 -39.93
CA ASP H 72 27.85 34.50 -41.28
C ASP H 72 26.58 35.33 -41.20
N ASN H 73 26.72 36.63 -41.47
CA ASN H 73 25.62 37.57 -41.35
C ASN H 73 24.40 37.19 -42.17
N SER H 74 24.61 36.47 -43.27
CA SER H 74 23.53 36.15 -44.19
C SER H 74 22.92 34.79 -43.87
N LYS H 75 23.75 33.87 -43.37
CA LYS H 75 23.27 32.52 -43.02
C LYS H 75 22.82 32.44 -41.55
N ASN H 76 23.01 33.55 -40.82
CA ASN H 76 22.71 33.62 -39.38
C ASN H 76 23.28 32.45 -38.62
N SER H 77 24.57 32.23 -38.77
CA SER H 77 25.25 31.09 -38.19
C SER H 77 26.50 31.50 -37.47
N LEU H 78 26.87 30.68 -36.49
CA LEU H 78 28.12 30.81 -35.78
C LEU H 78 28.94 29.57 -36.10
N TYR H 79 30.24 29.72 -36.31
CA TYR H 79 31.04 28.60 -36.75
C TYR H 79 32.23 28.39 -35.83
N LEU H 80 32.64 27.15 -35.69
CA LEU H 80 33.88 26.86 -34.95
C LEU H 80 34.76 25.96 -35.79
N GLN H 81 35.69 26.57 -36.51
CA GLN H 81 36.64 25.82 -37.30
C GLN H 81 37.65 25.22 -36.36
N MET H 82 37.75 23.90 -36.35
CA MET H 82 38.66 23.23 -35.45
C MET H 82 39.75 22.49 -36.21
N ASN H 83 40.99 22.96 -36.05
CA ASN H 83 42.11 22.47 -36.83
C ASN H 83 43.14 21.71 -36.00
N ASN H 84 43.68 20.66 -36.60
CA ASN H 84 44.69 19.83 -35.95
C ASN H 84 44.21 19.33 -34.60
N LEU H 85 43.34 18.33 -34.63
CA LEU H 85 42.63 17.92 -33.44
C LEU H 85 43.38 16.84 -32.67
N ARG H 86 43.57 17.10 -31.38
CA ARG H 86 44.15 16.13 -30.46
C ARG H 86 42.99 15.39 -29.77
N GLY H 87 43.24 14.22 -29.20
CA GLY H 87 42.21 13.49 -28.47
C GLY H 87 41.66 14.29 -27.32
N GLU H 88 42.49 15.18 -26.78
CA GLU H 88 42.11 16.08 -25.72
C GLU H 88 40.93 16.97 -26.14
N ASP H 89 40.60 16.94 -27.42
CA ASP H 89 39.53 17.77 -27.93
C ASP H 89 38.20 17.05 -27.95
N THR H 90 38.21 15.72 -27.87
CA THR H 90 36.94 15.00 -28.00
C THR H 90 36.06 15.36 -26.83
N ALA H 91 34.88 15.88 -27.14
CA ALA H 91 33.95 16.38 -26.15
C ALA H 91 32.64 16.77 -26.82
N VAL H 92 31.74 17.38 -26.05
CA VAL H 92 30.50 17.91 -26.59
C VAL H 92 30.59 19.43 -26.64
N TYR H 93 30.33 19.98 -27.81
CA TYR H 93 30.49 21.42 -28.00
C TYR H 93 29.14 22.12 -27.95
N PHE H 94 29.06 23.13 -27.11
CA PHE H 94 27.87 23.97 -27.00
C PHE H 94 28.19 25.38 -27.45
N CYS H 95 27.49 25.88 -28.46
CA CYS H 95 27.57 27.31 -28.72
C CYS H 95 26.56 27.98 -27.82
N ALA H 96 26.84 29.21 -27.41
CA ALA H 96 25.96 29.89 -26.48
C ALA H 96 25.94 31.37 -26.72
N ARG H 97 24.77 31.97 -26.58
CA ARG H 97 24.62 33.40 -26.72
C ARG H 97 24.83 34.13 -25.40
N GLU H 98 26.02 34.74 -25.20
CA GLU H 98 26.22 35.60 -24.05
C GLU H 98 25.45 36.90 -24.26
N ASN H 99 24.29 37.01 -23.62
CA ASN H 99 23.43 38.19 -23.78
C ASN H 99 23.99 39.39 -23.03
N ALA H 100 25.08 39.95 -23.55
CA ALA H 100 25.77 41.05 -22.89
C ALA H 100 26.47 41.96 -23.88
N ASP H 101 26.47 43.25 -23.57
CA ASP H 101 27.23 44.25 -24.30
C ASP H 101 27.99 45.07 -23.29
N TYR H 102 29.31 44.87 -23.21
CA TYR H 102 30.10 45.61 -22.24
C TYR H 102 30.16 47.10 -22.64
N GLY H 103 29.80 47.38 -23.89
CA GLY H 103 29.61 48.74 -24.36
C GLY H 103 28.73 49.51 -23.40
N SER H 104 27.42 49.23 -23.41
CA SER H 104 26.55 49.65 -22.33
C SER H 104 26.93 48.85 -21.09
N ASP H 105 26.21 48.98 -19.99
CA ASP H 105 26.65 48.25 -18.80
C ASP H 105 26.08 46.85 -18.79
N TYR H 106 24.92 46.68 -19.43
CA TYR H 106 24.08 45.52 -19.19
C TYR H 106 24.77 44.17 -19.41
N TYR H 107 24.26 43.15 -18.71
CA TYR H 107 24.71 41.76 -18.80
C TYR H 107 23.55 40.85 -18.36
N PHE H 108 23.38 39.71 -19.03
CA PHE H 108 22.24 38.84 -18.75
C PHE H 108 22.57 37.34 -18.83
N GLY H 109 23.86 37.00 -18.71
CA GLY H 109 24.33 35.62 -18.68
C GLY H 109 24.30 34.90 -20.02
N MET H 110 24.79 33.66 -20.02
CA MET H 110 24.57 32.77 -21.15
C MET H 110 23.07 32.51 -21.26
N ASP H 111 22.42 33.31 -22.11
CA ASP H 111 20.97 33.31 -22.27
C ASP H 111 20.42 32.10 -23.02
N VAL H 112 21.07 31.77 -24.14
CA VAL H 112 20.66 30.69 -25.01
C VAL H 112 21.81 29.72 -25.27
N TRP H 113 21.54 28.42 -25.19
CA TRP H 113 22.53 27.41 -25.56
C TRP H 113 22.01 26.51 -26.68
N GLY H 114 22.93 25.85 -27.38
CA GLY H 114 22.54 24.89 -28.39
C GLY H 114 22.41 23.53 -27.75
N GLN H 115 21.85 22.57 -28.48
CA GLN H 115 21.64 21.23 -27.92
C GLN H 115 22.96 20.51 -27.65
N GLY H 116 24.03 20.95 -28.32
CA GLY H 116 25.33 20.37 -28.13
C GLY H 116 25.65 19.29 -29.13
N THR H 117 26.75 19.46 -29.87
CA THR H 117 27.12 18.45 -30.85
C THR H 117 28.44 17.78 -30.45
N ALA H 118 28.54 16.49 -30.74
CA ALA H 118 29.65 15.67 -30.24
C ALA H 118 30.77 15.51 -31.24
N VAL H 119 31.99 15.64 -30.74
CA VAL H 119 33.19 15.48 -31.55
C VAL H 119 34.05 14.36 -30.97
N ALA H 120 34.48 13.43 -31.82
CA ALA H 120 35.30 12.32 -31.36
C ALA H 120 36.57 12.17 -32.18
N VAL H 121 37.72 12.51 -31.58
CA VAL H 121 39.00 12.38 -32.24
C VAL H 121 39.57 10.98 -32.06
N SER H 122 39.81 10.28 -33.17
CA SER H 122 40.18 8.87 -33.07
C SER H 122 40.81 8.28 -34.30
N SER H 123 41.75 7.37 -34.08
CA SER H 123 42.39 6.65 -35.18
C SER H 123 41.40 5.73 -35.88
N ALA H 124 40.47 5.17 -35.13
CA ALA H 124 39.67 4.06 -35.62
C ALA H 124 38.55 4.50 -36.54
N SER H 125 38.17 3.59 -37.44
CA SER H 125 37.07 3.84 -38.36
C SER H 125 35.74 3.66 -37.67
N THR H 126 34.68 4.21 -38.24
CA THR H 126 33.35 4.10 -37.66
C THR H 126 32.85 2.69 -37.77
N LYS H 127 31.92 2.36 -36.89
CA LYS H 127 31.15 1.14 -37.03
C LYS H 127 29.72 1.41 -36.57
N GLY H 128 28.74 1.10 -37.43
CA GLY H 128 27.33 1.24 -37.08
C GLY H 128 26.83 0.05 -36.28
N PRO H 129 25.77 0.26 -35.51
CA PRO H 129 25.36 -0.78 -34.57
C PRO H 129 24.45 -1.84 -35.16
N SER H 130 24.49 -3.07 -34.62
CA SER H 130 23.40 -4.01 -34.80
C SER H 130 22.27 -3.68 -33.83
N VAL H 131 21.03 -3.70 -34.29
CA VAL H 131 19.92 -3.55 -33.37
C VAL H 131 19.18 -4.87 -33.27
N PHE H 132 18.90 -5.30 -32.05
CA PHE H 132 18.17 -6.53 -31.85
C PHE H 132 16.97 -6.28 -30.94
N PRO H 133 15.88 -7.01 -31.15
CA PRO H 133 14.71 -6.79 -30.31
C PRO H 133 14.82 -7.44 -28.92
N LEU H 134 14.42 -6.69 -27.90
CA LEU H 134 14.18 -7.24 -26.57
C LEU H 134 12.67 -7.52 -26.44
N ALA H 135 12.30 -8.80 -26.31
CA ALA H 135 10.90 -9.21 -26.48
C ALA H 135 10.18 -9.62 -25.17
N PRO H 136 8.95 -9.10 -24.96
CA PRO H 136 8.16 -9.26 -23.74
C PRO H 136 7.57 -10.64 -23.53
N GLY H 144 1.45 -6.46 -13.54
CA GLY H 144 0.36 -6.54 -14.50
C GLY H 144 0.74 -5.98 -15.86
N THR H 145 1.71 -5.08 -15.87
CA THR H 145 2.29 -4.51 -17.09
C THR H 145 3.57 -5.25 -17.51
N ALA H 146 4.01 -5.01 -18.74
CA ALA H 146 5.16 -5.73 -19.29
C ALA H 146 6.18 -4.79 -19.90
N ALA H 147 7.38 -5.33 -20.13
CA ALA H 147 8.48 -4.53 -20.63
C ALA H 147 9.07 -5.10 -21.92
N LEU H 148 9.39 -4.21 -22.85
CA LEU H 148 10.11 -4.57 -24.05
C LEU H 148 11.17 -3.53 -24.38
N GLY H 149 12.08 -3.87 -25.28
CA GLY H 149 13.15 -2.96 -25.65
C GLY H 149 14.00 -3.29 -26.88
N CYS H 150 15.07 -2.52 -27.04
CA CYS H 150 16.03 -2.69 -28.12
C CYS H 150 17.43 -2.88 -27.58
N LEU H 151 18.19 -3.76 -28.21
CA LEU H 151 19.59 -3.92 -27.87
C LEU H 151 20.46 -3.32 -28.97
N VAL H 152 21.28 -2.33 -28.63
CA VAL H 152 22.05 -1.64 -29.64
C VAL H 152 23.52 -2.00 -29.47
N LYS H 153 23.94 -3.08 -30.14
CA LYS H 153 25.26 -3.67 -29.92
C LYS H 153 26.35 -3.21 -30.91
N ASP H 154 27.59 -3.12 -30.41
CA ASP H 154 28.82 -2.99 -31.22
C ASP H 154 28.92 -1.80 -32.15
N TYR H 155 29.03 -0.60 -31.61
CA TYR H 155 29.22 0.57 -32.45
C TYR H 155 30.37 1.47 -31.96
N PHE H 156 30.70 2.48 -32.75
CA PHE H 156 31.75 3.44 -32.41
C PHE H 156 31.80 4.54 -33.45
N PRO H 157 31.90 5.78 -33.00
CA PRO H 157 31.94 6.20 -31.61
C PRO H 157 30.58 6.58 -31.04
N GLU H 158 30.56 6.96 -29.76
CA GLU H 158 29.40 7.65 -29.18
C GLU H 158 29.27 9.01 -29.85
N PRO H 159 28.05 9.54 -29.93
CA PRO H 159 26.79 9.02 -29.38
C PRO H 159 25.93 8.26 -30.39
N VAL H 160 24.92 7.58 -29.85
CA VAL H 160 23.87 7.00 -30.66
C VAL H 160 22.54 7.49 -30.06
N THR H 161 21.55 7.81 -30.90
CA THR H 161 20.29 8.34 -30.37
C THR H 161 19.12 7.38 -30.60
N VAL H 162 18.44 7.04 -29.51
CA VAL H 162 17.32 6.10 -29.57
C VAL H 162 16.02 6.78 -29.17
N SER H 163 14.94 6.42 -29.87
CA SER H 163 13.60 6.86 -29.49
C SER H 163 12.60 5.79 -29.90
N TRP H 164 11.37 5.93 -29.43
CA TRP H 164 10.35 4.95 -29.74
C TRP H 164 9.19 5.61 -30.45
N ASN H 165 8.71 4.95 -31.51
CA ASN H 165 7.62 5.46 -32.33
C ASN H 165 7.86 6.92 -32.70
N SER H 166 9.07 7.19 -33.17
CA SER H 166 9.45 8.47 -33.74
C SER H 166 9.26 9.65 -32.80
N GLY H 167 9.39 9.40 -31.49
CA GLY H 167 9.27 10.45 -30.49
C GLY H 167 7.93 10.46 -29.76
N ALA H 168 6.99 9.65 -30.25
CA ALA H 168 5.65 9.56 -29.70
C ALA H 168 5.67 9.08 -28.26
N LEU H 169 6.20 7.87 -28.09
CA LEU H 169 6.24 7.21 -26.80
C LEU H 169 7.42 7.73 -25.97
N THR H 170 7.12 8.52 -24.94
CA THR H 170 8.20 9.02 -24.08
C THR H 170 8.10 8.41 -22.67
N SER H 171 7.07 8.76 -21.91
CA SER H 171 6.98 8.28 -20.53
C SER H 171 7.08 6.76 -20.47
N SER H 172 7.76 6.28 -19.44
CA SER H 172 8.07 4.85 -19.15
C SER H 172 9.29 4.32 -19.92
N VAL H 173 10.02 5.24 -20.57
CA VAL H 173 11.17 4.89 -21.39
C VAL H 173 12.50 5.17 -20.69
N HIS H 174 13.46 4.29 -20.96
CA HIS H 174 14.73 4.33 -20.27
C HIS H 174 15.86 3.96 -21.23
N THR H 175 16.55 4.95 -21.76
CA THR H 175 17.71 4.63 -22.57
C THR H 175 18.98 4.67 -21.74
N PHE H 176 19.60 3.51 -21.55
CA PHE H 176 20.76 3.43 -20.70
C PHE H 176 22.02 4.04 -21.32
N PRO H 177 22.91 4.54 -20.47
CA PRO H 177 24.28 4.87 -20.83
C PRO H 177 24.96 3.74 -21.56
N ALA H 178 25.80 4.05 -22.54
CA ALA H 178 26.47 2.99 -23.27
C ALA H 178 27.53 2.33 -22.40
N VAL H 179 27.82 1.06 -22.64
CA VAL H 179 28.87 0.37 -21.90
C VAL H 179 30.02 0.01 -22.83
N LEU H 180 31.25 0.16 -22.35
CA LEU H 180 32.40 -0.21 -23.16
C LEU H 180 32.66 -1.71 -23.11
N GLN H 181 32.60 -2.33 -24.28
CA GLN H 181 32.86 -3.75 -24.42
C GLN H 181 34.35 -4.05 -24.61
N SER H 182 34.72 -5.27 -24.29
CA SER H 182 36.08 -5.75 -24.46
C SER H 182 36.60 -5.54 -25.88
N SER H 183 35.69 -5.41 -26.83
CA SER H 183 36.03 -5.30 -28.23
C SER H 183 36.39 -3.89 -28.63
N GLY H 184 36.38 -2.97 -27.67
CA GLY H 184 36.64 -1.58 -27.99
C GLY H 184 35.39 -0.85 -28.45
N LEU H 185 34.34 -1.61 -28.73
CA LEU H 185 33.08 -1.06 -29.24
C LEU H 185 32.02 -0.80 -28.15
N TYR H 186 31.29 0.29 -28.27
CA TYR H 186 30.22 0.60 -27.34
C TYR H 186 29.00 -0.26 -27.59
N SER H 187 28.11 -0.29 -26.60
CA SER H 187 26.87 -1.07 -26.67
C SER H 187 25.89 -0.60 -25.61
N LEU H 188 24.62 -0.39 -26.01
CA LEU H 188 23.56 -0.02 -25.08
C LEU H 188 22.23 -0.69 -25.31
N SER H 189 21.33 -0.46 -24.37
CA SER H 189 19.96 -0.97 -24.46
C SER H 189 18.99 0.15 -24.10
N SER H 190 17.81 0.09 -24.69
CA SER H 190 16.74 1.05 -24.39
C SER H 190 15.48 0.26 -24.10
N VAL H 191 14.72 0.67 -23.09
CA VAL H 191 13.55 -0.13 -22.69
C VAL H 191 12.32 0.71 -22.43
N VAL H 192 11.16 0.11 -22.68
CA VAL H 192 9.88 0.68 -22.28
C VAL H 192 9.01 -0.34 -21.56
N THR H 193 8.30 0.15 -20.55
CA THR H 193 7.27 -0.61 -19.85
C THR H 193 5.91 -0.12 -20.31
N VAL H 194 5.08 -1.06 -20.73
CA VAL H 194 3.74 -0.74 -21.21
C VAL H 194 2.77 -1.78 -20.64
N PRO H 195 1.45 -1.49 -20.68
CA PRO H 195 0.45 -2.46 -20.21
C PRO H 195 0.40 -3.73 -21.06
N SER H 196 0.29 -4.89 -20.42
CA SER H 196 0.29 -6.18 -21.13
C SER H 196 -0.85 -6.27 -22.15
N SER H 197 -1.83 -5.39 -21.99
CA SER H 197 -3.02 -5.37 -22.83
C SER H 197 -2.75 -4.73 -24.17
N SER H 198 -2.05 -3.60 -24.17
CA SER H 198 -1.70 -2.92 -25.42
C SER H 198 -0.56 -3.65 -26.15
N LEU H 199 -0.18 -4.82 -25.62
CA LEU H 199 0.82 -5.67 -26.25
C LEU H 199 0.32 -6.22 -27.58
N GLY H 200 -0.88 -6.81 -27.57
CA GLY H 200 -1.43 -7.40 -28.77
C GLY H 200 -1.99 -6.42 -29.78
N THR H 201 -1.86 -5.12 -29.51
CA THR H 201 -2.56 -4.10 -30.30
C THR H 201 -1.82 -2.82 -30.59
N GLN H 202 -0.58 -2.70 -30.16
CA GLN H 202 0.16 -1.46 -30.36
C GLN H 202 1.53 -1.70 -31.00
N THR H 203 1.83 -0.95 -32.05
CA THR H 203 3.12 -1.05 -32.74
C THR H 203 4.23 -0.36 -31.94
N TYR H 204 5.19 -1.17 -31.48
CA TYR H 204 6.32 -0.65 -30.76
C TYR H 204 7.59 -0.78 -31.60
N ILE H 205 8.00 0.34 -32.20
CA ILE H 205 9.23 0.38 -32.98
C ILE H 205 10.22 1.37 -32.34
N CYS H 206 11.48 0.97 -32.24
CA CYS H 206 12.51 1.88 -31.70
C CYS H 206 13.36 2.38 -32.85
N ASN H 207 13.65 3.66 -32.83
CA ASN H 207 14.43 4.25 -33.90
C ASN H 207 15.85 4.56 -33.44
N VAL H 208 16.78 3.75 -33.90
CA VAL H 208 18.19 3.92 -33.58
C VAL H 208 18.86 4.75 -34.68
N ASN H 209 19.55 5.82 -34.32
CA ASN H 209 20.24 6.61 -35.33
C ASN H 209 21.69 6.95 -34.93
N HIS H 210 22.64 6.35 -35.66
CA HIS H 210 24.08 6.54 -35.39
C HIS H 210 24.70 7.47 -36.41
N LYS H 211 24.82 8.73 -36.05
CA LYS H 211 25.26 9.76 -36.99
C LYS H 211 26.52 9.40 -37.80
N PRO H 212 27.67 9.13 -37.13
CA PRO H 212 28.92 9.08 -37.91
C PRO H 212 29.10 7.81 -38.77
N SER H 213 28.20 6.84 -38.66
CA SER H 213 28.29 5.67 -39.52
C SER H 213 27.18 5.68 -40.57
N ASN H 214 26.43 6.79 -40.61
CA ASN H 214 25.31 6.97 -41.53
C ASN H 214 24.30 5.83 -41.47
N THR H 215 24.24 5.12 -40.35
CA THR H 215 23.25 4.06 -40.22
C THR H 215 22.05 4.57 -39.42
N LYS H 216 20.89 3.98 -39.70
CA LYS H 216 19.62 4.45 -39.20
C LYS H 216 18.66 3.26 -39.26
N VAL H 217 18.20 2.80 -38.11
CA VAL H 217 17.40 1.59 -38.05
C VAL H 217 16.09 1.78 -37.28
N ASP H 218 15.02 1.21 -37.80
CA ASP H 218 13.74 1.18 -37.09
C ASP H 218 13.34 -0.28 -36.94
N LYS H 219 13.33 -0.75 -35.69
CA LYS H 219 13.12 -2.16 -35.41
C LYS H 219 11.79 -2.38 -34.69
N LYS H 220 11.06 -3.39 -35.13
CA LYS H 220 9.79 -3.75 -34.56
C LYS H 220 10.00 -4.79 -33.45
N ALA H 221 9.87 -4.36 -32.20
CA ALA H 221 9.92 -5.29 -31.09
C ALA H 221 8.52 -5.86 -30.90
N GLU H 222 8.41 -7.18 -30.85
CA GLU H 222 7.11 -7.86 -30.72
C GLU H 222 7.23 -9.14 -29.89
N PRO H 223 6.09 -9.60 -29.30
CA PRO H 223 6.08 -10.83 -28.48
C PRO H 223 6.49 -12.08 -29.23
N ILE I 1 38.38 48.16 -28.48
CA ILE I 1 37.80 48.33 -27.15
C ILE I 1 37.76 46.96 -26.40
N HIS I 2 37.82 45.86 -27.14
CA HIS I 2 37.89 44.50 -26.58
C HIS I 2 39.32 43.94 -26.55
N ILE I 3 40.01 44.07 -25.42
CA ILE I 3 41.40 43.64 -25.33
C ILE I 3 41.49 42.12 -25.06
N GLY I 4 40.43 41.57 -24.45
CA GLY I 4 40.38 40.14 -24.19
C GLY I 4 38.99 39.59 -23.85
N PRO I 5 38.92 38.27 -23.57
CA PRO I 5 37.66 37.62 -23.20
C PRO I 5 37.19 38.02 -21.81
N GLY I 6 36.00 38.58 -21.70
CA GLY I 6 35.44 38.92 -20.41
C GLY I 6 35.10 40.38 -20.26
N ARG I 7 34.25 40.69 -19.29
CA ARG I 7 33.84 42.06 -18.98
C ARG I 7 35.02 42.93 -18.59
N ALA I 8 35.98 42.32 -17.89
CA ALA I 8 37.13 43.03 -17.32
C ALA I 8 38.10 43.58 -18.38
N PHE I 9 37.94 43.16 -19.63
CA PHE I 9 38.82 43.63 -20.70
C PHE I 9 38.05 44.45 -21.75
N TYR I 10 37.23 45.38 -21.29
CA TYR I 10 36.51 46.27 -22.19
C TYR I 10 36.78 47.73 -21.84
N THR I 11 37.26 48.49 -22.81
CA THR I 11 37.63 49.89 -22.61
C THR I 11 36.60 50.85 -23.22
#